data_7DNP
# 
_entry.id   7DNP 
# 
_audit_conform.dict_name       mmcif_pdbx.dic 
_audit_conform.dict_version    5.392 
_audit_conform.dict_location   http://mmcif.pdb.org/dictionaries/ascii/mmcif_pdbx.dic 
# 
loop_
_database_2.database_id 
_database_2.database_code 
_database_2.pdbx_database_accession 
_database_2.pdbx_DOI 
PDB   7DNP         pdb_00007dnp 10.2210/pdb7dnp/pdb 
WWPDB D_1300019780 ?            ?                   
# 
loop_
_pdbx_audit_revision_history.ordinal 
_pdbx_audit_revision_history.data_content_type 
_pdbx_audit_revision_history.major_revision 
_pdbx_audit_revision_history.minor_revision 
_pdbx_audit_revision_history.revision_date 
1 'Structure model' 1 0 2021-06-23 
2 'Structure model' 1 1 2021-08-11 
3 'Structure model' 1 2 2021-10-13 
4 'Structure model' 1 3 2024-05-29 
# 
_pdbx_audit_revision_details.ordinal             1 
_pdbx_audit_revision_details.revision_ordinal    1 
_pdbx_audit_revision_details.data_content_type   'Structure model' 
_pdbx_audit_revision_details.provider            repository 
_pdbx_audit_revision_details.type                'Initial release' 
_pdbx_audit_revision_details.description         ? 
_pdbx_audit_revision_details.details             ? 
# 
loop_
_pdbx_audit_revision_group.ordinal 
_pdbx_audit_revision_group.revision_ordinal 
_pdbx_audit_revision_group.data_content_type 
_pdbx_audit_revision_group.group 
1 2 'Structure model' 'Database references' 
2 3 'Structure model' 'Database references' 
3 4 'Structure model' 'Data collection'     
# 
loop_
_pdbx_audit_revision_category.ordinal 
_pdbx_audit_revision_category.revision_ordinal 
_pdbx_audit_revision_category.data_content_type 
_pdbx_audit_revision_category.category 
1 2 'Structure model' citation        
2 2 'Structure model' database_2      
3 3 'Structure model' citation_author 
4 4 'Structure model' chem_comp_atom  
5 4 'Structure model' chem_comp_bond  
# 
loop_
_pdbx_audit_revision_item.ordinal 
_pdbx_audit_revision_item.revision_ordinal 
_pdbx_audit_revision_item.data_content_type 
_pdbx_audit_revision_item.item 
1 2 'Structure model' '_citation.journal_volume'            
2 2 'Structure model' '_citation.page_first'                
3 2 'Structure model' '_citation.page_last'                 
4 2 'Structure model' '_database_2.pdbx_DOI'                
5 2 'Structure model' '_database_2.pdbx_database_accession' 
6 3 'Structure model' '_citation_author.identifier_ORCID'   
# 
_pdbx_database_status.status_code                     REL 
_pdbx_database_status.status_code_sf                  REL 
_pdbx_database_status.status_code_mr                  ? 
_pdbx_database_status.entry_id                        7DNP 
_pdbx_database_status.recvd_initial_deposition_date   2020-12-10 
_pdbx_database_status.SG_entry                        N 
_pdbx_database_status.deposit_site                    PDBJ 
_pdbx_database_status.process_site                    PDBJ 
_pdbx_database_status.status_code_cs                  ? 
_pdbx_database_status.status_code_nmr_data            ? 
_pdbx_database_status.methods_development_category    ? 
_pdbx_database_status.pdb_format_compatible           Y 
# 
loop_
_audit_author.name 
_audit_author.pdbx_ordinal 
_audit_author.identifier_ORCID 
'Hyun, Y.'  1 ? 
'Ha, N.-C.' 2 ? 
# 
_citation.abstract                  ? 
_citation.abstract_id_CAS           ? 
_citation.book_id_ISBN              ? 
_citation.book_publisher            ? 
_citation.book_publisher_city       ? 
_citation.book_title                ? 
_citation.coordinate_linkage        ? 
_citation.country                   KO 
_citation.database_id_Medline       ? 
_citation.details                   ? 
_citation.id                        primary 
_citation.journal_abbrev            Mol.Cells 
_citation.journal_id_ASTM           MOCEEK 
_citation.journal_id_CSD            2166 
_citation.journal_id_ISSN           1016-8478 
_citation.journal_full              ? 
_citation.journal_issue             ? 
_citation.journal_volume            44 
_citation.language                  ? 
_citation.page_first                517 
_citation.page_last                 528 
_citation.title                     
'Structure and Function of the Autolysin SagA in the Type IV Secretion System of Brucella abortus .' 
_citation.year                      2021 
_citation.database_id_CSD           ? 
_citation.pdbx_database_id_DOI      10.14348/molcells.2021.0011 
_citation.pdbx_database_id_PubMed   34112742 
_citation.unpublished_flag          ? 
# 
loop_
_citation_author.citation_id 
_citation_author.name 
_citation_author.ordinal 
_citation_author.identifier_ORCID 
primary 'Hyun, Y.' 1 ? 
primary 'Baek, Y.' 2 ? 
primary 'Lee, C.'  3 ? 
primary 'Ki, N.'   4 ? 
primary 'Ahn, J.'  5 ? 
primary 'Ryu, S.'  6 ? 
primary 'Ha, N.C.' 7 ? 
# 
loop_
_entity.id 
_entity.type 
_entity.src_method 
_entity.pdbx_description 
_entity.formula_weight 
_entity.pdbx_number_of_molecules 
_entity.pdbx_ec 
_entity.pdbx_mutation 
_entity.pdbx_fragment 
_entity.details 
1 polymer     man 'Secretion activator protein, hypothetical' 19780.594 1  ? ? ? ? 
2 non-polymer syn 
;(2R)-2-[[(2S)-2-[[(2R)-2-[(2R,3S,4R,5R,6S)-5-acetamido-3-[(2S,3R,4R,5S,6R)-3-acetamido-6-(hydroxymethyl)-4,5-bis(oxidanyl)oxan-2-yl]oxy-2-(hydroxymethyl)-6-oxidanyl-oxan-4-yl]oxypropanoyl]amino]propanoyl]amino]pentanedioic acid
;
696.655   1  ? ? ? ? 
3 water       nat water 18.015    70 ? ? ? ? 
# 
_entity_poly.entity_id                      1 
_entity_poly.type                           'polypeptide(L)' 
_entity_poly.nstd_linkage                   no 
_entity_poly.nstd_monomer                   no 
_entity_poly.pdbx_seq_one_letter_code       
;MAKGTFAKAMPHVFSDEGGYVDHPKDPGGATNMGITLATLSAWEGRKVSKAEVKALTKTKATDIYRENYWNKVAGDDLPA
GVDHATLDFAIHSGPARAVKMLQKVVGVDQDGVIGAKTLAAVRKMAADRIINELCDARLAWLKGLGTFSTFGKGWTSRVS
RVRSRALAFSRDSALEHHHHHH
;
_entity_poly.pdbx_seq_one_letter_code_can   
;MAKGTFAKAMPHVFSDEGGYVDHPKDPGGATNMGITLATLSAWEGRKVSKAEVKALTKTKATDIYRENYWNKVAGDDLPA
GVDHATLDFAIHSGPARAVKMLQKVVGVDQDGVIGAKTLAAVRKMAADRIINELCDARLAWLKGLGTFSTFGKGWTSRVS
RVRSRALAFSRDSALEHHHHHH
;
_entity_poly.pdbx_strand_id                 A 
_entity_poly.pdbx_target_identifier         ? 
# 
loop_
_pdbx_entity_nonpoly.entity_id 
_pdbx_entity_nonpoly.name 
_pdbx_entity_nonpoly.comp_id 
2 
;(2R)-2-[[(2S)-2-[[(2R)-2-[(2R,3S,4R,5R,6S)-5-acetamido-3-[(2S,3R,4R,5S,6R)-3-acetamido-6-(hydroxymethyl)-4,5-bis(oxidanyl)oxan-2-yl]oxy-2-(hydroxymethyl)-6-oxidanyl-oxan-4-yl]oxypropanoyl]amino]propanoyl]amino]pentanedioic acid
;
H9U 
3 water HOH 
# 
loop_
_entity_poly_seq.entity_id 
_entity_poly_seq.num 
_entity_poly_seq.mon_id 
_entity_poly_seq.hetero 
1 1   MET n 
1 2   ALA n 
1 3   LYS n 
1 4   GLY n 
1 5   THR n 
1 6   PHE n 
1 7   ALA n 
1 8   LYS n 
1 9   ALA n 
1 10  MET n 
1 11  PRO n 
1 12  HIS n 
1 13  VAL n 
1 14  PHE n 
1 15  SER n 
1 16  ASP n 
1 17  GLU n 
1 18  GLY n 
1 19  GLY n 
1 20  TYR n 
1 21  VAL n 
1 22  ASP n 
1 23  HIS n 
1 24  PRO n 
1 25  LYS n 
1 26  ASP n 
1 27  PRO n 
1 28  GLY n 
1 29  GLY n 
1 30  ALA n 
1 31  THR n 
1 32  ASN n 
1 33  MET n 
1 34  GLY n 
1 35  ILE n 
1 36  THR n 
1 37  LEU n 
1 38  ALA n 
1 39  THR n 
1 40  LEU n 
1 41  SER n 
1 42  ALA n 
1 43  TRP n 
1 44  GLU n 
1 45  GLY n 
1 46  ARG n 
1 47  LYS n 
1 48  VAL n 
1 49  SER n 
1 50  LYS n 
1 51  ALA n 
1 52  GLU n 
1 53  VAL n 
1 54  LYS n 
1 55  ALA n 
1 56  LEU n 
1 57  THR n 
1 58  LYS n 
1 59  THR n 
1 60  LYS n 
1 61  ALA n 
1 62  THR n 
1 63  ASP n 
1 64  ILE n 
1 65  TYR n 
1 66  ARG n 
1 67  GLU n 
1 68  ASN n 
1 69  TYR n 
1 70  TRP n 
1 71  ASN n 
1 72  LYS n 
1 73  VAL n 
1 74  ALA n 
1 75  GLY n 
1 76  ASP n 
1 77  ASP n 
1 78  LEU n 
1 79  PRO n 
1 80  ALA n 
1 81  GLY n 
1 82  VAL n 
1 83  ASP n 
1 84  HIS n 
1 85  ALA n 
1 86  THR n 
1 87  LEU n 
1 88  ASP n 
1 89  PHE n 
1 90  ALA n 
1 91  ILE n 
1 92  HIS n 
1 93  SER n 
1 94  GLY n 
1 95  PRO n 
1 96  ALA n 
1 97  ARG n 
1 98  ALA n 
1 99  VAL n 
1 100 LYS n 
1 101 MET n 
1 102 LEU n 
1 103 GLN n 
1 104 LYS n 
1 105 VAL n 
1 106 VAL n 
1 107 GLY n 
1 108 VAL n 
1 109 ASP n 
1 110 GLN n 
1 111 ASP n 
1 112 GLY n 
1 113 VAL n 
1 114 ILE n 
1 115 GLY n 
1 116 ALA n 
1 117 LYS n 
1 118 THR n 
1 119 LEU n 
1 120 ALA n 
1 121 ALA n 
1 122 VAL n 
1 123 ARG n 
1 124 LYS n 
1 125 MET n 
1 126 ALA n 
1 127 ALA n 
1 128 ASP n 
1 129 ARG n 
1 130 ILE n 
1 131 ILE n 
1 132 ASN n 
1 133 GLU n 
1 134 LEU n 
1 135 CYS n 
1 136 ASP n 
1 137 ALA n 
1 138 ARG n 
1 139 LEU n 
1 140 ALA n 
1 141 TRP n 
1 142 LEU n 
1 143 LYS n 
1 144 GLY n 
1 145 LEU n 
1 146 GLY n 
1 147 THR n 
1 148 PHE n 
1 149 SER n 
1 150 THR n 
1 151 PHE n 
1 152 GLY n 
1 153 LYS n 
1 154 GLY n 
1 155 TRP n 
1 156 THR n 
1 157 SER n 
1 158 ARG n 
1 159 VAL n 
1 160 SER n 
1 161 ARG n 
1 162 VAL n 
1 163 ARG n 
1 164 SER n 
1 165 ARG n 
1 166 ALA n 
1 167 LEU n 
1 168 ALA n 
1 169 PHE n 
1 170 SER n 
1 171 ARG n 
1 172 ASP n 
1 173 SER n 
1 174 ALA n 
1 175 LEU n 
1 176 GLU n 
1 177 HIS n 
1 178 HIS n 
1 179 HIS n 
1 180 HIS n 
1 181 HIS n 
1 182 HIS n 
# 
_entity_src_gen.entity_id                          1 
_entity_src_gen.pdbx_src_id                        1 
_entity_src_gen.pdbx_alt_source_flag               sample 
_entity_src_gen.pdbx_seq_type                      'Biological sequence' 
_entity_src_gen.pdbx_beg_seq_num                   1 
_entity_src_gen.pdbx_end_seq_num                   182 
_entity_src_gen.gene_src_common_name               ? 
_entity_src_gen.gene_src_genus                     ? 
_entity_src_gen.pdbx_gene_src_gene                 BruAb1_0990 
_entity_src_gen.gene_src_species                   ? 
_entity_src_gen.gene_src_strain                    9-941 
_entity_src_gen.gene_src_tissue                    ? 
_entity_src_gen.gene_src_tissue_fraction           ? 
_entity_src_gen.gene_src_details                   ? 
_entity_src_gen.pdbx_gene_src_fragment             ? 
_entity_src_gen.pdbx_gene_src_scientific_name      'Brucella abortus bv. 1 str. 9-941' 
_entity_src_gen.pdbx_gene_src_ncbi_taxonomy_id     262698 
_entity_src_gen.pdbx_gene_src_variant              ? 
_entity_src_gen.pdbx_gene_src_cell_line            ? 
_entity_src_gen.pdbx_gene_src_atcc                 ? 
_entity_src_gen.pdbx_gene_src_organ                ? 
_entity_src_gen.pdbx_gene_src_organelle            ? 
_entity_src_gen.pdbx_gene_src_cell                 ? 
_entity_src_gen.pdbx_gene_src_cellular_location    ? 
_entity_src_gen.host_org_common_name               ? 
_entity_src_gen.pdbx_host_org_scientific_name      'Escherichia coli BL21(DE3)' 
_entity_src_gen.pdbx_host_org_ncbi_taxonomy_id     469008 
_entity_src_gen.host_org_genus                     ? 
_entity_src_gen.pdbx_host_org_gene                 ? 
_entity_src_gen.pdbx_host_org_organ                ? 
_entity_src_gen.host_org_species                   ? 
_entity_src_gen.pdbx_host_org_tissue               ? 
_entity_src_gen.pdbx_host_org_tissue_fraction      ? 
_entity_src_gen.pdbx_host_org_strain               'BL21(DE3)' 
_entity_src_gen.pdbx_host_org_variant              ? 
_entity_src_gen.pdbx_host_org_cell_line            ? 
_entity_src_gen.pdbx_host_org_atcc                 ? 
_entity_src_gen.pdbx_host_org_culture_collection   ? 
_entity_src_gen.pdbx_host_org_cell                 ? 
_entity_src_gen.pdbx_host_org_organelle            ? 
_entity_src_gen.pdbx_host_org_cellular_location    ? 
_entity_src_gen.pdbx_host_org_vector_type          ? 
_entity_src_gen.pdbx_host_org_vector               ? 
_entity_src_gen.host_org_details                   ? 
_entity_src_gen.expression_system_id               ? 
_entity_src_gen.plasmid_name                       ? 
_entity_src_gen.plasmid_details                    ? 
_entity_src_gen.pdbx_description                   ? 
# 
loop_
_chem_comp.id 
_chem_comp.type 
_chem_comp.mon_nstd_flag 
_chem_comp.name 
_chem_comp.pdbx_synonyms 
_chem_comp.formula 
_chem_comp.formula_weight 
ALA 'L-peptide linking' y ALANINE ? 'C3 H7 N O2'     89.093  
ARG 'L-peptide linking' y ARGININE ? 'C6 H15 N4 O2 1' 175.209 
ASN 'L-peptide linking' y ASPARAGINE ? 'C4 H8 N2 O3'    132.118 
ASP 'L-peptide linking' y 'ASPARTIC ACID' ? 'C4 H7 N O4'     133.103 
CYS 'L-peptide linking' y CYSTEINE ? 'C3 H7 N O2 S'   121.158 
GLN 'L-peptide linking' y GLUTAMINE ? 'C5 H10 N2 O3'   146.144 
GLU 'L-peptide linking' y 'GLUTAMIC ACID' ? 'C5 H9 N O4'     147.129 
GLY 'peptide linking'   y GLYCINE ? 'C2 H5 N O2'     75.067  
H9U non-polymer         . 
;(2R)-2-[[(2S)-2-[[(2R)-2-[(2R,3S,4R,5R,6S)-5-acetamido-3-[(2S,3R,4R,5S,6R)-3-acetamido-6-(hydroxymethyl)-4,5-bis(oxidanyl)oxan-2-yl]oxy-2-(hydroxymethyl)-6-oxidanyl-oxan-4-yl]oxypropanoyl]amino]propanoyl]amino]pentanedioic acid
;
? 'C27 H44 N4 O17' 696.655 
HIS 'L-peptide linking' y HISTIDINE ? 'C6 H10 N3 O2 1' 156.162 
HOH non-polymer         . WATER ? 'H2 O'           18.015  
ILE 'L-peptide linking' y ISOLEUCINE ? 'C6 H13 N O2'    131.173 
LEU 'L-peptide linking' y LEUCINE ? 'C6 H13 N O2'    131.173 
LYS 'L-peptide linking' y LYSINE ? 'C6 H15 N2 O2 1' 147.195 
MET 'L-peptide linking' y METHIONINE ? 'C5 H11 N O2 S'  149.211 
PHE 'L-peptide linking' y PHENYLALANINE ? 'C9 H11 N O2'    165.189 
PRO 'L-peptide linking' y PROLINE ? 'C5 H9 N O2'     115.130 
SER 'L-peptide linking' y SERINE ? 'C3 H7 N O3'     105.093 
THR 'L-peptide linking' y THREONINE ? 'C4 H9 N O3'     119.119 
TRP 'L-peptide linking' y TRYPTOPHAN ? 'C11 H12 N2 O2'  204.225 
TYR 'L-peptide linking' y TYROSINE ? 'C9 H11 N O3'    181.189 
VAL 'L-peptide linking' y VALINE ? 'C5 H11 N O2'    117.146 
# 
loop_
_pdbx_poly_seq_scheme.asym_id 
_pdbx_poly_seq_scheme.entity_id 
_pdbx_poly_seq_scheme.seq_id 
_pdbx_poly_seq_scheme.mon_id 
_pdbx_poly_seq_scheme.ndb_seq_num 
_pdbx_poly_seq_scheme.pdb_seq_num 
_pdbx_poly_seq_scheme.auth_seq_num 
_pdbx_poly_seq_scheme.pdb_mon_id 
_pdbx_poly_seq_scheme.auth_mon_id 
_pdbx_poly_seq_scheme.pdb_strand_id 
_pdbx_poly_seq_scheme.pdb_ins_code 
_pdbx_poly_seq_scheme.hetero 
A 1 1   MET 1   1   ?   ?   ?   A . n 
A 1 2   ALA 2   2   2   ALA ALA A . n 
A 1 3   LYS 3   3   3   LYS LYS A . n 
A 1 4   GLY 4   4   4   GLY GLY A . n 
A 1 5   THR 5   5   5   THR THR A . n 
A 1 6   PHE 6   6   6   PHE PHE A . n 
A 1 7   ALA 7   7   7   ALA ALA A . n 
A 1 8   LYS 8   8   8   LYS LYS A . n 
A 1 9   ALA 9   9   9   ALA ALA A . n 
A 1 10  MET 10  10  10  MET MET A . n 
A 1 11  PRO 11  11  11  PRO PRO A . n 
A 1 12  HIS 12  12  12  HIS HIS A . n 
A 1 13  VAL 13  13  13  VAL VAL A . n 
A 1 14  PHE 14  14  14  PHE PHE A . n 
A 1 15  SER 15  15  15  SER SER A . n 
A 1 16  ASP 16  16  16  ASP ASP A . n 
A 1 17  GLU 17  17  17  GLU GLU A . n 
A 1 18  GLY 18  18  18  GLY GLY A . n 
A 1 19  GLY 19  19  19  GLY GLY A . n 
A 1 20  TYR 20  20  20  TYR TYR A . n 
A 1 21  VAL 21  21  21  VAL VAL A . n 
A 1 22  ASP 22  22  22  ASP ASP A . n 
A 1 23  HIS 23  23  23  HIS HIS A . n 
A 1 24  PRO 24  24  24  PRO PRO A . n 
A 1 25  LYS 25  25  25  LYS LYS A . n 
A 1 26  ASP 26  26  26  ASP ASP A . n 
A 1 27  PRO 27  27  27  PRO PRO A . n 
A 1 28  GLY 28  28  28  GLY GLY A . n 
A 1 29  GLY 29  29  29  GLY GLY A . n 
A 1 30  ALA 30  30  30  ALA ALA A . n 
A 1 31  THR 31  31  31  THR THR A . n 
A 1 32  ASN 32  32  32  ASN ASN A . n 
A 1 33  MET 33  33  33  MET MET A . n 
A 1 34  GLY 34  34  34  GLY GLY A . n 
A 1 35  ILE 35  35  35  ILE ILE A . n 
A 1 36  THR 36  36  36  THR THR A . n 
A 1 37  LEU 37  37  37  LEU LEU A . n 
A 1 38  ALA 38  38  38  ALA ALA A . n 
A 1 39  THR 39  39  39  THR THR A . n 
A 1 40  LEU 40  40  40  LEU LEU A . n 
A 1 41  SER 41  41  41  SER SER A . n 
A 1 42  ALA 42  42  42  ALA ALA A . n 
A 1 43  TRP 43  43  43  TRP TRP A . n 
A 1 44  GLU 44  44  44  GLU GLU A . n 
A 1 45  GLY 45  45  45  GLY GLY A . n 
A 1 46  ARG 46  46  46  ARG ARG A . n 
A 1 47  LYS 47  47  47  LYS LYS A . n 
A 1 48  VAL 48  48  48  VAL VAL A . n 
A 1 49  SER 49  49  49  SER SER A . n 
A 1 50  LYS 50  50  50  LYS LYS A . n 
A 1 51  ALA 51  51  51  ALA ALA A . n 
A 1 52  GLU 52  52  52  GLU GLU A . n 
A 1 53  VAL 53  53  53  VAL VAL A . n 
A 1 54  LYS 54  54  54  LYS LYS A . n 
A 1 55  ALA 55  55  55  ALA ALA A . n 
A 1 56  LEU 56  56  56  LEU LEU A . n 
A 1 57  THR 57  57  57  THR THR A . n 
A 1 58  LYS 58  58  58  LYS LYS A . n 
A 1 59  THR 59  59  59  THR THR A . n 
A 1 60  LYS 60  60  60  LYS LYS A . n 
A 1 61  ALA 61  61  61  ALA ALA A . n 
A 1 62  THR 62  62  62  THR THR A . n 
A 1 63  ASP 63  63  63  ASP ASP A . n 
A 1 64  ILE 64  64  64  ILE ILE A . n 
A 1 65  TYR 65  65  65  TYR TYR A . n 
A 1 66  ARG 66  66  66  ARG ARG A . n 
A 1 67  GLU 67  67  67  GLU GLU A . n 
A 1 68  ASN 68  68  68  ASN ASN A . n 
A 1 69  TYR 69  69  69  TYR TYR A . n 
A 1 70  TRP 70  70  70  TRP TRP A . n 
A 1 71  ASN 71  71  71  ASN ASN A . n 
A 1 72  LYS 72  72  72  LYS LYS A . n 
A 1 73  VAL 73  73  73  VAL VAL A . n 
A 1 74  ALA 74  74  74  ALA ALA A . n 
A 1 75  GLY 75  75  75  GLY GLY A . n 
A 1 76  ASP 76  76  76  ASP ASP A . n 
A 1 77  ASP 77  77  77  ASP ASP A . n 
A 1 78  LEU 78  78  78  LEU LEU A . n 
A 1 79  PRO 79  79  79  PRO PRO A . n 
A 1 80  ALA 80  80  80  ALA ALA A . n 
A 1 81  GLY 81  81  81  GLY GLY A . n 
A 1 82  VAL 82  82  82  VAL VAL A . n 
A 1 83  ASP 83  83  83  ASP ASP A . n 
A 1 84  HIS 84  84  84  HIS HIS A . n 
A 1 85  ALA 85  85  85  ALA ALA A . n 
A 1 86  THR 86  86  86  THR THR A . n 
A 1 87  LEU 87  87  87  LEU LEU A . n 
A 1 88  ASP 88  88  88  ASP ASP A . n 
A 1 89  PHE 89  89  89  PHE PHE A . n 
A 1 90  ALA 90  90  90  ALA ALA A . n 
A 1 91  ILE 91  91  91  ILE ILE A . n 
A 1 92  HIS 92  92  92  HIS HIS A . n 
A 1 93  SER 93  93  93  SER SER A . n 
A 1 94  GLY 94  94  94  GLY GLY A . n 
A 1 95  PRO 95  95  95  PRO PRO A . n 
A 1 96  ALA 96  96  96  ALA ALA A . n 
A 1 97  ARG 97  97  97  ARG ARG A . n 
A 1 98  ALA 98  98  98  ALA ALA A . n 
A 1 99  VAL 99  99  99  VAL VAL A . n 
A 1 100 LYS 100 100 100 LYS LYS A . n 
A 1 101 MET 101 101 101 MET MET A . n 
A 1 102 LEU 102 102 102 LEU LEU A . n 
A 1 103 GLN 103 103 103 GLN GLN A . n 
A 1 104 LYS 104 104 104 LYS LYS A . n 
A 1 105 VAL 105 105 105 VAL VAL A . n 
A 1 106 VAL 106 106 106 VAL VAL A . n 
A 1 107 GLY 107 107 107 GLY GLY A . n 
A 1 108 VAL 108 108 108 VAL VAL A . n 
A 1 109 ASP 109 109 109 ASP ASP A . n 
A 1 110 GLN 110 110 110 GLN GLN A . n 
A 1 111 ASP 111 111 111 ASP ASP A . n 
A 1 112 GLY 112 112 112 GLY GLY A . n 
A 1 113 VAL 113 113 113 VAL VAL A . n 
A 1 114 ILE 114 114 114 ILE ILE A . n 
A 1 115 GLY 115 115 115 GLY GLY A . n 
A 1 116 ALA 116 116 116 ALA ALA A . n 
A 1 117 LYS 117 117 117 LYS LYS A . n 
A 1 118 THR 118 118 118 THR THR A . n 
A 1 119 LEU 119 119 119 LEU LEU A . n 
A 1 120 ALA 120 120 120 ALA ALA A . n 
A 1 121 ALA 121 121 121 ALA ALA A . n 
A 1 122 VAL 122 122 122 VAL VAL A . n 
A 1 123 ARG 123 123 123 ARG ARG A . n 
A 1 124 LYS 124 124 124 LYS LYS A . n 
A 1 125 MET 125 125 125 MET MET A . n 
A 1 126 ALA 126 126 126 ALA ALA A . n 
A 1 127 ALA 127 127 127 ALA ALA A . n 
A 1 128 ASP 128 128 128 ASP ASP A . n 
A 1 129 ARG 129 129 129 ARG ARG A . n 
A 1 130 ILE 130 130 130 ILE ILE A . n 
A 1 131 ILE 131 131 131 ILE ILE A . n 
A 1 132 ASN 132 132 132 ASN ASN A . n 
A 1 133 GLU 133 133 133 GLU GLU A . n 
A 1 134 LEU 134 134 134 LEU LEU A . n 
A 1 135 CYS 135 135 135 CYS CYS A . n 
A 1 136 ASP 136 136 136 ASP ASP A . n 
A 1 137 ALA 137 137 137 ALA ALA A . n 
A 1 138 ARG 138 138 138 ARG ARG A . n 
A 1 139 LEU 139 139 139 LEU LEU A . n 
A 1 140 ALA 140 140 140 ALA ALA A . n 
A 1 141 TRP 141 141 141 TRP TRP A . n 
A 1 142 LEU 142 142 142 LEU LEU A . n 
A 1 143 LYS 143 143 143 LYS LYS A . n 
A 1 144 GLY 144 144 144 GLY GLY A . n 
A 1 145 LEU 145 145 145 LEU LEU A . n 
A 1 146 GLY 146 146 146 GLY GLY A . n 
A 1 147 THR 147 147 147 THR THR A . n 
A 1 148 PHE 148 148 148 PHE PHE A . n 
A 1 149 SER 149 149 149 SER SER A . n 
A 1 150 THR 150 150 150 THR THR A . n 
A 1 151 PHE 151 151 151 PHE PHE A . n 
A 1 152 GLY 152 152 152 GLY GLY A . n 
A 1 153 LYS 153 153 153 LYS LYS A . n 
A 1 154 GLY 154 154 154 GLY GLY A . n 
A 1 155 TRP 155 155 155 TRP TRP A . n 
A 1 156 THR 156 156 156 THR THR A . n 
A 1 157 SER 157 157 157 SER SER A . n 
A 1 158 ARG 158 158 158 ARG ARG A . n 
A 1 159 VAL 159 159 159 VAL VAL A . n 
A 1 160 SER 160 160 160 SER SER A . n 
A 1 161 ARG 161 161 161 ARG ARG A . n 
A 1 162 VAL 162 162 162 VAL VAL A . n 
A 1 163 ARG 163 163 163 ARG ARG A . n 
A 1 164 SER 164 164 164 SER SER A . n 
A 1 165 ARG 165 165 165 ARG ARG A . n 
A 1 166 ALA 166 166 166 ALA ALA A . n 
A 1 167 LEU 167 167 167 LEU LEU A . n 
A 1 168 ALA 168 168 168 ALA ALA A . n 
A 1 169 PHE 169 169 169 PHE PHE A . n 
A 1 170 SER 170 170 170 SER SER A . n 
A 1 171 ARG 171 171 171 ARG ARG A . n 
A 1 172 ASP 172 172 172 ASP ASP A . n 
A 1 173 SER 173 173 173 SER SER A . n 
A 1 174 ALA 174 174 174 ALA ALA A . n 
A 1 175 LEU 175 175 175 LEU LEU A . n 
A 1 176 GLU 176 176 ?   ?   ?   A . n 
A 1 177 HIS 177 177 ?   ?   ?   A . n 
A 1 178 HIS 178 178 ?   ?   ?   A . n 
A 1 179 HIS 179 179 ?   ?   ?   A . n 
A 1 180 HIS 180 180 ?   ?   ?   A . n 
A 1 181 HIS 181 181 ?   ?   ?   A . n 
A 1 182 HIS 182 182 ?   ?   ?   A . n 
# 
loop_
_pdbx_nonpoly_scheme.asym_id 
_pdbx_nonpoly_scheme.entity_id 
_pdbx_nonpoly_scheme.mon_id 
_pdbx_nonpoly_scheme.ndb_seq_num 
_pdbx_nonpoly_scheme.pdb_seq_num 
_pdbx_nonpoly_scheme.auth_seq_num 
_pdbx_nonpoly_scheme.pdb_mon_id 
_pdbx_nonpoly_scheme.auth_mon_id 
_pdbx_nonpoly_scheme.pdb_strand_id 
_pdbx_nonpoly_scheme.pdb_ins_code 
B 2 H9U 1  201 177 H9U LIG A . 
C 3 HOH 1  301 72  HOH HOH A . 
C 3 HOH 2  302 40  HOH HOH A . 
C 3 HOH 3  303 114 HOH HOH A . 
C 3 HOH 4  304 1   HOH HOH A . 
C 3 HOH 5  305 41  HOH HOH A . 
C 3 HOH 6  306 2   HOH HOH A . 
C 3 HOH 7  307 9   HOH HOH A . 
C 3 HOH 8  308 115 HOH HOH A . 
C 3 HOH 9  309 23  HOH HOH A . 
C 3 HOH 10 310 5   HOH HOH A . 
C 3 HOH 11 311 35  HOH HOH A . 
C 3 HOH 12 312 39  HOH HOH A . 
C 3 HOH 13 313 6   HOH HOH A . 
C 3 HOH 14 314 14  HOH HOH A . 
C 3 HOH 15 315 29  HOH HOH A . 
C 3 HOH 16 316 13  HOH HOH A . 
C 3 HOH 17 317 28  HOH HOH A . 
C 3 HOH 18 318 45  HOH HOH A . 
C 3 HOH 19 319 3   HOH HOH A . 
C 3 HOH 20 320 15  HOH HOH A . 
C 3 HOH 21 321 51  HOH HOH A . 
C 3 HOH 22 322 19  HOH HOH A . 
C 3 HOH 23 323 69  HOH HOH A . 
C 3 HOH 24 324 30  HOH HOH A . 
C 3 HOH 25 325 58  HOH HOH A . 
C 3 HOH 26 326 66  HOH HOH A . 
C 3 HOH 27 327 78  HOH HOH A . 
C 3 HOH 28 328 11  HOH HOH A . 
C 3 HOH 29 329 16  HOH HOH A . 
C 3 HOH 30 330 24  HOH HOH A . 
C 3 HOH 31 331 127 HOH HOH A . 
C 3 HOH 32 332 125 HOH HOH A . 
C 3 HOH 33 333 25  HOH HOH A . 
C 3 HOH 34 334 55  HOH HOH A . 
C 3 HOH 35 335 118 HOH HOH A . 
C 3 HOH 36 336 18  HOH HOH A . 
C 3 HOH 37 337 4   HOH HOH A . 
C 3 HOH 38 338 32  HOH HOH A . 
C 3 HOH 39 339 90  HOH HOH A . 
C 3 HOH 40 340 8   HOH HOH A . 
C 3 HOH 41 341 49  HOH HOH A . 
C 3 HOH 42 342 57  HOH HOH A . 
C 3 HOH 43 343 52  HOH HOH A . 
C 3 HOH 44 344 121 HOH HOH A . 
C 3 HOH 45 345 120 HOH HOH A . 
C 3 HOH 46 346 110 HOH HOH A . 
C 3 HOH 47 347 42  HOH HOH A . 
C 3 HOH 48 348 34  HOH HOH A . 
C 3 HOH 49 349 7   HOH HOH A . 
C 3 HOH 50 350 37  HOH HOH A . 
C 3 HOH 51 351 117 HOH HOH A . 
C 3 HOH 52 352 17  HOH HOH A . 
C 3 HOH 53 353 67  HOH HOH A . 
C 3 HOH 54 354 56  HOH HOH A . 
C 3 HOH 55 355 22  HOH HOH A . 
C 3 HOH 56 356 71  HOH HOH A . 
C 3 HOH 57 357 80  HOH HOH A . 
C 3 HOH 58 358 122 HOH HOH A . 
C 3 HOH 59 359 62  HOH HOH A . 
C 3 HOH 60 360 31  HOH HOH A . 
C 3 HOH 61 361 112 HOH HOH A . 
C 3 HOH 62 362 59  HOH HOH A . 
C 3 HOH 63 363 43  HOH HOH A . 
C 3 HOH 64 364 123 HOH HOH A . 
C 3 HOH 65 365 116 HOH HOH A . 
C 3 HOH 66 366 10  HOH HOH A . 
C 3 HOH 67 367 26  HOH HOH A . 
C 3 HOH 68 368 50  HOH HOH A . 
C 3 HOH 69 369 126 HOH HOH A . 
C 3 HOH 70 370 12  HOH HOH A . 
# 
loop_
_software.citation_id 
_software.classification 
_software.compiler_name 
_software.compiler_version 
_software.contact_author 
_software.contact_author_email 
_software.date 
_software.description 
_software.dependencies 
_software.hardware 
_software.language 
_software.location 
_software.mods 
_software.name 
_software.os 
_software.os_version 
_software.type 
_software.version 
_software.pdbx_ordinal 
? refinement       ? ? ? ? ? ? ? ? ? ? ? PHENIX   ? ? ? 1.17.1_3660 1 
? 'data reduction' ? ? ? ? ? ? ? ? ? ? ? HKL-2000 ? ? ? .           2 
? 'data scaling'   ? ? ? ? ? ? ? ? ? ? ? HKL-2000 ? ? ? .           3 
? phasing          ? ? ? ? ? ? ? ? ? ? ? AutoSol  ? ? ? .           4 
# 
_cell.angle_alpha                  90.000 
_cell.angle_alpha_esd              ? 
_cell.angle_beta                   90.000 
_cell.angle_beta_esd               ? 
_cell.angle_gamma                  90.000 
_cell.angle_gamma_esd              ? 
_cell.entry_id                     7DNP 
_cell.details                      ? 
_cell.formula_units_Z              ? 
_cell.length_a                     79.040 
_cell.length_a_esd                 ? 
_cell.length_b                     79.040 
_cell.length_b_esd                 ? 
_cell.length_c                     79.040 
_cell.length_c_esd                 ? 
_cell.volume                       493788.299 
_cell.volume_esd                   ? 
_cell.Z_PDB                        12 
_cell.reciprocal_angle_alpha       ? 
_cell.reciprocal_angle_beta        ? 
_cell.reciprocal_angle_gamma       ? 
_cell.reciprocal_angle_alpha_esd   ? 
_cell.reciprocal_angle_beta_esd    ? 
_cell.reciprocal_angle_gamma_esd   ? 
_cell.reciprocal_length_a          ? 
_cell.reciprocal_length_b          ? 
_cell.reciprocal_length_c          ? 
_cell.reciprocal_length_a_esd      ? 
_cell.reciprocal_length_b_esd      ? 
_cell.reciprocal_length_c_esd      ? 
_cell.pdbx_unique_axis             ? 
# 
_symmetry.entry_id                         7DNP 
_symmetry.cell_setting                     ? 
_symmetry.Int_Tables_number                198 
_symmetry.space_group_name_Hall            'P 2ac 2ab 3' 
_symmetry.space_group_name_H-M             'P 21 3' 
_symmetry.pdbx_full_space_group_name_H-M   ? 
# 
_exptl.absorpt_coefficient_mu     ? 
_exptl.absorpt_correction_T_max   ? 
_exptl.absorpt_correction_T_min   ? 
_exptl.absorpt_correction_type    ? 
_exptl.absorpt_process_details    ? 
_exptl.entry_id                   7DNP 
_exptl.crystals_number            1 
_exptl.details                    ? 
_exptl.method                     'X-RAY DIFFRACTION' 
_exptl.method_details             ? 
# 
_exptl_crystal.colour                      ? 
_exptl_crystal.density_diffrn              ? 
_exptl_crystal.density_Matthews            2.08 
_exptl_crystal.density_method              ? 
_exptl_crystal.density_percent_sol         40.87 
_exptl_crystal.description                 ? 
_exptl_crystal.F_000                       ? 
_exptl_crystal.id                          1 
_exptl_crystal.preparation                 ? 
_exptl_crystal.size_max                    ? 
_exptl_crystal.size_mid                    ? 
_exptl_crystal.size_min                    ? 
_exptl_crystal.size_rad                    ? 
_exptl_crystal.colour_lustre               ? 
_exptl_crystal.colour_modifier             ? 
_exptl_crystal.colour_primary              ? 
_exptl_crystal.density_meas                ? 
_exptl_crystal.density_meas_esd            ? 
_exptl_crystal.density_meas_gt             ? 
_exptl_crystal.density_meas_lt             ? 
_exptl_crystal.density_meas_temp           ? 
_exptl_crystal.density_meas_temp_esd       ? 
_exptl_crystal.density_meas_temp_gt        ? 
_exptl_crystal.density_meas_temp_lt        ? 
_exptl_crystal.pdbx_crystal_image_url      ? 
_exptl_crystal.pdbx_crystal_image_format   ? 
_exptl_crystal.pdbx_mosaicity              ? 
_exptl_crystal.pdbx_mosaicity_esd          ? 
# 
_exptl_crystal_grow.apparatus       ? 
_exptl_crystal_grow.atmosphere      ? 
_exptl_crystal_grow.crystal_id      1 
_exptl_crystal_grow.details         ? 
_exptl_crystal_grow.method          'VAPOR DIFFUSION, HANGING DROP' 
_exptl_crystal_grow.method_ref      ? 
_exptl_crystal_grow.pH              ? 
_exptl_crystal_grow.pressure        ? 
_exptl_crystal_grow.pressure_esd    ? 
_exptl_crystal_grow.seeding         ? 
_exptl_crystal_grow.seeding_ref     ? 
_exptl_crystal_grow.temp            287.15 
_exptl_crystal_grow.temp_details    ? 
_exptl_crystal_grow.temp_esd        ? 
_exptl_crystal_grow.time            ? 
_exptl_crystal_grow.pdbx_details    
;0.2 M ammonium acetate, 0.1 M sodium acetate trihydrate (pH 4.1), 21% (w/v) polyethylene glycol 4,000, 2 mM Tris(2-chloroethyl) phosphate (TCEP)
;
_exptl_crystal_grow.pdbx_pH_range   ? 
# 
_diffrn.ambient_environment              ? 
_diffrn.ambient_temp                     100.15 
_diffrn.ambient_temp_details             ? 
_diffrn.ambient_temp_esd                 ? 
_diffrn.crystal_id                       1 
_diffrn.crystal_support                  ? 
_diffrn.crystal_treatment                ? 
_diffrn.details                          ? 
_diffrn.id                               1 
_diffrn.ambient_pressure                 ? 
_diffrn.ambient_pressure_esd             ? 
_diffrn.ambient_pressure_gt              ? 
_diffrn.ambient_pressure_lt              ? 
_diffrn.ambient_temp_gt                  ? 
_diffrn.ambient_temp_lt                  ? 
_diffrn.pdbx_serial_crystal_experiment   N 
# 
_diffrn_detector.details                      ? 
_diffrn_detector.detector                     PIXEL 
_diffrn_detector.diffrn_id                    1 
_diffrn_detector.type                         'DECTRIS EIGER X 9M' 
_diffrn_detector.area_resol_mean              ? 
_diffrn_detector.dtime                        ? 
_diffrn_detector.pdbx_frames_total            ? 
_diffrn_detector.pdbx_collection_time_total   ? 
_diffrn_detector.pdbx_collection_date         2020-03-27 
_diffrn_detector.pdbx_frequency               ? 
# 
_diffrn_radiation.collimation                      ? 
_diffrn_radiation.diffrn_id                        1 
_diffrn_radiation.filter_edge                      ? 
_diffrn_radiation.inhomogeneity                    ? 
_diffrn_radiation.monochromator                    ? 
_diffrn_radiation.polarisn_norm                    ? 
_diffrn_radiation.polarisn_ratio                   ? 
_diffrn_radiation.probe                            ? 
_diffrn_radiation.type                             ? 
_diffrn_radiation.xray_symbol                      ? 
_diffrn_radiation.wavelength_id                    1 
_diffrn_radiation.pdbx_monochromatic_or_laue_m_l   M 
_diffrn_radiation.pdbx_wavelength_list             ? 
_diffrn_radiation.pdbx_wavelength                  ? 
_diffrn_radiation.pdbx_diffrn_protocol             'SINGLE WAVELENGTH' 
_diffrn_radiation.pdbx_analyzer                    ? 
_diffrn_radiation.pdbx_scattering_type             x-ray 
# 
_diffrn_radiation_wavelength.id           1 
_diffrn_radiation_wavelength.wavelength   1.00003 
_diffrn_radiation_wavelength.wt           1.0 
# 
_diffrn_source.current                     ? 
_diffrn_source.details                     ? 
_diffrn_source.diffrn_id                   1 
_diffrn_source.power                       ? 
_diffrn_source.size                        ? 
_diffrn_source.source                      SYNCHROTRON 
_diffrn_source.target                      ? 
_diffrn_source.type                        'PAL/PLS BEAMLINE 5C (4A)' 
_diffrn_source.voltage                     ? 
_diffrn_source.take-off_angle              ? 
_diffrn_source.pdbx_wavelength_list        1.00003 
_diffrn_source.pdbx_wavelength             ? 
_diffrn_source.pdbx_synchrotron_beamline   '5C (4A)' 
_diffrn_source.pdbx_synchrotron_site       PAL/PLS 
# 
_reflns.B_iso_Wilson_estimate            23.35 
_reflns.entry_id                         7DNP 
_reflns.data_reduction_details           ? 
_reflns.data_reduction_method            ? 
_reflns.d_resolution_high                2 
_reflns.d_resolution_low                 50 
_reflns.details                          ? 
_reflns.limit_h_max                      ? 
_reflns.limit_h_min                      ? 
_reflns.limit_k_max                      ? 
_reflns.limit_k_min                      ? 
_reflns.limit_l_max                      ? 
_reflns.limit_l_min                      ? 
_reflns.number_all                       ? 
_reflns.number_obs                       11424 
_reflns.observed_criterion               ? 
_reflns.observed_criterion_F_max         ? 
_reflns.observed_criterion_F_min         ? 
_reflns.observed_criterion_I_max         ? 
_reflns.observed_criterion_I_min         ? 
_reflns.observed_criterion_sigma_F       ? 
_reflns.observed_criterion_sigma_I       ? 
_reflns.percent_possible_obs             100 
_reflns.R_free_details                   ? 
_reflns.Rmerge_F_all                     ? 
_reflns.Rmerge_F_obs                     ? 
_reflns.Friedel_coverage                 ? 
_reflns.number_gt                        ? 
_reflns.threshold_expression             ? 
_reflns.pdbx_redundancy                  30.7 
_reflns.pdbx_Rmerge_I_obs                0.049 
_reflns.pdbx_Rmerge_I_all                ? 
_reflns.pdbx_Rsym_value                  ? 
_reflns.pdbx_netI_over_av_sigmaI         ? 
_reflns.pdbx_netI_over_sigmaI            67.5 
_reflns.pdbx_res_netI_over_av_sigmaI_2   ? 
_reflns.pdbx_res_netI_over_sigmaI_2      ? 
_reflns.pdbx_chi_squared                 ? 
_reflns.pdbx_scaling_rejects             ? 
_reflns.pdbx_d_res_high_opt              ? 
_reflns.pdbx_d_res_low_opt               ? 
_reflns.pdbx_d_res_opt_method            ? 
_reflns.phase_calculation_details        ? 
_reflns.pdbx_Rrim_I_all                  0.056 
_reflns.pdbx_Rpim_I_all                  0.009 
_reflns.pdbx_d_opt                       ? 
_reflns.pdbx_number_measured_all         ? 
_reflns.pdbx_diffrn_id                   1 
_reflns.pdbx_ordinal                     1 
_reflns.pdbx_CC_half                     0.999 
_reflns.pdbx_CC_star                     1 
_reflns.pdbx_R_split                     ? 
# 
_reflns_shell.d_res_high                  2.00 
_reflns_shell.d_res_low                   2.03 
_reflns_shell.meanI_over_sigI_all         ? 
_reflns_shell.meanI_over_sigI_obs         15.6 
_reflns_shell.number_measured_all         ? 
_reflns_shell.number_measured_obs         ? 
_reflns_shell.number_possible             ? 
_reflns_shell.number_unique_all           ? 
_reflns_shell.number_unique_obs           570 
_reflns_shell.percent_possible_all        ? 
_reflns_shell.percent_possible_obs        ? 
_reflns_shell.Rmerge_F_all                ? 
_reflns_shell.Rmerge_F_obs                ? 
_reflns_shell.Rmerge_I_all                ? 
_reflns_shell.Rmerge_I_obs                0.239 
_reflns_shell.meanI_over_sigI_gt          ? 
_reflns_shell.meanI_over_uI_all           ? 
_reflns_shell.meanI_over_uI_gt            ? 
_reflns_shell.number_measured_gt          ? 
_reflns_shell.number_unique_gt            ? 
_reflns_shell.percent_possible_gt         ? 
_reflns_shell.Rmerge_F_gt                 ? 
_reflns_shell.Rmerge_I_gt                 ? 
_reflns_shell.pdbx_redundancy             ? 
_reflns_shell.pdbx_Rsym_value             ? 
_reflns_shell.pdbx_chi_squared            ? 
_reflns_shell.pdbx_netI_over_sigmaI_all   ? 
_reflns_shell.pdbx_netI_over_sigmaI_obs   ? 
_reflns_shell.pdbx_Rrim_I_all             0.219 
_reflns_shell.pdbx_Rpim_I_all             0.043 
_reflns_shell.pdbx_rejects                ? 
_reflns_shell.pdbx_ordinal                1 
_reflns_shell.pdbx_diffrn_id              1 
_reflns_shell.pdbx_CC_half                0.989 
_reflns_shell.pdbx_CC_star                0.997 
_reflns_shell.pdbx_R_split                ? 
# 
_refine.aniso_B[1][1]                            ? 
_refine.aniso_B[1][2]                            ? 
_refine.aniso_B[1][3]                            ? 
_refine.aniso_B[2][2]                            ? 
_refine.aniso_B[2][3]                            ? 
_refine.aniso_B[3][3]                            ? 
_refine.B_iso_max                                ? 
_refine.B_iso_mean                               22.44 
_refine.B_iso_min                                ? 
_refine.correlation_coeff_Fo_to_Fc               ? 
_refine.correlation_coeff_Fo_to_Fc_free          ? 
_refine.details                                  ? 
_refine.diff_density_max                         ? 
_refine.diff_density_max_esd                     ? 
_refine.diff_density_min                         ? 
_refine.diff_density_min_esd                     ? 
_refine.diff_density_rms                         ? 
_refine.diff_density_rms_esd                     ? 
_refine.entry_id                                 7DNP 
_refine.pdbx_refine_id                           'X-RAY DIFFRACTION' 
_refine.ls_abs_structure_details                 ? 
_refine.ls_abs_structure_Flack                   ? 
_refine.ls_abs_structure_Flack_esd               ? 
_refine.ls_abs_structure_Rogers                  ? 
_refine.ls_abs_structure_Rogers_esd              ? 
_refine.ls_d_res_high                            2.00 
_refine.ls_d_res_low                             45.63 
_refine.ls_extinction_coef                       ? 
_refine.ls_extinction_coef_esd                   ? 
_refine.ls_extinction_expression                 ? 
_refine.ls_extinction_method                     ? 
_refine.ls_goodness_of_fit_all                   ? 
_refine.ls_goodness_of_fit_all_esd               ? 
_refine.ls_goodness_of_fit_obs                   ? 
_refine.ls_goodness_of_fit_obs_esd               ? 
_refine.ls_hydrogen_treatment                    ? 
_refine.ls_matrix_type                           ? 
_refine.ls_number_constraints                    ? 
_refine.ls_number_parameters                     ? 
_refine.ls_number_reflns_all                     ? 
_refine.ls_number_reflns_obs                     11405 
_refine.ls_number_reflns_R_free                  598 
_refine.ls_number_reflns_R_work                  10807 
_refine.ls_number_restraints                     ? 
_refine.ls_percent_reflns_obs                    99.97 
_refine.ls_percent_reflns_R_free                 5.24 
_refine.ls_R_factor_all                          ? 
_refine.ls_R_factor_obs                          0.1880 
_refine.ls_R_factor_R_free                       0.2243 
_refine.ls_R_factor_R_free_error                 ? 
_refine.ls_R_factor_R_free_error_details         ? 
_refine.ls_R_factor_R_work                       0.1860 
_refine.ls_R_Fsqd_factor_obs                     ? 
_refine.ls_R_I_factor_obs                        ? 
_refine.ls_redundancy_reflns_all                 ? 
_refine.ls_redundancy_reflns_obs                 ? 
_refine.ls_restrained_S_all                      ? 
_refine.ls_restrained_S_obs                      ? 
_refine.ls_shift_over_esd_max                    ? 
_refine.ls_shift_over_esd_mean                   ? 
_refine.ls_structure_factor_coef                 ? 
_refine.ls_weighting_details                     ? 
_refine.ls_weighting_scheme                      ? 
_refine.ls_wR_factor_all                         ? 
_refine.ls_wR_factor_obs                         ? 
_refine.ls_wR_factor_R_free                      ? 
_refine.ls_wR_factor_R_work                      ? 
_refine.occupancy_max                            ? 
_refine.occupancy_min                            ? 
_refine.solvent_model_details                    'FLAT BULK SOLVENT MODEL' 
_refine.solvent_model_param_bsol                 ? 
_refine.solvent_model_param_ksol                 ? 
_refine.pdbx_R_complete                          ? 
_refine.ls_R_factor_gt                           ? 
_refine.ls_goodness_of_fit_gt                    ? 
_refine.ls_goodness_of_fit_ref                   ? 
_refine.ls_shift_over_su_max                     ? 
_refine.ls_shift_over_su_max_lt                  ? 
_refine.ls_shift_over_su_mean                    ? 
_refine.ls_shift_over_su_mean_lt                 ? 
_refine.pdbx_ls_sigma_I                          ? 
_refine.pdbx_ls_sigma_F                          1.65 
_refine.pdbx_ls_sigma_Fsqd                       ? 
_refine.pdbx_data_cutoff_high_absF               ? 
_refine.pdbx_data_cutoff_high_rms_absF           ? 
_refine.pdbx_data_cutoff_low_absF                ? 
_refine.pdbx_isotropic_thermal_model             ? 
_refine.pdbx_ls_cross_valid_method               'FREE R-VALUE' 
_refine.pdbx_method_to_determine_struct          SAD 
_refine.pdbx_starting_model                      ? 
_refine.pdbx_stereochemistry_target_values       'GeoStd + Monomer Library + CDL v1.2' 
_refine.pdbx_R_Free_selection_details            ? 
_refine.pdbx_stereochem_target_val_spec_case     ? 
_refine.pdbx_overall_ESU_R                       ? 
_refine.pdbx_overall_ESU_R_Free                  ? 
_refine.pdbx_solvent_vdw_probe_radii             1.1100 
_refine.pdbx_solvent_ion_probe_radii             ? 
_refine.pdbx_solvent_shrinkage_radii             0.9000 
_refine.pdbx_real_space_R                        ? 
_refine.pdbx_density_correlation                 ? 
_refine.pdbx_pd_number_of_powder_patterns        ? 
_refine.pdbx_pd_number_of_points                 ? 
_refine.pdbx_pd_meas_number_of_points            ? 
_refine.pdbx_pd_proc_ls_prof_R_factor            ? 
_refine.pdbx_pd_proc_ls_prof_wR_factor           ? 
_refine.pdbx_pd_Marquardt_correlation_coeff      ? 
_refine.pdbx_pd_Fsqrd_R_factor                   ? 
_refine.pdbx_pd_ls_matrix_band_width             ? 
_refine.pdbx_overall_phase_error                 20.8872 
_refine.pdbx_overall_SU_R_free_Cruickshank_DPI   ? 
_refine.pdbx_overall_SU_R_free_Blow_DPI          ? 
_refine.pdbx_overall_SU_R_Blow_DPI               ? 
_refine.pdbx_TLS_residual_ADP_flag               ? 
_refine.pdbx_diffrn_id                           1 
_refine.overall_SU_B                             ? 
_refine.overall_SU_ML                            0.1396 
_refine.overall_SU_R_Cruickshank_DPI             ? 
_refine.overall_SU_R_free                        ? 
_refine.overall_FOM_free_R_set                   ? 
_refine.overall_FOM_work_R_set                   ? 
_refine.pdbx_average_fsc_overall                 ? 
_refine.pdbx_average_fsc_work                    ? 
_refine.pdbx_average_fsc_free                    ? 
# 
_refine_hist.pdbx_refine_id                   'X-RAY DIFFRACTION' 
_refine_hist.cycle_id                         LAST 
_refine_hist.details                          ? 
_refine_hist.d_res_high                       2.00 
_refine_hist.d_res_low                        45.63 
_refine_hist.number_atoms_solvent             70 
_refine_hist.number_atoms_total               1431 
_refine_hist.number_reflns_all                ? 
_refine_hist.number_reflns_obs                ? 
_refine_hist.number_reflns_R_free             ? 
_refine_hist.number_reflns_R_work             ? 
_refine_hist.R_factor_all                     ? 
_refine_hist.R_factor_obs                     ? 
_refine_hist.R_factor_R_free                  ? 
_refine_hist.R_factor_R_work                  ? 
_refine_hist.pdbx_number_residues_total       ? 
_refine_hist.pdbx_B_iso_mean_ligand           ? 
_refine_hist.pdbx_B_iso_mean_solvent          ? 
_refine_hist.pdbx_number_atoms_protein        1313 
_refine_hist.pdbx_number_atoms_nucleic_acid   0 
_refine_hist.pdbx_number_atoms_ligand         48 
_refine_hist.pdbx_number_atoms_lipid          ? 
_refine_hist.pdbx_number_atoms_carb           ? 
_refine_hist.pdbx_pseudo_atom_details         ? 
# 
loop_
_refine_ls_restr.pdbx_refine_id 
_refine_ls_restr.criterion 
_refine_ls_restr.dev_ideal 
_refine_ls_restr.dev_ideal_target 
_refine_ls_restr.number 
_refine_ls_restr.rejects 
_refine_ls_restr.type 
_refine_ls_restr.weight 
_refine_ls_restr.pdbx_restraint_function 
'X-RAY DIFFRACTION' ? 0.0031  ? 1387 ? f_bond_d           ? ? 
'X-RAY DIFFRACTION' ? 0.6118  ? 1875 ? f_angle_d          ? ? 
'X-RAY DIFFRACTION' ? 0.0390  ? 215  ? f_chiral_restr     ? ? 
'X-RAY DIFFRACTION' ? 0.0028  ? 236  ? f_plane_restr      ? ? 
'X-RAY DIFFRACTION' ? 14.9644 ? 189  ? f_dihedral_angle_d ? ? 
# 
loop_
_refine_ls_shell.pdbx_refine_id 
_refine_ls_shell.d_res_high 
_refine_ls_shell.d_res_low 
_refine_ls_shell.number_reflns_all 
_refine_ls_shell.number_reflns_obs 
_refine_ls_shell.number_reflns_R_free 
_refine_ls_shell.number_reflns_R_work 
_refine_ls_shell.percent_reflns_obs 
_refine_ls_shell.percent_reflns_R_free 
_refine_ls_shell.R_factor_all 
_refine_ls_shell.R_factor_obs 
_refine_ls_shell.R_factor_R_free 
_refine_ls_shell.R_factor_R_free_error 
_refine_ls_shell.R_factor_R_work 
_refine_ls_shell.redundancy_reflns_all 
_refine_ls_shell.redundancy_reflns_obs 
_refine_ls_shell.wR_factor_all 
_refine_ls_shell.wR_factor_obs 
_refine_ls_shell.wR_factor_R_free 
_refine_ls_shell.wR_factor_R_work 
_refine_ls_shell.pdbx_R_complete 
_refine_ls_shell.pdbx_total_number_of_bins_used 
_refine_ls_shell.pdbx_phase_error 
_refine_ls_shell.pdbx_fsc_work 
_refine_ls_shell.pdbx_fsc_free 
'X-RAY DIFFRACTION' 2.00 2.20  . . 156 2650 100.00 . . . 0.2506 . 0.1802 . . . . . . . . . . . 
'X-RAY DIFFRACTION' 2.20 2.52  . . 127 2701 99.93  . . . 0.2440 . 0.1923 . . . . . . . . . . . 
'X-RAY DIFFRACTION' 2.52 3.17  . . 153 2683 100.00 . . . 0.2433 . 0.2125 . . . . . . . . . . . 
'X-RAY DIFFRACTION' 3.17 45.63 . . 162 2773 99.97  . . . 0.2019 . 0.1716 . . . . . . . . . . . 
# 
_struct.entry_id                     7DNP 
_struct.title                        'Structure of Brucella abortus SagA' 
_struct.pdbx_model_details           ? 
_struct.pdbx_formula_weight          ? 
_struct.pdbx_formula_weight_method   ? 
_struct.pdbx_model_type_details      ? 
_struct.pdbx_CASP_flag               N 
# 
_struct_keywords.entry_id        7DNP 
_struct_keywords.text            'SagA, muramidase, brucella abortus, T4SS, HYDROLASE' 
_struct_keywords.pdbx_keywords   HYDROLASE 
# 
loop_
_struct_asym.id 
_struct_asym.pdbx_blank_PDB_chainid_flag 
_struct_asym.pdbx_modified 
_struct_asym.entity_id 
_struct_asym.details 
A N N 1 ? 
B N N 2 ? 
C N N 3 ? 
# 
_struct_ref.id                         1 
_struct_ref.db_name                    UNP 
_struct_ref.db_code                    Q57DE3_BRUAB 
_struct_ref.pdbx_db_accession          Q57DE3 
_struct_ref.pdbx_db_isoform            ? 
_struct_ref.entity_id                  1 
_struct_ref.pdbx_seq_one_letter_code   
;MAKGTFAKAMPHVFSDEGGYVDHPKDPGGATNMGITLATLSAWEGRKVSKAEVKALTKTKATDIYRENYWNKVAGDDLPA
GVDHATLDFAIHSGPARAVKMLQKVVGVDQDGVIGAKTLAAVRKMAADRIINELCDARLAWLKGLGTFSTFGKGWTSRVS
RVRSRALAFSRDSA
;
_struct_ref.pdbx_align_begin           1 
# 
_struct_ref_seq.align_id                      1 
_struct_ref_seq.ref_id                        1 
_struct_ref_seq.pdbx_PDB_id_code              7DNP 
_struct_ref_seq.pdbx_strand_id                A 
_struct_ref_seq.seq_align_beg                 1 
_struct_ref_seq.pdbx_seq_align_beg_ins_code   ? 
_struct_ref_seq.seq_align_end                 174 
_struct_ref_seq.pdbx_seq_align_end_ins_code   ? 
_struct_ref_seq.pdbx_db_accession             Q57DE3 
_struct_ref_seq.db_align_beg                  1 
_struct_ref_seq.pdbx_db_align_beg_ins_code    ? 
_struct_ref_seq.db_align_end                  174 
_struct_ref_seq.pdbx_db_align_end_ins_code    ? 
_struct_ref_seq.pdbx_auth_seq_align_beg       1 
_struct_ref_seq.pdbx_auth_seq_align_end       174 
# 
loop_
_struct_ref_seq_dif.align_id 
_struct_ref_seq_dif.pdbx_pdb_id_code 
_struct_ref_seq_dif.mon_id 
_struct_ref_seq_dif.pdbx_pdb_strand_id 
_struct_ref_seq_dif.seq_num 
_struct_ref_seq_dif.pdbx_pdb_ins_code 
_struct_ref_seq_dif.pdbx_seq_db_name 
_struct_ref_seq_dif.pdbx_seq_db_accession_code 
_struct_ref_seq_dif.db_mon_id 
_struct_ref_seq_dif.pdbx_seq_db_seq_num 
_struct_ref_seq_dif.details 
_struct_ref_seq_dif.pdbx_auth_seq_num 
_struct_ref_seq_dif.pdbx_ordinal 
1 7DNP LEU A 175 ? UNP Q57DE3 ? ? 'expression tag' 175 1 
1 7DNP GLU A 176 ? UNP Q57DE3 ? ? 'expression tag' 176 2 
1 7DNP HIS A 177 ? UNP Q57DE3 ? ? 'expression tag' 177 3 
1 7DNP HIS A 178 ? UNP Q57DE3 ? ? 'expression tag' 178 4 
1 7DNP HIS A 179 ? UNP Q57DE3 ? ? 'expression tag' 179 5 
1 7DNP HIS A 180 ? UNP Q57DE3 ? ? 'expression tag' 180 6 
1 7DNP HIS A 181 ? UNP Q57DE3 ? ? 'expression tag' 181 7 
1 7DNP HIS A 182 ? UNP Q57DE3 ? ? 'expression tag' 182 8 
# 
_pdbx_struct_assembly.id                   1 
_pdbx_struct_assembly.details              author_defined_assembly 
_pdbx_struct_assembly.method_details       ? 
_pdbx_struct_assembly.oligomeric_details   monomeric 
_pdbx_struct_assembly.oligomeric_count     1 
# 
loop_
_pdbx_struct_assembly_prop.biol_id 
_pdbx_struct_assembly_prop.type 
_pdbx_struct_assembly_prop.value 
_pdbx_struct_assembly_prop.details 
1 'ABSA (A^2)' 0    ? 
1 MORE         0    ? 
1 'SSA (A^2)'  8660 ? 
# 
_pdbx_struct_assembly_gen.assembly_id       1 
_pdbx_struct_assembly_gen.oper_expression   1 
_pdbx_struct_assembly_gen.asym_id_list      A,B,C 
# 
_pdbx_struct_assembly_auth_evidence.id                     1 
_pdbx_struct_assembly_auth_evidence.assembly_id            1 
_pdbx_struct_assembly_auth_evidence.experimental_support   'gel filtration' 
_pdbx_struct_assembly_auth_evidence.details                ? 
# 
_pdbx_struct_oper_list.id                   1 
_pdbx_struct_oper_list.type                 'identity operation' 
_pdbx_struct_oper_list.name                 1_555 
_pdbx_struct_oper_list.symmetry_operation   x,y,z 
_pdbx_struct_oper_list.matrix[1][1]         1.0000000000 
_pdbx_struct_oper_list.matrix[1][2]         0.0000000000 
_pdbx_struct_oper_list.matrix[1][3]         0.0000000000 
_pdbx_struct_oper_list.vector[1]            0.0000000000 
_pdbx_struct_oper_list.matrix[2][1]         0.0000000000 
_pdbx_struct_oper_list.matrix[2][2]         1.0000000000 
_pdbx_struct_oper_list.matrix[2][3]         0.0000000000 
_pdbx_struct_oper_list.vector[2]            0.0000000000 
_pdbx_struct_oper_list.matrix[3][1]         0.0000000000 
_pdbx_struct_oper_list.matrix[3][2]         0.0000000000 
_pdbx_struct_oper_list.matrix[3][3]         1.0000000000 
_pdbx_struct_oper_list.vector[3]            0.0000000000 
# 
loop_
_struct_conf.conf_type_id 
_struct_conf.id 
_struct_conf.pdbx_PDB_helix_id 
_struct_conf.beg_label_comp_id 
_struct_conf.beg_label_asym_id 
_struct_conf.beg_label_seq_id 
_struct_conf.pdbx_beg_PDB_ins_code 
_struct_conf.end_label_comp_id 
_struct_conf.end_label_asym_id 
_struct_conf.end_label_seq_id 
_struct_conf.pdbx_end_PDB_ins_code 
_struct_conf.beg_auth_comp_id 
_struct_conf.beg_auth_asym_id 
_struct_conf.beg_auth_seq_id 
_struct_conf.end_auth_comp_id 
_struct_conf.end_auth_asym_id 
_struct_conf.end_auth_seq_id 
_struct_conf.pdbx_PDB_helix_class 
_struct_conf.details 
_struct_conf.pdbx_PDB_helix_length 
HELX_P HELX_P1  AA1 GLY A 4   ? GLY A 18  ? GLY A 4   GLY A 18  1 ? 15 
HELX_P HELX_P2  AA2 LEU A 37  ? GLY A 45  ? LEU A 37  GLY A 45  1 ? 9  
HELX_P HELX_P3  AA3 SER A 49  ? ALA A 55  ? SER A 49  ALA A 55  1 ? 7  
HELX_P HELX_P4  AA4 THR A 57  ? TYR A 69  ? THR A 57  TYR A 69  1 ? 13 
HELX_P HELX_P5  AA5 TRP A 70  ? ALA A 74  ? TRP A 70  ALA A 74  5 ? 5  
HELX_P HELX_P6  AA6 GLY A 81  ? GLY A 94  ? GLY A 81  GLY A 94  1 ? 14 
HELX_P HELX_P7  AA7 GLY A 94  ? GLY A 107 ? GLY A 94  GLY A 107 1 ? 14 
HELX_P HELX_P8  AA8 GLY A 115 ? LYS A 124 ? GLY A 115 LYS A 124 1 ? 10 
HELX_P HELX_P9  AA9 ALA A 126 ? LYS A 143 ? ALA A 126 LYS A 143 1 ? 18 
HELX_P HELX_P10 AB1 GLY A 144 ? GLY A 146 ? GLY A 144 GLY A 146 5 ? 3  
HELX_P HELX_P11 AB2 THR A 147 ? ARG A 171 ? THR A 147 ARG A 171 1 ? 25 
# 
_struct_conf_type.id          HELX_P 
_struct_conf_type.criteria    ? 
_struct_conf_type.reference   ? 
# 
_struct_sheet.id               AA1 
_struct_sheet.type             ? 
_struct_sheet.number_strands   3 
_struct_sheet.details          ? 
# 
loop_
_struct_sheet_order.sheet_id 
_struct_sheet_order.range_id_1 
_struct_sheet_order.range_id_2 
_struct_sheet_order.offset 
_struct_sheet_order.sense 
AA1 1 2 ? anti-parallel 
AA1 2 3 ? anti-parallel 
# 
loop_
_struct_sheet_range.sheet_id 
_struct_sheet_range.id 
_struct_sheet_range.beg_label_comp_id 
_struct_sheet_range.beg_label_asym_id 
_struct_sheet_range.beg_label_seq_id 
_struct_sheet_range.pdbx_beg_PDB_ins_code 
_struct_sheet_range.end_label_comp_id 
_struct_sheet_range.end_label_asym_id 
_struct_sheet_range.end_label_seq_id 
_struct_sheet_range.pdbx_end_PDB_ins_code 
_struct_sheet_range.beg_auth_comp_id 
_struct_sheet_range.beg_auth_asym_id 
_struct_sheet_range.beg_auth_seq_id 
_struct_sheet_range.end_auth_comp_id 
_struct_sheet_range.end_auth_asym_id 
_struct_sheet_range.end_auth_seq_id 
AA1 1 TYR A 20 ? VAL A 21 ? TYR A 20 VAL A 21 
AA1 2 THR A 31 ? ASN A 32 ? THR A 31 ASN A 32 
AA1 3 ILE A 35 ? THR A 36 ? ILE A 35 THR A 36 
# 
loop_
_pdbx_struct_sheet_hbond.sheet_id 
_pdbx_struct_sheet_hbond.range_id_1 
_pdbx_struct_sheet_hbond.range_id_2 
_pdbx_struct_sheet_hbond.range_1_label_atom_id 
_pdbx_struct_sheet_hbond.range_1_label_comp_id 
_pdbx_struct_sheet_hbond.range_1_label_asym_id 
_pdbx_struct_sheet_hbond.range_1_label_seq_id 
_pdbx_struct_sheet_hbond.range_1_PDB_ins_code 
_pdbx_struct_sheet_hbond.range_1_auth_atom_id 
_pdbx_struct_sheet_hbond.range_1_auth_comp_id 
_pdbx_struct_sheet_hbond.range_1_auth_asym_id 
_pdbx_struct_sheet_hbond.range_1_auth_seq_id 
_pdbx_struct_sheet_hbond.range_2_label_atom_id 
_pdbx_struct_sheet_hbond.range_2_label_comp_id 
_pdbx_struct_sheet_hbond.range_2_label_asym_id 
_pdbx_struct_sheet_hbond.range_2_label_seq_id 
_pdbx_struct_sheet_hbond.range_2_PDB_ins_code 
_pdbx_struct_sheet_hbond.range_2_auth_atom_id 
_pdbx_struct_sheet_hbond.range_2_auth_comp_id 
_pdbx_struct_sheet_hbond.range_2_auth_asym_id 
_pdbx_struct_sheet_hbond.range_2_auth_seq_id 
AA1 1 2 N VAL A 21 ? N VAL A 21 O THR A 31 ? O THR A 31 
AA1 2 3 N ASN A 32 ? N ASN A 32 O ILE A 35 ? O ILE A 35 
# 
_struct_site.id                   AC1 
_struct_site.pdbx_evidence_code   Software 
_struct_site.pdbx_auth_asym_id    A 
_struct_site.pdbx_auth_comp_id    H9U 
_struct_site.pdbx_auth_seq_id     201 
_struct_site.pdbx_auth_ins_code   ? 
_struct_site.pdbx_num_residues    18 
_struct_site.details              'binding site for residue H9U A 201' 
# 
loop_
_struct_site_gen.id 
_struct_site_gen.site_id 
_struct_site_gen.pdbx_num_res 
_struct_site_gen.label_comp_id 
_struct_site_gen.label_asym_id 
_struct_site_gen.label_seq_id 
_struct_site_gen.pdbx_auth_ins_code 
_struct_site_gen.auth_comp_id 
_struct_site_gen.auth_asym_id 
_struct_site_gen.auth_seq_id 
_struct_site_gen.label_atom_id 
_struct_site_gen.label_alt_id 
_struct_site_gen.symmetry 
_struct_site_gen.details 
1  AC1 18 LYS A 3   ? LYS A 3   . ? 9_555 ? 
2  AC1 18 GLY A 34  ? GLY A 34  . ? 1_555 ? 
3  AC1 18 THR A 36  ? THR A 36  . ? 1_555 ? 
4  AC1 18 THR A 39  ? THR A 39  . ? 1_555 ? 
5  AC1 18 TYR A 65  ? TYR A 65  . ? 1_555 ? 
6  AC1 18 TYR A 69  ? TYR A 69  . ? 1_555 ? 
7  AC1 18 ILE A 91  ? ILE A 91  . ? 1_555 ? 
8  AC1 18 HIS A 92  ? HIS A 92  . ? 1_555 ? 
9  AC1 18 SER A 93  ? SER A 93  . ? 1_555 ? 
10 AC1 18 GLY A 94  ? GLY A 94  . ? 1_555 ? 
11 AC1 18 TRP A 141 ? TRP A 141 . ? 1_555 ? 
12 AC1 18 LEU A 142 ? LEU A 142 . ? 1_555 ? 
13 AC1 18 LEU A 145 ? LEU A 145 . ? 1_555 ? 
14 AC1 18 PHE A 151 ? PHE A 151 . ? 1_555 ? 
15 AC1 18 TRP A 155 ? TRP A 155 . ? 1_555 ? 
16 AC1 18 HOH C .   ? HOH A 308 . ? 1_555 ? 
17 AC1 18 HOH C .   ? HOH A 317 . ? 1_555 ? 
18 AC1 18 HOH C .   ? HOH A 354 . ? 1_555 ? 
# 
_pdbx_validate_torsion.id              1 
_pdbx_validate_torsion.PDB_model_num   1 
_pdbx_validate_torsion.auth_comp_id    TYR 
_pdbx_validate_torsion.auth_asym_id    A 
_pdbx_validate_torsion.auth_seq_id     69 
_pdbx_validate_torsion.PDB_ins_code    ? 
_pdbx_validate_torsion.label_alt_id    ? 
_pdbx_validate_torsion.phi             -132.20 
_pdbx_validate_torsion.psi             -65.28 
# 
loop_
_space_group_symop.id 
_space_group_symop.operation_xyz 
1  x,y,z           
2  z,x,y           
3  y,z,x           
4  -y+1/2,-z,x+1/2 
5  z+1/2,-x+1/2,-y 
6  -y,z+1/2,-x+1/2 
7  -z+1/2,-x,y+1/2 
8  -z,x+1/2,-y+1/2 
9  y+1/2,-z+1/2,-x 
10 x+1/2,-y+1/2,-z 
11 -x,y+1/2,-z+1/2 
12 -x+1/2,-y,z+1/2 
# 
_pdbx_entry_details.entry_id                 7DNP 
_pdbx_entry_details.nonpolymer_details       ? 
_pdbx_entry_details.sequence_details         ? 
_pdbx_entry_details.compound_details         ? 
_pdbx_entry_details.source_details           ? 
_pdbx_entry_details.has_ligand_of_interest   Y 
# 
loop_
_pdbx_unobs_or_zero_occ_residues.id 
_pdbx_unobs_or_zero_occ_residues.PDB_model_num 
_pdbx_unobs_or_zero_occ_residues.polymer_flag 
_pdbx_unobs_or_zero_occ_residues.occupancy_flag 
_pdbx_unobs_or_zero_occ_residues.auth_asym_id 
_pdbx_unobs_or_zero_occ_residues.auth_comp_id 
_pdbx_unobs_or_zero_occ_residues.auth_seq_id 
_pdbx_unobs_or_zero_occ_residues.PDB_ins_code 
_pdbx_unobs_or_zero_occ_residues.label_asym_id 
_pdbx_unobs_or_zero_occ_residues.label_comp_id 
_pdbx_unobs_or_zero_occ_residues.label_seq_id 
1 1 Y 1 A MET 1   ? A MET 1   
2 1 Y 1 A GLU 176 ? A GLU 176 
3 1 Y 1 A HIS 177 ? A HIS 177 
4 1 Y 1 A HIS 178 ? A HIS 178 
5 1 Y 1 A HIS 179 ? A HIS 179 
6 1 Y 1 A HIS 180 ? A HIS 180 
7 1 Y 1 A HIS 181 ? A HIS 181 
8 1 Y 1 A HIS 182 ? A HIS 182 
# 
loop_
_chem_comp_atom.comp_id 
_chem_comp_atom.atom_id 
_chem_comp_atom.type_symbol 
_chem_comp_atom.pdbx_aromatic_flag 
_chem_comp_atom.pdbx_stereo_config 
_chem_comp_atom.pdbx_ordinal 
ALA N    N N N 1   
ALA CA   C N S 2   
ALA C    C N N 3   
ALA O    O N N 4   
ALA CB   C N N 5   
ALA OXT  O N N 6   
ALA H    H N N 7   
ALA H2   H N N 8   
ALA HA   H N N 9   
ALA HB1  H N N 10  
ALA HB2  H N N 11  
ALA HB3  H N N 12  
ALA HXT  H N N 13  
ARG N    N N N 14  
ARG CA   C N S 15  
ARG C    C N N 16  
ARG O    O N N 17  
ARG CB   C N N 18  
ARG CG   C N N 19  
ARG CD   C N N 20  
ARG NE   N N N 21  
ARG CZ   C N N 22  
ARG NH1  N N N 23  
ARG NH2  N N N 24  
ARG OXT  O N N 25  
ARG H    H N N 26  
ARG H2   H N N 27  
ARG HA   H N N 28  
ARG HB2  H N N 29  
ARG HB3  H N N 30  
ARG HG2  H N N 31  
ARG HG3  H N N 32  
ARG HD2  H N N 33  
ARG HD3  H N N 34  
ARG HE   H N N 35  
ARG HH11 H N N 36  
ARG HH12 H N N 37  
ARG HH21 H N N 38  
ARG HH22 H N N 39  
ARG HXT  H N N 40  
ASN N    N N N 41  
ASN CA   C N S 42  
ASN C    C N N 43  
ASN O    O N N 44  
ASN CB   C N N 45  
ASN CG   C N N 46  
ASN OD1  O N N 47  
ASN ND2  N N N 48  
ASN OXT  O N N 49  
ASN H    H N N 50  
ASN H2   H N N 51  
ASN HA   H N N 52  
ASN HB2  H N N 53  
ASN HB3  H N N 54  
ASN HD21 H N N 55  
ASN HD22 H N N 56  
ASN HXT  H N N 57  
ASP N    N N N 58  
ASP CA   C N S 59  
ASP C    C N N 60  
ASP O    O N N 61  
ASP CB   C N N 62  
ASP CG   C N N 63  
ASP OD1  O N N 64  
ASP OD2  O N N 65  
ASP OXT  O N N 66  
ASP H    H N N 67  
ASP H2   H N N 68  
ASP HA   H N N 69  
ASP HB2  H N N 70  
ASP HB3  H N N 71  
ASP HD2  H N N 72  
ASP HXT  H N N 73  
CYS N    N N N 74  
CYS CA   C N R 75  
CYS C    C N N 76  
CYS O    O N N 77  
CYS CB   C N N 78  
CYS SG   S N N 79  
CYS OXT  O N N 80  
CYS H    H N N 81  
CYS H2   H N N 82  
CYS HA   H N N 83  
CYS HB2  H N N 84  
CYS HB3  H N N 85  
CYS HG   H N N 86  
CYS HXT  H N N 87  
GLN N    N N N 88  
GLN CA   C N S 89  
GLN C    C N N 90  
GLN O    O N N 91  
GLN CB   C N N 92  
GLN CG   C N N 93  
GLN CD   C N N 94  
GLN OE1  O N N 95  
GLN NE2  N N N 96  
GLN OXT  O N N 97  
GLN H    H N N 98  
GLN H2   H N N 99  
GLN HA   H N N 100 
GLN HB2  H N N 101 
GLN HB3  H N N 102 
GLN HG2  H N N 103 
GLN HG3  H N N 104 
GLN HE21 H N N 105 
GLN HE22 H N N 106 
GLN HXT  H N N 107 
GLU N    N N N 108 
GLU CA   C N S 109 
GLU C    C N N 110 
GLU O    O N N 111 
GLU CB   C N N 112 
GLU CG   C N N 113 
GLU CD   C N N 114 
GLU OE1  O N N 115 
GLU OE2  O N N 116 
GLU OXT  O N N 117 
GLU H    H N N 118 
GLU H2   H N N 119 
GLU HA   H N N 120 
GLU HB2  H N N 121 
GLU HB3  H N N 122 
GLU HG2  H N N 123 
GLU HG3  H N N 124 
GLU HE2  H N N 125 
GLU HXT  H N N 126 
GLY N    N N N 127 
GLY CA   C N N 128 
GLY C    C N N 129 
GLY O    O N N 130 
GLY OXT  O N N 131 
GLY H    H N N 132 
GLY H2   H N N 133 
GLY HA2  H N N 134 
GLY HA3  H N N 135 
GLY HXT  H N N 136 
H9U C22  C N S 137 
H9U C24  C N R 138 
H9U C26  C N R 139 
H9U C28  C N S 140 
H9U C23  C N R 141 
H9U C25  C N S 142 
H9U C27  C N R 143 
H9U C29  C N R 144 
H9U C30  C N S 145 
H9U C31  C N R 146 
H9U C32  C N R 147 
H9U C33  C N N 148 
H9U C34  C N N 149 
H9U C35  C N N 150 
H9U C36  C N N 151 
H9U C37  C N N 152 
H9U C38  C N N 153 
H9U C39  C N S 154 
H9U C40  C N N 155 
H9U C41  C N N 156 
H9U C42  C N N 157 
H9U C43  C N R 158 
H9U C44  C N N 159 
H9U C45  C N N 160 
H9U C46  C N N 161 
H9U C47  C N N 162 
H9U C48  C N N 163 
H9U N18  N N N 164 
H9U N19  N N N 165 
H9U N20  N N N 166 
H9U N21  N N N 167 
H9U O01  O N N 168 
H9U O02  O N N 169 
H9U O03  O N N 170 
H9U O04  O N N 171 
H9U O05  O N N 172 
H9U O06  O N N 173 
H9U O07  O N N 174 
H9U O08  O N N 175 
H9U O09  O N N 176 
H9U O10  O N N 177 
H9U O11  O N N 178 
H9U O12  O N N 179 
H9U O13  O N N 180 
H9U O14  O N N 181 
H9U O15  O N N 182 
H9U O16  O N N 183 
H9U O17  O N N 184 
H9U H1   H N N 185 
H9U H2   H N N 186 
H9U H3   H N N 187 
H9U H4   H N N 188 
H9U H5   H N N 189 
H9U H6   H N N 190 
H9U H7   H N N 191 
H9U H8   H N N 192 
H9U H9   H N N 193 
H9U H10  H N N 194 
H9U H11  H N N 195 
H9U H12  H N N 196 
H9U H13  H N N 197 
H9U H14  H N N 198 
H9U H15  H N N 199 
H9U H16  H N N 200 
H9U H17  H N N 201 
H9U H18  H N N 202 
H9U H19  H N N 203 
H9U H20  H N N 204 
H9U H21  H N N 205 
H9U H22  H N N 206 
H9U H23  H N N 207 
H9U H24  H N N 208 
H9U H25  H N N 209 
H9U H26  H N N 210 
H9U H27  H N N 211 
H9U H28  H N N 212 
H9U H29  H N N 213 
H9U H30  H N N 214 
H9U H31  H N N 215 
H9U H32  H N N 216 
H9U H33  H N N 217 
H9U H34  H N N 218 
H9U H35  H N N 219 
H9U H36  H N N 220 
H9U H37  H N N 221 
H9U H38  H N N 222 
H9U H39  H N N 223 
H9U H40  H N N 224 
H9U H41  H N N 225 
H9U H42  H N N 226 
H9U H43  H N N 227 
H9U H44  H N N 228 
HIS N    N N N 229 
HIS CA   C N S 230 
HIS C    C N N 231 
HIS O    O N N 232 
HIS CB   C N N 233 
HIS CG   C Y N 234 
HIS ND1  N Y N 235 
HIS CD2  C Y N 236 
HIS CE1  C Y N 237 
HIS NE2  N Y N 238 
HIS OXT  O N N 239 
HIS H    H N N 240 
HIS H2   H N N 241 
HIS HA   H N N 242 
HIS HB2  H N N 243 
HIS HB3  H N N 244 
HIS HD1  H N N 245 
HIS HD2  H N N 246 
HIS HE1  H N N 247 
HIS HE2  H N N 248 
HIS HXT  H N N 249 
HOH O    O N N 250 
HOH H1   H N N 251 
HOH H2   H N N 252 
ILE N    N N N 253 
ILE CA   C N S 254 
ILE C    C N N 255 
ILE O    O N N 256 
ILE CB   C N S 257 
ILE CG1  C N N 258 
ILE CG2  C N N 259 
ILE CD1  C N N 260 
ILE OXT  O N N 261 
ILE H    H N N 262 
ILE H2   H N N 263 
ILE HA   H N N 264 
ILE HB   H N N 265 
ILE HG12 H N N 266 
ILE HG13 H N N 267 
ILE HG21 H N N 268 
ILE HG22 H N N 269 
ILE HG23 H N N 270 
ILE HD11 H N N 271 
ILE HD12 H N N 272 
ILE HD13 H N N 273 
ILE HXT  H N N 274 
LEU N    N N N 275 
LEU CA   C N S 276 
LEU C    C N N 277 
LEU O    O N N 278 
LEU CB   C N N 279 
LEU CG   C N N 280 
LEU CD1  C N N 281 
LEU CD2  C N N 282 
LEU OXT  O N N 283 
LEU H    H N N 284 
LEU H2   H N N 285 
LEU HA   H N N 286 
LEU HB2  H N N 287 
LEU HB3  H N N 288 
LEU HG   H N N 289 
LEU HD11 H N N 290 
LEU HD12 H N N 291 
LEU HD13 H N N 292 
LEU HD21 H N N 293 
LEU HD22 H N N 294 
LEU HD23 H N N 295 
LEU HXT  H N N 296 
LYS N    N N N 297 
LYS CA   C N S 298 
LYS C    C N N 299 
LYS O    O N N 300 
LYS CB   C N N 301 
LYS CG   C N N 302 
LYS CD   C N N 303 
LYS CE   C N N 304 
LYS NZ   N N N 305 
LYS OXT  O N N 306 
LYS H    H N N 307 
LYS H2   H N N 308 
LYS HA   H N N 309 
LYS HB2  H N N 310 
LYS HB3  H N N 311 
LYS HG2  H N N 312 
LYS HG3  H N N 313 
LYS HD2  H N N 314 
LYS HD3  H N N 315 
LYS HE2  H N N 316 
LYS HE3  H N N 317 
LYS HZ1  H N N 318 
LYS HZ2  H N N 319 
LYS HZ3  H N N 320 
LYS HXT  H N N 321 
MET N    N N N 322 
MET CA   C N S 323 
MET C    C N N 324 
MET O    O N N 325 
MET CB   C N N 326 
MET CG   C N N 327 
MET SD   S N N 328 
MET CE   C N N 329 
MET OXT  O N N 330 
MET H    H N N 331 
MET H2   H N N 332 
MET HA   H N N 333 
MET HB2  H N N 334 
MET HB3  H N N 335 
MET HG2  H N N 336 
MET HG3  H N N 337 
MET HE1  H N N 338 
MET HE2  H N N 339 
MET HE3  H N N 340 
MET HXT  H N N 341 
PHE N    N N N 342 
PHE CA   C N S 343 
PHE C    C N N 344 
PHE O    O N N 345 
PHE CB   C N N 346 
PHE CG   C Y N 347 
PHE CD1  C Y N 348 
PHE CD2  C Y N 349 
PHE CE1  C Y N 350 
PHE CE2  C Y N 351 
PHE CZ   C Y N 352 
PHE OXT  O N N 353 
PHE H    H N N 354 
PHE H2   H N N 355 
PHE HA   H N N 356 
PHE HB2  H N N 357 
PHE HB3  H N N 358 
PHE HD1  H N N 359 
PHE HD2  H N N 360 
PHE HE1  H N N 361 
PHE HE2  H N N 362 
PHE HZ   H N N 363 
PHE HXT  H N N 364 
PRO N    N N N 365 
PRO CA   C N S 366 
PRO C    C N N 367 
PRO O    O N N 368 
PRO CB   C N N 369 
PRO CG   C N N 370 
PRO CD   C N N 371 
PRO OXT  O N N 372 
PRO H    H N N 373 
PRO HA   H N N 374 
PRO HB2  H N N 375 
PRO HB3  H N N 376 
PRO HG2  H N N 377 
PRO HG3  H N N 378 
PRO HD2  H N N 379 
PRO HD3  H N N 380 
PRO HXT  H N N 381 
SER N    N N N 382 
SER CA   C N S 383 
SER C    C N N 384 
SER O    O N N 385 
SER CB   C N N 386 
SER OG   O N N 387 
SER OXT  O N N 388 
SER H    H N N 389 
SER H2   H N N 390 
SER HA   H N N 391 
SER HB2  H N N 392 
SER HB3  H N N 393 
SER HG   H N N 394 
SER HXT  H N N 395 
THR N    N N N 396 
THR CA   C N S 397 
THR C    C N N 398 
THR O    O N N 399 
THR CB   C N R 400 
THR OG1  O N N 401 
THR CG2  C N N 402 
THR OXT  O N N 403 
THR H    H N N 404 
THR H2   H N N 405 
THR HA   H N N 406 
THR HB   H N N 407 
THR HG1  H N N 408 
THR HG21 H N N 409 
THR HG22 H N N 410 
THR HG23 H N N 411 
THR HXT  H N N 412 
TRP N    N N N 413 
TRP CA   C N S 414 
TRP C    C N N 415 
TRP O    O N N 416 
TRP CB   C N N 417 
TRP CG   C Y N 418 
TRP CD1  C Y N 419 
TRP CD2  C Y N 420 
TRP NE1  N Y N 421 
TRP CE2  C Y N 422 
TRP CE3  C Y N 423 
TRP CZ2  C Y N 424 
TRP CZ3  C Y N 425 
TRP CH2  C Y N 426 
TRP OXT  O N N 427 
TRP H    H N N 428 
TRP H2   H N N 429 
TRP HA   H N N 430 
TRP HB2  H N N 431 
TRP HB3  H N N 432 
TRP HD1  H N N 433 
TRP HE1  H N N 434 
TRP HE3  H N N 435 
TRP HZ2  H N N 436 
TRP HZ3  H N N 437 
TRP HH2  H N N 438 
TRP HXT  H N N 439 
TYR N    N N N 440 
TYR CA   C N S 441 
TYR C    C N N 442 
TYR O    O N N 443 
TYR CB   C N N 444 
TYR CG   C Y N 445 
TYR CD1  C Y N 446 
TYR CD2  C Y N 447 
TYR CE1  C Y N 448 
TYR CE2  C Y N 449 
TYR CZ   C Y N 450 
TYR OH   O N N 451 
TYR OXT  O N N 452 
TYR H    H N N 453 
TYR H2   H N N 454 
TYR HA   H N N 455 
TYR HB2  H N N 456 
TYR HB3  H N N 457 
TYR HD1  H N N 458 
TYR HD2  H N N 459 
TYR HE1  H N N 460 
TYR HE2  H N N 461 
TYR HH   H N N 462 
TYR HXT  H N N 463 
VAL N    N N N 464 
VAL CA   C N S 465 
VAL C    C N N 466 
VAL O    O N N 467 
VAL CB   C N N 468 
VAL CG1  C N N 469 
VAL CG2  C N N 470 
VAL OXT  O N N 471 
VAL H    H N N 472 
VAL H2   H N N 473 
VAL HA   H N N 474 
VAL HB   H N N 475 
VAL HG11 H N N 476 
VAL HG12 H N N 477 
VAL HG13 H N N 478 
VAL HG21 H N N 479 
VAL HG22 H N N 480 
VAL HG23 H N N 481 
VAL HXT  H N N 482 
# 
loop_
_chem_comp_bond.comp_id 
_chem_comp_bond.atom_id_1 
_chem_comp_bond.atom_id_2 
_chem_comp_bond.value_order 
_chem_comp_bond.pdbx_aromatic_flag 
_chem_comp_bond.pdbx_stereo_config 
_chem_comp_bond.pdbx_ordinal 
ALA N   CA   sing N N 1   
ALA N   H    sing N N 2   
ALA N   H2   sing N N 3   
ALA CA  C    sing N N 4   
ALA CA  CB   sing N N 5   
ALA CA  HA   sing N N 6   
ALA C   O    doub N N 7   
ALA C   OXT  sing N N 8   
ALA CB  HB1  sing N N 9   
ALA CB  HB2  sing N N 10  
ALA CB  HB3  sing N N 11  
ALA OXT HXT  sing N N 12  
ARG N   CA   sing N N 13  
ARG N   H    sing N N 14  
ARG N   H2   sing N N 15  
ARG CA  C    sing N N 16  
ARG CA  CB   sing N N 17  
ARG CA  HA   sing N N 18  
ARG C   O    doub N N 19  
ARG C   OXT  sing N N 20  
ARG CB  CG   sing N N 21  
ARG CB  HB2  sing N N 22  
ARG CB  HB3  sing N N 23  
ARG CG  CD   sing N N 24  
ARG CG  HG2  sing N N 25  
ARG CG  HG3  sing N N 26  
ARG CD  NE   sing N N 27  
ARG CD  HD2  sing N N 28  
ARG CD  HD3  sing N N 29  
ARG NE  CZ   sing N N 30  
ARG NE  HE   sing N N 31  
ARG CZ  NH1  sing N N 32  
ARG CZ  NH2  doub N N 33  
ARG NH1 HH11 sing N N 34  
ARG NH1 HH12 sing N N 35  
ARG NH2 HH21 sing N N 36  
ARG NH2 HH22 sing N N 37  
ARG OXT HXT  sing N N 38  
ASN N   CA   sing N N 39  
ASN N   H    sing N N 40  
ASN N   H2   sing N N 41  
ASN CA  C    sing N N 42  
ASN CA  CB   sing N N 43  
ASN CA  HA   sing N N 44  
ASN C   O    doub N N 45  
ASN C   OXT  sing N N 46  
ASN CB  CG   sing N N 47  
ASN CB  HB2  sing N N 48  
ASN CB  HB3  sing N N 49  
ASN CG  OD1  doub N N 50  
ASN CG  ND2  sing N N 51  
ASN ND2 HD21 sing N N 52  
ASN ND2 HD22 sing N N 53  
ASN OXT HXT  sing N N 54  
ASP N   CA   sing N N 55  
ASP N   H    sing N N 56  
ASP N   H2   sing N N 57  
ASP CA  C    sing N N 58  
ASP CA  CB   sing N N 59  
ASP CA  HA   sing N N 60  
ASP C   O    doub N N 61  
ASP C   OXT  sing N N 62  
ASP CB  CG   sing N N 63  
ASP CB  HB2  sing N N 64  
ASP CB  HB3  sing N N 65  
ASP CG  OD1  doub N N 66  
ASP CG  OD2  sing N N 67  
ASP OD2 HD2  sing N N 68  
ASP OXT HXT  sing N N 69  
CYS N   CA   sing N N 70  
CYS N   H    sing N N 71  
CYS N   H2   sing N N 72  
CYS CA  C    sing N N 73  
CYS CA  CB   sing N N 74  
CYS CA  HA   sing N N 75  
CYS C   O    doub N N 76  
CYS C   OXT  sing N N 77  
CYS CB  SG   sing N N 78  
CYS CB  HB2  sing N N 79  
CYS CB  HB3  sing N N 80  
CYS SG  HG   sing N N 81  
CYS OXT HXT  sing N N 82  
GLN N   CA   sing N N 83  
GLN N   H    sing N N 84  
GLN N   H2   sing N N 85  
GLN CA  C    sing N N 86  
GLN CA  CB   sing N N 87  
GLN CA  HA   sing N N 88  
GLN C   O    doub N N 89  
GLN C   OXT  sing N N 90  
GLN CB  CG   sing N N 91  
GLN CB  HB2  sing N N 92  
GLN CB  HB3  sing N N 93  
GLN CG  CD   sing N N 94  
GLN CG  HG2  sing N N 95  
GLN CG  HG3  sing N N 96  
GLN CD  OE1  doub N N 97  
GLN CD  NE2  sing N N 98  
GLN NE2 HE21 sing N N 99  
GLN NE2 HE22 sing N N 100 
GLN OXT HXT  sing N N 101 
GLU N   CA   sing N N 102 
GLU N   H    sing N N 103 
GLU N   H2   sing N N 104 
GLU CA  C    sing N N 105 
GLU CA  CB   sing N N 106 
GLU CA  HA   sing N N 107 
GLU C   O    doub N N 108 
GLU C   OXT  sing N N 109 
GLU CB  CG   sing N N 110 
GLU CB  HB2  sing N N 111 
GLU CB  HB3  sing N N 112 
GLU CG  CD   sing N N 113 
GLU CG  HG2  sing N N 114 
GLU CG  HG3  sing N N 115 
GLU CD  OE1  doub N N 116 
GLU CD  OE2  sing N N 117 
GLU OE2 HE2  sing N N 118 
GLU OXT HXT  sing N N 119 
GLY N   CA   sing N N 120 
GLY N   H    sing N N 121 
GLY N   H2   sing N N 122 
GLY CA  C    sing N N 123 
GLY CA  HA2  sing N N 124 
GLY CA  HA3  sing N N 125 
GLY C   O    doub N N 126 
GLY C   OXT  sing N N 127 
GLY OXT HXT  sing N N 128 
H9U O12 C37  doub N N 129 
H9U C37 C41  sing N N 130 
H9U C37 N19  sing N N 131 
H9U O06 C29  sing N N 132 
H9U N19 C27  sing N N 133 
H9U C27 C29  sing N N 134 
H9U C27 C25  sing N N 135 
H9U C29 C30  sing N N 136 
H9U C30 O07  sing N N 137 
H9U C30 C31  sing N N 138 
H9U O09 C34  sing N N 139 
H9U O01 C25  sing N N 140 
H9U O01 C22  sing N N 141 
H9U C25 O03  sing N N 142 
H9U O03 C31  sing N N 143 
H9U C31 C34  sing N N 144 
H9U O08 C33  sing N N 145 
H9U C38 C32  sing N N 146 
H9U C33 C26  sing N N 147 
H9U C26 C22  sing N N 148 
H9U C26 O02  sing N N 149 
H9U C22 C23  sing N N 150 
H9U O05 C28  sing N N 151 
H9U C23 O04  sing N N 152 
H9U C23 C24  sing N N 153 
H9U O14 C45  doub N N 154 
H9U O15 C45  sing N N 155 
H9U O02 C28  sing N N 156 
H9U C32 O04  sing N N 157 
H9U C32 C36  sing N N 158 
H9U C45 C43  sing N N 159 
H9U C28 C24  sing N N 160 
H9U C24 N18  sing N N 161 
H9U N18 C35  sing N N 162 
H9U C36 O11  doub N N 163 
H9U C36 N20  sing N N 164 
H9U C43 C46  sing N N 165 
H9U C43 N21  sing N N 166 
H9U N20 C39  sing N N 167 
H9U C46 C47  sing N N 168 
H9U N21 C42  sing N N 169 
H9U C47 C48  sing N N 170 
H9U C35 C40  sing N N 171 
H9U C35 O10  doub N N 172 
H9U C42 O13  doub N N 173 
H9U C42 C39  sing N N 174 
H9U C48 O17  doub N N 175 
H9U C48 O16  sing N N 176 
H9U C39 C44  sing N N 177 
H9U C22 H1   sing N N 178 
H9U C24 H2   sing N N 179 
H9U C26 H3   sing N N 180 
H9U C28 H4   sing N N 181 
H9U C23 H5   sing N N 182 
H9U C25 H6   sing N N 183 
H9U C27 H7   sing N N 184 
H9U C29 H8   sing N N 185 
H9U C30 H9   sing N N 186 
H9U C31 H10  sing N N 187 
H9U C32 H11  sing N N 188 
H9U C33 H12  sing N N 189 
H9U C33 H13  sing N N 190 
H9U C34 H14  sing N N 191 
H9U C34 H15  sing N N 192 
H9U C38 H16  sing N N 193 
H9U C38 H17  sing N N 194 
H9U C38 H18  sing N N 195 
H9U C39 H19  sing N N 196 
H9U C40 H20  sing N N 197 
H9U C40 H21  sing N N 198 
H9U C40 H22  sing N N 199 
H9U C41 H23  sing N N 200 
H9U C41 H24  sing N N 201 
H9U C41 H25  sing N N 202 
H9U C43 H26  sing N N 203 
H9U C44 H27  sing N N 204 
H9U C44 H28  sing N N 205 
H9U C44 H29  sing N N 206 
H9U C46 H30  sing N N 207 
H9U C46 H31  sing N N 208 
H9U C47 H32  sing N N 209 
H9U C47 H33  sing N N 210 
H9U N18 H34  sing N N 211 
H9U N19 H35  sing N N 212 
H9U N20 H36  sing N N 213 
H9U N21 H37  sing N N 214 
H9U O05 H38  sing N N 215 
H9U O06 H39  sing N N 216 
H9U O07 H40  sing N N 217 
H9U O08 H41  sing N N 218 
H9U O09 H42  sing N N 219 
H9U O15 H43  sing N N 220 
H9U O16 H44  sing N N 221 
HIS N   CA   sing N N 222 
HIS N   H    sing N N 223 
HIS N   H2   sing N N 224 
HIS CA  C    sing N N 225 
HIS CA  CB   sing N N 226 
HIS CA  HA   sing N N 227 
HIS C   O    doub N N 228 
HIS C   OXT  sing N N 229 
HIS CB  CG   sing N N 230 
HIS CB  HB2  sing N N 231 
HIS CB  HB3  sing N N 232 
HIS CG  ND1  sing Y N 233 
HIS CG  CD2  doub Y N 234 
HIS ND1 CE1  doub Y N 235 
HIS ND1 HD1  sing N N 236 
HIS CD2 NE2  sing Y N 237 
HIS CD2 HD2  sing N N 238 
HIS CE1 NE2  sing Y N 239 
HIS CE1 HE1  sing N N 240 
HIS NE2 HE2  sing N N 241 
HIS OXT HXT  sing N N 242 
HOH O   H1   sing N N 243 
HOH O   H2   sing N N 244 
ILE N   CA   sing N N 245 
ILE N   H    sing N N 246 
ILE N   H2   sing N N 247 
ILE CA  C    sing N N 248 
ILE CA  CB   sing N N 249 
ILE CA  HA   sing N N 250 
ILE C   O    doub N N 251 
ILE C   OXT  sing N N 252 
ILE CB  CG1  sing N N 253 
ILE CB  CG2  sing N N 254 
ILE CB  HB   sing N N 255 
ILE CG1 CD1  sing N N 256 
ILE CG1 HG12 sing N N 257 
ILE CG1 HG13 sing N N 258 
ILE CG2 HG21 sing N N 259 
ILE CG2 HG22 sing N N 260 
ILE CG2 HG23 sing N N 261 
ILE CD1 HD11 sing N N 262 
ILE CD1 HD12 sing N N 263 
ILE CD1 HD13 sing N N 264 
ILE OXT HXT  sing N N 265 
LEU N   CA   sing N N 266 
LEU N   H    sing N N 267 
LEU N   H2   sing N N 268 
LEU CA  C    sing N N 269 
LEU CA  CB   sing N N 270 
LEU CA  HA   sing N N 271 
LEU C   O    doub N N 272 
LEU C   OXT  sing N N 273 
LEU CB  CG   sing N N 274 
LEU CB  HB2  sing N N 275 
LEU CB  HB3  sing N N 276 
LEU CG  CD1  sing N N 277 
LEU CG  CD2  sing N N 278 
LEU CG  HG   sing N N 279 
LEU CD1 HD11 sing N N 280 
LEU CD1 HD12 sing N N 281 
LEU CD1 HD13 sing N N 282 
LEU CD2 HD21 sing N N 283 
LEU CD2 HD22 sing N N 284 
LEU CD2 HD23 sing N N 285 
LEU OXT HXT  sing N N 286 
LYS N   CA   sing N N 287 
LYS N   H    sing N N 288 
LYS N   H2   sing N N 289 
LYS CA  C    sing N N 290 
LYS CA  CB   sing N N 291 
LYS CA  HA   sing N N 292 
LYS C   O    doub N N 293 
LYS C   OXT  sing N N 294 
LYS CB  CG   sing N N 295 
LYS CB  HB2  sing N N 296 
LYS CB  HB3  sing N N 297 
LYS CG  CD   sing N N 298 
LYS CG  HG2  sing N N 299 
LYS CG  HG3  sing N N 300 
LYS CD  CE   sing N N 301 
LYS CD  HD2  sing N N 302 
LYS CD  HD3  sing N N 303 
LYS CE  NZ   sing N N 304 
LYS CE  HE2  sing N N 305 
LYS CE  HE3  sing N N 306 
LYS NZ  HZ1  sing N N 307 
LYS NZ  HZ2  sing N N 308 
LYS NZ  HZ3  sing N N 309 
LYS OXT HXT  sing N N 310 
MET N   CA   sing N N 311 
MET N   H    sing N N 312 
MET N   H2   sing N N 313 
MET CA  C    sing N N 314 
MET CA  CB   sing N N 315 
MET CA  HA   sing N N 316 
MET C   O    doub N N 317 
MET C   OXT  sing N N 318 
MET CB  CG   sing N N 319 
MET CB  HB2  sing N N 320 
MET CB  HB3  sing N N 321 
MET CG  SD   sing N N 322 
MET CG  HG2  sing N N 323 
MET CG  HG3  sing N N 324 
MET SD  CE   sing N N 325 
MET CE  HE1  sing N N 326 
MET CE  HE2  sing N N 327 
MET CE  HE3  sing N N 328 
MET OXT HXT  sing N N 329 
PHE N   CA   sing N N 330 
PHE N   H    sing N N 331 
PHE N   H2   sing N N 332 
PHE CA  C    sing N N 333 
PHE CA  CB   sing N N 334 
PHE CA  HA   sing N N 335 
PHE C   O    doub N N 336 
PHE C   OXT  sing N N 337 
PHE CB  CG   sing N N 338 
PHE CB  HB2  sing N N 339 
PHE CB  HB3  sing N N 340 
PHE CG  CD1  doub Y N 341 
PHE CG  CD2  sing Y N 342 
PHE CD1 CE1  sing Y N 343 
PHE CD1 HD1  sing N N 344 
PHE CD2 CE2  doub Y N 345 
PHE CD2 HD2  sing N N 346 
PHE CE1 CZ   doub Y N 347 
PHE CE1 HE1  sing N N 348 
PHE CE2 CZ   sing Y N 349 
PHE CE2 HE2  sing N N 350 
PHE CZ  HZ   sing N N 351 
PHE OXT HXT  sing N N 352 
PRO N   CA   sing N N 353 
PRO N   CD   sing N N 354 
PRO N   H    sing N N 355 
PRO CA  C    sing N N 356 
PRO CA  CB   sing N N 357 
PRO CA  HA   sing N N 358 
PRO C   O    doub N N 359 
PRO C   OXT  sing N N 360 
PRO CB  CG   sing N N 361 
PRO CB  HB2  sing N N 362 
PRO CB  HB3  sing N N 363 
PRO CG  CD   sing N N 364 
PRO CG  HG2  sing N N 365 
PRO CG  HG3  sing N N 366 
PRO CD  HD2  sing N N 367 
PRO CD  HD3  sing N N 368 
PRO OXT HXT  sing N N 369 
SER N   CA   sing N N 370 
SER N   H    sing N N 371 
SER N   H2   sing N N 372 
SER CA  C    sing N N 373 
SER CA  CB   sing N N 374 
SER CA  HA   sing N N 375 
SER C   O    doub N N 376 
SER C   OXT  sing N N 377 
SER CB  OG   sing N N 378 
SER CB  HB2  sing N N 379 
SER CB  HB3  sing N N 380 
SER OG  HG   sing N N 381 
SER OXT HXT  sing N N 382 
THR N   CA   sing N N 383 
THR N   H    sing N N 384 
THR N   H2   sing N N 385 
THR CA  C    sing N N 386 
THR CA  CB   sing N N 387 
THR CA  HA   sing N N 388 
THR C   O    doub N N 389 
THR C   OXT  sing N N 390 
THR CB  OG1  sing N N 391 
THR CB  CG2  sing N N 392 
THR CB  HB   sing N N 393 
THR OG1 HG1  sing N N 394 
THR CG2 HG21 sing N N 395 
THR CG2 HG22 sing N N 396 
THR CG2 HG23 sing N N 397 
THR OXT HXT  sing N N 398 
TRP N   CA   sing N N 399 
TRP N   H    sing N N 400 
TRP N   H2   sing N N 401 
TRP CA  C    sing N N 402 
TRP CA  CB   sing N N 403 
TRP CA  HA   sing N N 404 
TRP C   O    doub N N 405 
TRP C   OXT  sing N N 406 
TRP CB  CG   sing N N 407 
TRP CB  HB2  sing N N 408 
TRP CB  HB3  sing N N 409 
TRP CG  CD1  doub Y N 410 
TRP CG  CD2  sing Y N 411 
TRP CD1 NE1  sing Y N 412 
TRP CD1 HD1  sing N N 413 
TRP CD2 CE2  doub Y N 414 
TRP CD2 CE3  sing Y N 415 
TRP NE1 CE2  sing Y N 416 
TRP NE1 HE1  sing N N 417 
TRP CE2 CZ2  sing Y N 418 
TRP CE3 CZ3  doub Y N 419 
TRP CE3 HE3  sing N N 420 
TRP CZ2 CH2  doub Y N 421 
TRP CZ2 HZ2  sing N N 422 
TRP CZ3 CH2  sing Y N 423 
TRP CZ3 HZ3  sing N N 424 
TRP CH2 HH2  sing N N 425 
TRP OXT HXT  sing N N 426 
TYR N   CA   sing N N 427 
TYR N   H    sing N N 428 
TYR N   H2   sing N N 429 
TYR CA  C    sing N N 430 
TYR CA  CB   sing N N 431 
TYR CA  HA   sing N N 432 
TYR C   O    doub N N 433 
TYR C   OXT  sing N N 434 
TYR CB  CG   sing N N 435 
TYR CB  HB2  sing N N 436 
TYR CB  HB3  sing N N 437 
TYR CG  CD1  doub Y N 438 
TYR CG  CD2  sing Y N 439 
TYR CD1 CE1  sing Y N 440 
TYR CD1 HD1  sing N N 441 
TYR CD2 CE2  doub Y N 442 
TYR CD2 HD2  sing N N 443 
TYR CE1 CZ   doub Y N 444 
TYR CE1 HE1  sing N N 445 
TYR CE2 CZ   sing Y N 446 
TYR CE2 HE2  sing N N 447 
TYR CZ  OH   sing N N 448 
TYR OH  HH   sing N N 449 
TYR OXT HXT  sing N N 450 
VAL N   CA   sing N N 451 
VAL N   H    sing N N 452 
VAL N   H2   sing N N 453 
VAL CA  C    sing N N 454 
VAL CA  CB   sing N N 455 
VAL CA  HA   sing N N 456 
VAL C   O    doub N N 457 
VAL C   OXT  sing N N 458 
VAL CB  CG1  sing N N 459 
VAL CB  CG2  sing N N 460 
VAL CB  HB   sing N N 461 
VAL CG1 HG11 sing N N 462 
VAL CG1 HG12 sing N N 463 
VAL CG1 HG13 sing N N 464 
VAL CG2 HG21 sing N N 465 
VAL CG2 HG22 sing N N 466 
VAL CG2 HG23 sing N N 467 
VAL OXT HXT  sing N N 468 
# 
_pdbx_entity_instance_feature.ordinal        1 
_pdbx_entity_instance_feature.comp_id        H9U 
_pdbx_entity_instance_feature.asym_id        ? 
_pdbx_entity_instance_feature.seq_num        ? 
_pdbx_entity_instance_feature.auth_comp_id   H9U 
_pdbx_entity_instance_feature.auth_asym_id   ? 
_pdbx_entity_instance_feature.auth_seq_num   ? 
_pdbx_entity_instance_feature.feature_type   'SUBJECT OF INVESTIGATION' 
_pdbx_entity_instance_feature.details        ? 
# 
_space_group.name_H-M_alt     'P 21 3' 
_space_group.name_Hall        'P 2ac 2ab 3' 
_space_group.IT_number        198 
_space_group.crystal_system   cubic 
_space_group.id               1 
# 
_atom_sites.entry_id                    7DNP 
_atom_sites.Cartn_transf_matrix[1][1]   ? 
_atom_sites.Cartn_transf_matrix[1][2]   ? 
_atom_sites.Cartn_transf_matrix[1][3]   ? 
_atom_sites.Cartn_transf_matrix[2][1]   ? 
_atom_sites.Cartn_transf_matrix[2][2]   ? 
_atom_sites.Cartn_transf_matrix[2][3]   ? 
_atom_sites.Cartn_transf_matrix[3][1]   ? 
_atom_sites.Cartn_transf_matrix[3][2]   ? 
_atom_sites.Cartn_transf_matrix[3][3]   ? 
_atom_sites.Cartn_transf_vector[1]      ? 
_atom_sites.Cartn_transf_vector[2]      ? 
_atom_sites.Cartn_transf_vector[3]      ? 
_atom_sites.fract_transf_matrix[1][1]   -0.00908006 
_atom_sites.fract_transf_matrix[1][2]   0.00849010 
_atom_sites.fract_transf_matrix[1][3]   -0.00235451 
_atom_sites.fract_transf_matrix[2][1]   0.00274450 
_atom_sites.fract_transf_matrix[2][2]   -0.00048727 
_atom_sites.fract_transf_matrix[2][3]   -0.01234112 
_atom_sites.fract_transf_matrix[3][1]   -0.00837217 
_atom_sites.fract_transf_matrix[3][2]   -0.00936770 
_atom_sites.fract_transf_matrix[3][3]   -0.00149199 
_atom_sites.fract_transf_vector[1]      -0.112738 
_atom_sites.fract_transf_vector[2]      0.016198 
_atom_sites.fract_transf_vector[3]      0.185463 
_atom_sites.solution_primary            ? 
_atom_sites.solution_secondary          ? 
_atom_sites.solution_hydrogens          ? 
_atom_sites.special_details             ? 
# 
loop_
_atom_type.symbol 
_atom_type.scat_dispersion_real 
_atom_type.scat_dispersion_imag 
_atom_type.scat_Cromer_Mann_a1 
_atom_type.scat_Cromer_Mann_a2 
_atom_type.scat_Cromer_Mann_a3 
_atom_type.scat_Cromer_Mann_a4 
_atom_type.scat_Cromer_Mann_b1 
_atom_type.scat_Cromer_Mann_b2 
_atom_type.scat_Cromer_Mann_b3 
_atom_type.scat_Cromer_Mann_b4 
_atom_type.scat_Cromer_Mann_c 
_atom_type.scat_source 
_atom_type.scat_dispersion_source 
C   ? ? 3.54356 2.42580 ? ? 25.62398 1.50364  ? ? 0.0 
;2-Gaussian fit: Grosse-Kunstleve RW, Sauter NK, Adams PD: Newsletter of the IUCr Commission on Crystallographic Computing 2004, 3, 22-31.
;
? 
N   ? ? 4.01032 2.96436 ? ? 19.97189 1.75589  ? ? 0.0 
;2-Gaussian fit: Grosse-Kunstleve RW, Sauter NK, Adams PD: Newsletter of the IUCr Commission on Crystallographic Computing 2004, 3, 22-31.
;
? 
O   ? ? 4.49882 3.47563 ? ? 15.80542 1.70748  ? ? 0.0 
;2-Gaussian fit: Grosse-Kunstleve RW, Sauter NK, Adams PD: Newsletter of the IUCr Commission on Crystallographic Computing 2004, 3, 22-31.
;
? 
O1- ? ? 5.12366 3.84317 ? ? 3.49406  27.47979 ? ? 0.0 
;2-Gaussian fit: Grosse-Kunstleve RW, Sauter NK, Adams PD: Newsletter of the IUCr Commission on Crystallographic Computing 2004, 3, 22-31.
;
? 
S   ? ? 9.55732 6.39887 ? ? 1.23737  29.19336 ? ? 0.0 
;2-Gaussian fit: Grosse-Kunstleve RW, Sauter NK, Adams PD: Newsletter of the IUCr Commission on Crystallographic Computing 2004, 3, 22-31.
;
? 
# 
loop_
_atom_site.group_PDB 
_atom_site.id 
_atom_site.type_symbol 
_atom_site.label_atom_id 
_atom_site.label_alt_id 
_atom_site.label_comp_id 
_atom_site.label_asym_id 
_atom_site.label_entity_id 
_atom_site.label_seq_id 
_atom_site.pdbx_PDB_ins_code 
_atom_site.Cartn_x 
_atom_site.Cartn_y 
_atom_site.Cartn_z 
_atom_site.occupancy 
_atom_site.B_iso_or_equiv 
_atom_site.pdbx_formal_charge 
_atom_site.auth_seq_id 
_atom_site.auth_comp_id 
_atom_site.auth_asym_id 
_atom_site.auth_atom_id 
_atom_site.pdbx_PDB_model_num 
ATOM   1    N N   . ALA A 1 2   ? -10.65193 7.30322   4.40761   1.000 17.44779 ?  2   ALA A N   1 
ATOM   2    C CA  . ALA A 1 2   ? -11.14185 8.05146   5.56478   1.000 18.89886 ?  2   ALA A CA  1 
ATOM   3    C C   . ALA A 1 2   ? -9.97528  8.49767   6.44195   1.000 17.80849 ?  2   ALA A C   1 
ATOM   4    O O   . ALA A 1 2   ? -9.01548  7.75564   6.62273   1.000 15.45753 ?  2   ALA A O   1 
ATOM   5    C CB  . ALA A 1 2   ? -12.12990 7.20976   6.36885   1.000 22.02225 ?  2   ALA A CB  1 
ATOM   6    N N   . LYS A 1 3   ? -10.08863 9.70924   6.99785   1.000 16.55325 ?  3   LYS A N   1 
ATOM   7    C CA  . LYS A 1 3   ? -8.97155  10.33094  7.70596   1.000 17.37175 ?  3   LYS A CA  1 
ATOM   8    C C   . LYS A 1 3   ? -8.48979  9.47693   8.87173   1.000 16.61200 ?  3   LYS A C   1 
ATOM   9    O O   . LYS A 1 3   ? -7.27978  9.31950   9.07475   1.000 17.02792 ?  3   LYS A O   1 
ATOM   10   C CB  . LYS A 1 3   ? -9.38134  11.71984  8.19889   1.000 20.02234 ?  3   LYS A CB  1 
ATOM   11   C CG  . LYS A 1 3   ? -8.43509  12.33032  9.23287   1.000 23.55995 ?  3   LYS A CG  1 
ATOM   12   C CD  . LYS A 1 3   ? -8.95906  13.67420  9.72922   1.000 24.55779 ?  3   LYS A CD  1 
ATOM   13   C CE  . LYS A 1 3   ? -8.05187  14.27771  10.79508  1.000 18.86284 ?  3   LYS A CE  1 
ATOM   14   N NZ  . LYS A 1 3   ? -8.58159  15.59400  11.25724  1.000 17.43407 ?  3   LYS A NZ  1 
ATOM   15   N N   . GLY A 1 4   ? -9.41849  8.91562   9.64522   1.000 15.08881 ?  4   GLY A N   1 
ATOM   16   C CA  . GLY A 1 4   ? -9.06986  8.18111   10.84897  1.000 18.43061 ?  4   GLY A CA  1 
ATOM   17   C C   . GLY A 1 4   ? -8.44107  6.82183   10.61441  1.000 17.59302 ?  4   GLY A C   1 
ATOM   18   O O   . GLY A 1 4   ? -7.98063  6.20454   11.57990  1.000 19.14084 ?  4   GLY A O   1 
ATOM   19   N N   . THR A 1 5   ? -8.40744  6.34134   9.37012   1.000 17.77087 ?  5   THR A N   1 
ATOM   20   C CA  . THR A 1 5   ? -7.84554  5.02081   9.11638   1.000 16.91571 ?  5   THR A CA  1 
ATOM   21   C C   . THR A 1 5   ? -6.32851  5.01174   9.26203   1.000 18.76069 ?  5   THR A C   1 
ATOM   22   O O   . THR A 1 5   ? -5.75548  3.99447   9.67297   1.000 20.06105 ?  5   THR A O   1 
ATOM   23   C CB  . THR A 1 5   ? -8.24694  4.53390   7.72390   1.000 17.76979 ?  5   THR A CB  1 
ATOM   24   O OG1 . THR A 1 5   ? -9.67474  4.58054   7.59077   1.000 18.65336 ?  5   THR A OG1 1 
ATOM   25   C CG2 . THR A 1 5   ? -7.76659  3.09683   7.49408   1.000 16.36947 ?  5   THR A CG2 1 
ATOM   26   N N   . PHE A 1 6   ? -5.66303  6.12364   8.94024   1.000 15.50792 ?  6   PHE A N   1 
ATOM   27   C CA  . PHE A 1 6   ? -4.20150  6.13591   8.94748   1.000 17.87116 ?  6   PHE A CA  1 
ATOM   28   C C   . PHE A 1 6   ? -3.65279  5.81907   10.33497  1.000 17.19855 ?  6   PHE A C   1 
ATOM   29   O O   . PHE A 1 6   ? -2.76677  4.96803   10.48581  1.000 19.58528 ?  6   PHE A O   1 
ATOM   30   C CB  . PHE A 1 6   ? -3.68712  7.48596   8.44571   1.000 17.95929 ?  6   PHE A CB  1 
ATOM   31   C CG  . PHE A 1 6   ? -2.21470  7.50307   8.15451   1.000 15.85205 ?  6   PHE A CG  1 
ATOM   32   C CD1 . PHE A 1 6   ? -1.69739  6.80455   7.07295   1.000 15.64565 ?  6   PHE A CD1 1 
ATOM   33   C CD2 . PHE A 1 6   ? -1.34476  8.21563   8.96746   1.000 16.35080 ?  6   PHE A CD2 1 
ATOM   34   C CE1 . PHE A 1 6   ? -0.33338  6.81758   6.80503   1.000 16.84553 ?  6   PHE A CE1 1 
ATOM   35   C CE2 . PHE A 1 6   ? 0.02023   8.23842   8.70344   1.000 16.16972 ?  6   PHE A CE2 1 
ATOM   36   C CZ  . PHE A 1 6   ? 0.52602   7.53849   7.62576   1.000 16.63533 ?  6   PHE A CZ  1 
ATOM   37   N N   . ALA A 1 7   ? -4.18455  6.48370   11.36426  1.000 16.26819 ?  7   ALA A N   1 
ATOM   38   C CA  . ALA A 1 7   ? -3.77406  6.20774   12.73782  1.000 18.70308 ?  7   ALA A CA  1 
ATOM   39   C C   . ALA A 1 7   ? -4.10148  4.78001   13.15965  1.000 20.18413 ?  7   ALA A C   1 
ATOM   40   O O   . ALA A 1 7   ? -3.42897  4.22674   14.03753  1.000 20.19010 ?  7   ALA A O   1 
ATOM   41   C CB  . ALA A 1 7   ? -4.44041  7.19750   13.68944  1.000 16.82033 ?  7   ALA A CB  1 
ATOM   42   N N   . LYS A 1 8   ? -5.12798  4.17391   12.56211  1.000 18.56834 ?  8   LYS A N   1 
ATOM   43   C CA  . LYS A 1 8   ? -5.48683  2.80394   12.90823  1.000 22.01864 ?  8   LYS A CA  1 
ATOM   44   C C   . LYS A 1 8   ? -4.63159  1.79548   12.15385  1.000 20.23508 ?  8   LYS A C   1 
ATOM   45   O O   . LYS A 1 8   ? -4.26461  0.75394   12.70683  1.000 23.16697 ?  8   LYS A O   1 
ATOM   46   C CB  . LYS A 1 8   ? -6.96720  2.55282   12.61316  1.000 22.43345 ?  8   LYS A CB  1 
ATOM   47   C CG  . LYS A 1 8   ? -7.93578  3.09674   13.65082  1.000 28.13429 ?  8   LYS A CG  1 
ATOM   48   C CD  . LYS A 1 8   ? -9.37785  2.80623   13.24102  1.000 29.63417 ?  8   LYS A CD  1 
ATOM   49   C CE  . LYS A 1 8   ? -10.26386 2.52558   14.44809  1.000 39.03404 ?  8   LYS A CE  1 
ATOM   50   N NZ  . LYS A 1 8   ? -10.57467 3.76519   15.21540  1.000 41.78023 ?  8   LYS A NZ  1 
ATOM   51   N N   . ALA A 1 9   ? -4.30420  2.08703   10.89389  1.000 19.55859 ?  9   ALA A N   1 
ATOM   52   C CA  . ALA A 1 9   ? -3.62663  1.10754   10.05265  1.000 19.23637 ?  9   ALA A CA  1 
ATOM   53   C C   . ALA A 1 9   ? -2.12030  1.07831   10.29192  1.000 21.49840 ?  9   ALA A C   1 
ATOM   54   O O   . ALA A 1 9   ? -1.51865  -0.00087  10.33052  1.000 21.00297 ?  9   ALA A O   1 
ATOM   55   C CB  . ALA A 1 9   ? -3.91848  1.40007   8.58119   1.000 22.89011 ?  9   ALA A CB  1 
ATOM   56   N N   . MET A 1 10  ? -1.49538  2.24440   10.44734  1.000 20.03821 ?  10  MET A N   1 
ATOM   57   C CA  . MET A 1 10  ? -0.03498  2.29780   10.48121  1.000 18.70986 ?  10  MET A CA  1 
ATOM   58   C C   . MET A 1 10  ? 0.60074   1.49504   11.61323  1.000 19.85275 ?  10  MET A C   1 
ATOM   59   O O   . MET A 1 10  ? 1.67231   0.90987   11.37961  1.000 19.37929 ?  10  MET A O   1 
ATOM   60   C CB  . MET A 1 10  ? 0.42765   3.75960   10.53301  1.000 18.95969 ?  10  MET A CB  1 
ATOM   61   C CG  . MET A 1 10  ? 0.31402   4.48543   9.20795   1.000 17.59154 ?  10  MET A CG  1 
ATOM   62   S SD  . MET A 1 10  ? 0.92487   3.55496   7.78044   1.000 22.67593 ?  10  MET A SD  1 
ATOM   63   C CE  . MET A 1 10  ? 2.64413   3.32010   8.23374   1.000 21.46882 ?  10  MET A CE  1 
ATOM   64   N N   . PRO A 1 11  ? 0.04376   1.42789   12.83088  1.000 20.53423 ?  11  PRO A N   1 
ATOM   65   C CA  . PRO A 1 11  ? 0.64795   0.52947   13.83009  1.000 20.45176 ?  11  PRO A CA  1 
ATOM   66   C C   . PRO A 1 11  ? 0.72928   -0.91253  13.35778  1.000 25.31740 ?  11  PRO A C   1 
ATOM   67   O O   . PRO A 1 11  ? 1.71868   -1.59895  13.64367  1.000 24.44446 ?  11  PRO A O   1 
ATOM   68   C CB  . PRO A 1 11  ? -0.27529  0.69126   15.04522  1.000 20.75368 ?  11  PRO A CB  1 
ATOM   69   C CG  . PRO A 1 11  ? -0.82897  2.05917   14.89860  1.000 21.18967 ?  11  PRO A CG  1 
ATOM   70   C CD  . PRO A 1 11  ? -1.02675  2.24883   13.42446  1.000 19.75893 ?  11  PRO A CD  1 
ATOM   71   N N   . HIS A 1 12  ? -0.27574  -1.38497  12.61503  1.000 28.12235 ?  12  HIS A N   1 
ATOM   72   C CA  . HIS A 1 12  ? -0.21033  -2.73238  12.05657  1.000 30.89077 ?  12  HIS A CA  1 
ATOM   73   C C   . HIS A 1 12  ? 0.88162   -2.85343  11.00237  1.000 27.50452 ?  12  HIS A C   1 
ATOM   74   O O   . HIS A 1 12  ? 1.50602   -3.91152  10.88212  1.000 29.03119 ?  12  HIS A O   1 
ATOM   75   C CB  . HIS A 1 12  ? -1.56264  -3.12909  11.46253  1.000 27.97126 ?  12  HIS A CB  1 
ATOM   76   C CG  . HIS A 1 12  ? -2.63756  -3.30962  12.48574  1.000 34.04148 ?  12  HIS A CG  1 
ATOM   77   N ND1 . HIS A 1 12  ? -3.66523  -2.40479  12.65460  1.000 36.57234 ?  12  HIS A ND1 1 
ATOM   78   C CD2 . HIS A 1 12  ? -2.83787  -4.28248  13.40568  1.000 32.84464 ?  12  HIS A CD2 1 
ATOM   79   C CE1 . HIS A 1 12  ? -4.45498  -2.81665  13.62965  1.000 32.66144 ?  12  HIS A CE1 1 
ATOM   80   N NE2 . HIS A 1 12  ? -3.97508  -3.95337  14.10251  1.000 37.30712 ?  12  HIS A NE2 1 
ATOM   81   N N   . VAL A 1 13  ? 1.12523   -1.79496  10.22927  1.000 26.43188 ?  13  VAL A N   1 
ATOM   82   C CA  . VAL A 1 13  ? 2.21337   -1.83369  9.25645   1.000 26.38168 ?  13  VAL A CA  1 
ATOM   83   C C   . VAL A 1 13  ? 3.55466   -1.95614  9.96924   1.000 23.79667 ?  13  VAL A C   1 
ATOM   84   O O   . VAL A 1 13  ? 4.35720   -2.84501  9.66533   1.000 28.76283 ?  13  VAL A O   1 
ATOM   85   C CB  . VAL A 1 13  ? 2.16974   -0.59463  8.34247   1.000 25.94935 ?  13  VAL A CB  1 
ATOM   86   C CG1 . VAL A 1 13  ? 3.41087   -0.53928  7.46233   1.000 23.72293 ?  13  VAL A CG1 1 
ATOM   87   C CG2 . VAL A 1 13  ? 0.90428   -0.59910  7.49201   1.000 22.79358 ?  13  VAL A CG2 1 
ATOM   88   N N   . PHE A 1 14  ? 3.81336   -1.07088  10.93534  1.000 22.64433 ?  14  PHE A N   1 
ATOM   89   C CA  . PHE A 1 14  ? 5.08984   -1.09834  11.64305  1.000 25.87290 ?  14  PHE A CA  1 
ATOM   90   C C   . PHE A 1 14  ? 5.27769   -2.40884  12.40108  1.000 31.35577 ?  14  PHE A C   1 
ATOM   91   O O   . PHE A 1 14  ? 6.39193   -2.94437  12.46285  1.000 27.98940 ?  14  PHE A O   1 
ATOM   92   C CB  . PHE A 1 14  ? 5.18999   0.09636   12.59423  1.000 23.90620 ?  14  PHE A CB  1 
ATOM   93   C CG  . PHE A 1 14  ? 5.51444   1.39631   11.90465  1.000 22.93851 ?  14  PHE A CG  1 
ATOM   94   C CD1 . PHE A 1 14  ? 6.75256   1.59232   11.31678  1.000 23.61262 ?  14  PHE A CD1 1 
ATOM   95   C CD2 . PHE A 1 14  ? 4.58012   2.41860   11.84358  1.000 20.81515 ?  14  PHE A CD2 1 
ATOM   96   C CE1 . PHE A 1 14  ? 7.05706   2.78175   10.68074  1.000 23.07269 ?  14  PHE A CE1 1 
ATOM   97   C CE2 . PHE A 1 14  ? 4.87698   3.60971   11.20856  1.000 20.97566 ?  14  PHE A CE2 1 
ATOM   98   C CZ  . PHE A 1 14  ? 6.11750   3.79231   10.62723  1.000 20.80037 ?  14  PHE A CZ  1 
ATOM   99   N N   . SER A 1 15  ? 4.19836   -2.94177  12.98007  1.000 27.67601 ?  15  SER A N   1 
ATOM   100  C CA  . SER A 1 15  ? 4.27034   -4.23925  13.64549  1.000 29.35900 ?  15  SER A CA  1 
ATOM   101  C C   . SER A 1 15  ? 4.65246   -5.34125  12.66438  1.000 28.07069 ?  15  SER A C   1 
ATOM   102  O O   . SER A 1 15  ? 5.51373   -6.17694  12.95554  1.000 31.04271 ?  15  SER A O   1 
ATOM   103  C CB  . SER A 1 15  ? 2.93055   -4.56218  14.31081  1.000 29.36997 ?  15  SER A CB  1 
ATOM   104  O OG  . SER A 1 15  ? 2.71574   -3.75691  15.45626  1.000 36.29502 ?  15  SER A OG  1 
ATOM   105  N N   . ASP A 1 16  ? 4.01856   -5.35729  11.49070  1.000 27.04038 ?  16  ASP A N   1 
ATOM   106  C CA  . ASP A 1 16  ? 4.22994   -6.42974  10.52520  1.000 30.51384 ?  16  ASP A CA  1 
ATOM   107  C C   . ASP A 1 16  ? 5.57361   -6.33954  9.81340   1.000 35.96071 ?  16  ASP A C   1 
ATOM   108  O O   . ASP A 1 16  ? 5.97562   -7.31581  9.17156   1.000 34.19222 ?  16  ASP A O   1 
ATOM   109  C CB  . ASP A 1 16  ? 3.10516   -6.43701  9.48291   1.000 30.54017 ?  16  ASP A CB  1 
ATOM   110  C CG  . ASP A 1 16  ? 1.74747   -6.77787  10.08178  1.000 36.46149 ?  16  ASP A CG  1 
ATOM   111  O OD1 . ASP A 1 16  ? 1.67565   -7.04318  11.30211  1.000 41.43482 ?  16  ASP A OD1 1 
ATOM   112  O OD2 . ASP A 1 16  ? 0.74823   -6.77987  9.33006   1.000 38.32226 -1 16  ASP A OD2 1 
ATOM   113  N N   . GLU A 1 17  ? 6.27390   -5.21012  9.91511   1.000 29.75356 ?  17  GLU A N   1 
ATOM   114  C CA  . GLU A 1 17  ? 7.50677   -4.96837  9.17363   1.000 28.28901 ?  17  GLU A CA  1 
ATOM   115  C C   . GLU A 1 17  ? 8.76367   -5.23271  9.98552   1.000 30.43774 ?  17  GLU A C   1 
ATOM   116  O O   . GLU A 1 17  ? 9.75862   -5.71121  9.43505   1.000 36.40769 ?  17  GLU A O   1 
ATOM   117  C CB  . GLU A 1 17  ? 7.54559   -3.52198  8.66990   1.000 31.19729 ?  17  GLU A CB  1 
ATOM   118  C CG  . GLU A 1 17  ? 6.69433   -3.27121  7.44374   1.000 25.54521 ?  17  GLU A CG  1 
ATOM   119  C CD  . GLU A 1 17  ? 6.97599   -4.26730  6.34484   1.000 33.37068 ?  17  GLU A CD  1 
ATOM   120  O OE1 . GLU A 1 17  ? 8.16682   -4.46565  6.01025   1.000 32.88831 ?  17  GLU A OE1 1 
ATOM   121  O OE2 . GLU A 1 17  ? 6.00500   -4.85673  5.82091   1.000 35.59887 -1 17  GLU A OE2 1 
ATOM   122  N N   . GLY A 1 18  ? 8.75554   -4.91648  11.27267  1.000 33.96097 ?  18  GLY A N   1 
ATOM   123  C CA  . GLY A 1 18  ? 9.98355   -4.99182  12.03622  1.000 38.10549 ?  18  GLY A CA  1 
ATOM   124  C C   . GLY A 1 18  ? 10.94755  -3.87804  11.64757  1.000 31.81053 ?  18  GLY A C   1 
ATOM   125  O O   . GLY A 1 18  ? 10.58895  -2.88618  11.01387  1.000 31.29254 ?  18  GLY A O   1 
ATOM   126  N N   . GLY A 1 19  ? 12.20294  -4.07019  12.03867  1.000 29.10173 ?  19  GLY A N   1 
ATOM   127  C CA  . GLY A 1 19  ? 13.21226  -3.05050  11.82530  1.000 27.26159 ?  19  GLY A CA  1 
ATOM   128  C C   . GLY A 1 19  ? 13.95927  -3.17348  10.51245  1.000 23.63013 ?  19  GLY A C   1 
ATOM   129  O O   . GLY A 1 19  ? 13.35211  -3.22257  9.43786   1.000 23.53731 ?  19  GLY A O   1 
ATOM   130  N N   . TYR A 1 20  ? 15.28636  -3.21150  10.59391  1.000 25.77248 ?  20  TYR A N   1 
ATOM   131  C CA  . TYR A 1 20  ? 16.12651  -3.34639  9.41388   1.000 24.72989 ?  20  TYR A CA  1 
ATOM   132  C C   . TYR A 1 20  ? 16.14514  -4.79937  8.95979   1.000 26.74300 ?  20  TYR A C   1 
ATOM   133  O O   . TYR A 1 20  ? 16.41156  -5.70650  9.75460   1.000 30.47684 ?  20  TYR A O   1 
ATOM   134  C CB  . TYR A 1 20  ? 17.54357  -2.85892  9.71540   1.000 26.21165 ?  20  TYR A CB  1 
ATOM   135  C CG  . TYR A 1 20  ? 18.49135  -2.87887  8.53149   1.000 23.65542 ?  20  TYR A CG  1 
ATOM   136  C CD1 . TYR A 1 20  ? 18.32734  -2.00060  7.46941   1.000 23.89595 ?  20  TYR A CD1 1 
ATOM   137  C CD2 . TYR A 1 20  ? 19.55898  -3.76781  8.48519   1.000 27.36720 ?  20  TYR A CD2 1 
ATOM   138  C CE1 . TYR A 1 20  ? 19.19601  -2.01195  6.38747   1.000 25.89601 ?  20  TYR A CE1 1 
ATOM   139  C CE2 . TYR A 1 20  ? 20.43324  -3.78611  7.40862   1.000 24.74191 ?  20  TYR A CE2 1 
ATOM   140  C CZ  . TYR A 1 20  ? 20.24828  -2.90541  6.36258   1.000 29.12109 ?  20  TYR A CZ  1 
ATOM   141  O OH  . TYR A 1 20  ? 21.11602  -2.91428  5.28480   1.000 28.71341 ?  20  TYR A OH  1 
ATOM   142  N N   . VAL A 1 21  ? 15.83160  -5.01836  7.68678   1.000 26.97518 ?  21  VAL A N   1 
ATOM   143  C CA  . VAL A 1 21  ? 15.85493  -6.34002  7.07456   1.000 27.73461 ?  21  VAL A CA  1 
ATOM   144  C C   . VAL A 1 21  ? 16.64608  -6.22507  5.78341   1.000 27.38878 ?  21  VAL A C   1 
ATOM   145  O O   . VAL A 1 21  ? 16.29642  -5.42554  4.90624   1.000 27.26275 ?  21  VAL A O   1 
ATOM   146  C CB  . VAL A 1 21  ? 14.44216  -6.88073  6.79901   1.000 29.65656 ?  21  VAL A CB  1 
ATOM   147  C CG1 . VAL A 1 21  ? 14.51134  -8.32032  6.30581   1.000 30.53265 ?  21  VAL A CG1 1 
ATOM   148  C CG2 . VAL A 1 21  ? 13.58139  -6.78568  8.05099   1.000 29.62232 ?  21  VAL A CG2 1 
ATOM   149  N N   . ASP A 1 22  ? 17.71602  -7.00523  5.66885   1.000 29.44795 ?  22  ASP A N   1 
ATOM   150  C CA  . ASP A 1 22  ? 18.56466  -6.98325  4.48184   1.000 31.17619 ?  22  ASP A CA  1 
ATOM   151  C C   . ASP A 1 22  ? 18.79795  -8.42301  4.04439   1.000 35.59146 ?  22  ASP A C   1 
ATOM   152  O O   . ASP A 1 22  ? 19.59322  -9.14753  4.65073   1.000 28.83271 ?  22  ASP A O   1 
ATOM   153  C CB  . ASP A 1 22  ? 19.87973  -6.26316  4.74605   1.000 32.16654 ?  22  ASP A CB  1 
ATOM   154  C CG  . ASP A 1 22  ? 20.79406  -6.26628  3.53599   1.000 37.28674 ?  22  ASP A CG  1 
ATOM   155  O OD1 . ASP A 1 22  ? 20.28224  -6.35089  2.39495   1.000 38.06351 ?  22  ASP A OD1 1 
ATOM   156  O OD2 . ASP A 1 22  ? 22.02530  -6.18184  3.72722   1.000 42.02790 -1 22  ASP A OD2 1 
ATOM   157  N N   . HIS A 1 23  ? 18.09016  -8.83142  2.99458   1.000 31.14602 ?  23  HIS A N   1 
ATOM   158  C CA  . HIS A 1 23  ? 18.27719  -10.13118 2.36143   1.000 30.59444 ?  23  HIS A CA  1 
ATOM   159  C C   . HIS A 1 23  ? 18.82626  -9.87400  0.96644   1.000 26.72866 ?  23  HIS A C   1 
ATOM   160  O O   . HIS A 1 23  ? 18.05510  -9.73682  0.00340   1.000 30.06417 ?  23  HIS A O   1 
ATOM   161  C CB  . HIS A 1 23  ? 16.96112  -10.90867 2.30839   1.000 32.94144 ?  23  HIS A CB  1 
ATOM   162  C CG  . HIS A 1 23  ? 16.39606  -11.22852 3.65789   1.000 35.74135 ?  23  HIS A CG  1 
ATOM   163  N ND1 . HIS A 1 23  ? 15.05979  -11.49828 3.86185   1.000 39.33754 ?  23  HIS A ND1 1 
ATOM   164  C CD2 . HIS A 1 23  ? 16.98909  -11.32872 4.87192   1.000 36.29316 ?  23  HIS A CD2 1 
ATOM   165  C CE1 . HIS A 1 23  ? 14.85321  -11.74978 5.14256   1.000 39.18022 ?  23  HIS A CE1 1 
ATOM   166  N NE2 . HIS A 1 23  ? 16.00778  -11.65260 5.77768   1.000 39.97388 ?  23  HIS A NE2 1 
ATOM   167  N N   . PRO A 1 24  ? 20.14918  -9.77486  0.80438   1.000 24.69109 ?  24  PRO A N   1 
ATOM   168  C CA  . PRO A 1 24  ? 20.70291  -9.37590  -0.50113  1.000 22.83669 ?  24  PRO A CA  1 
ATOM   169  C C   . PRO A 1 24  ? 20.49616  -10.40660 -1.59741  1.000 22.75877 ?  24  PRO A C   1 
ATOM   170  O O   . PRO A 1 24  ? 20.63341  -10.06026 -2.77895  1.000 23.70140 ?  24  PRO A O   1 
ATOM   171  C CB  . PRO A 1 24  ? 22.19356  -9.16509  -0.20169  1.000 21.23654 ?  24  PRO A CB  1 
ATOM   172  C CG  . PRO A 1 24  ? 22.45729  -10.01708 0.99671   1.000 26.72951 ?  24  PRO A CG  1 
ATOM   173  C CD  . PRO A 1 24  ? 21.19881  -9.99641  1.81334   1.000 26.33325 ?  24  PRO A CD  1 
ATOM   174  N N   . LYS A 1 25  ? 20.17471  -11.65374 -1.25271  1.000 23.63222 ?  25  LYS A N   1 
ATOM   175  C CA  . LYS A 1 25  ? 19.80932  -12.65546 -2.24658  1.000 23.97812 ?  25  LYS A CA  1 
ATOM   176  C C   . LYS A 1 25  ? 18.38179  -12.48978 -2.75724  1.000 25.84699 ?  25  LYS A C   1 
ATOM   177  O O   . LYS A 1 25  ? 17.97428  -13.23383 -3.65576  1.000 26.45164 ?  25  LYS A O   1 
ATOM   178  C CB  . LYS A 1 25  ? 19.98815  -14.06237 -1.67193  1.000 23.20305 ?  25  LYS A CB  1 
ATOM   179  C CG  . LYS A 1 25  ? 21.40818  -14.40004 -1.25688  1.000 23.81307 ?  25  LYS A CG  1 
ATOM   180  C CD  . LYS A 1 25  ? 21.46519  -15.75041 -0.55760  1.000 26.10375 ?  25  LYS A CD  1 
ATOM   181  C CE  . LYS A 1 25  ? 22.89609  -16.22102 -0.35030  1.000 26.02374 ?  25  LYS A CE  1 
ATOM   182  N NZ  . LYS A 1 25  ? 23.74935  -15.15998 0.25783   1.000 25.07871 ?  25  LYS A NZ  1 
ATOM   183  N N   . ASP A 1 26  ? 17.61725  -11.54176 -2.21314  1.000 27.74839 ?  26  ASP A N   1 
ATOM   184  C CA  . ASP A 1 26  ? 16.26409  -11.20581 -2.64173  1.000 31.32818 ?  26  ASP A CA  1 
ATOM   185  C C   . ASP A 1 26  ? 16.26520  -9.91467  -3.44404  1.000 27.91986 ?  26  ASP A C   1 
ATOM   186  O O   . ASP A 1 26  ? 16.98157  -8.97016  -3.09416  1.000 30.20219 ?  26  ASP A O   1 
ATOM   187  C CB  . ASP A 1 26  ? 15.33010  -11.03127 -1.44149  1.000 31.62324 ?  26  ASP A CB  1 
ATOM   188  C CG  . ASP A 1 26  ? 15.01100  -12.33833 -0.74923  1.000 31.21755 ?  26  ASP A CG  1 
ATOM   189  O OD1 . ASP A 1 26  ? 15.42371  -13.40087 -1.25375  1.000 29.40080 ?  26  ASP A OD1 1 
ATOM   190  O OD2 . ASP A 1 26  ? 14.34184  -12.29739 0.30507   1.000 34.88768 -1 26  ASP A OD2 1 
ATOM   191  N N   . PRO A 1 27  ? 15.48064  -9.81626  -4.51483  1.000 30.26719 ?  27  PRO A N   1 
ATOM   192  C CA  . PRO A 1 27  ? 15.33262  -8.52429  -5.19029  1.000 30.68322 ?  27  PRO A CA  1 
ATOM   193  C C   . PRO A 1 27  ? 14.64580  -7.52423  -4.27537  1.000 33.15247 ?  27  PRO A C   1 
ATOM   194  O O   . PRO A 1 27  ? 13.92830  -7.88635  -3.34107  1.000 35.41574 ?  27  PRO A O   1 
ATOM   195  C CB  . PRO A 1 27  ? 14.46746  -8.85002  -6.41323  1.000 33.96509 ?  27  PRO A CB  1 
ATOM   196  C CG  . PRO A 1 27  ? 13.75029  -10.10447 -6.04837  1.000 27.23258 ?  27  PRO A CG  1 
ATOM   197  C CD  . PRO A 1 27  ? 14.68190  -10.87421 -5.15620  1.000 26.56657 ?  27  PRO A CD  1 
ATOM   198  N N   . GLY A 1 28  ? 14.89105  -6.24040  -4.54645  1.000 32.38249 ?  28  GLY A N   1 
ATOM   199  C CA  . GLY A 1 28  ? 14.32219  -5.14850  -3.78350  1.000 34.68548 ?  28  GLY A CA  1 
ATOM   200  C C   . GLY A 1 28  ? 15.31100  -4.46253  -2.85784  1.000 36.25149 ?  28  GLY A C   1 
ATOM   201  O O   . GLY A 1 28  ? 15.17556  -3.25847  -2.60381  1.000 33.07162 ?  28  GLY A O   1 
ATOM   202  N N   . GLY A 1 29  ? 16.29588  -5.19557  -2.34666  1.000 32.18198 ?  29  GLY A N   1 
ATOM   203  C CA  . GLY A 1 29  ? 17.28843  -4.59206  -1.48159  1.000 37.80256 ?  29  GLY A CA  1 
ATOM   204  C C   . GLY A 1 29  ? 16.78171  -4.37018  -0.06582  1.000 35.00450 ?  29  GLY A C   1 
ATOM   205  O O   . GLY A 1 29  ? 15.64824  -4.69378  0.29361   1.000 31.95283 ?  29  GLY A O   1 
ATOM   206  N N   . ALA A 1 30  ? 17.65280  -3.77825  0.74853   1.000 34.27674 ?  30  ALA A N   1 
ATOM   207  C CA  . ALA A 1 30  ? 17.41556  -3.69877  2.18296   1.000 28.03796 ?  30  ALA A CA  1 
ATOM   208  C C   . ALA A 1 30  ? 16.33264  -2.67762  2.51586   1.000 23.68121 ?  30  ALA A C   1 
ATOM   209  O O   . ALA A 1 30  ? 16.17164  -1.65639  1.84062   1.000 23.23353 ?  30  ALA A O   1 
ATOM   210  C CB  . ALA A 1 30  ? 18.70945  -3.34735  2.91652   1.000 25.41885 ?  30  ALA A CB  1 
ATOM   211  N N   . THR A 1 31  ? 15.58465  -2.96990  3.57843   1.000 23.02178 ?  31  THR A N   1 
ATOM   212  C CA  . THR A 1 31  ? 14.49516  -2.12436  4.03756   1.000 20.82161 ?  31  THR A CA  1 
ATOM   213  C C   . THR A 1 31  ? 14.60463  -1.90169  5.54047   1.000 21.68010 ?  31  THR A C   1 
ATOM   214  O O   . THR A 1 31  ? 15.17164  -2.71613  6.27400   1.000 24.68212 ?  31  THR A O   1 
ATOM   215  C CB  . THR A 1 31  ? 13.12343  -2.74013  3.72849   1.000 24.74062 ?  31  THR A CB  1 
ATOM   216  O OG1 . THR A 1 31  ? 12.98162  -3.96357  4.46042   1.000 23.19497 ?  31  THR A OG1 1 
ATOM   217  C CG2 . THR A 1 31  ? 12.97097  -3.02310  2.23790   1.000 22.16175 ?  31  THR A CG2 1 
ATOM   218  N N   . ASN A 1 32  ? 14.04360  -0.78142  5.99131   1.000 18.47603 ?  32  ASN A N   1 
ATOM   219  C CA  . ASN A 1 32  ? 13.87127  -0.49713  7.41095   1.000 21.65952 ?  32  ASN A CA  1 
ATOM   220  C C   . ASN A 1 32  ? 12.43299  -0.05605  7.62996   1.000 19.87476 ?  32  ASN A C   1 
ATOM   221  O O   . ASN A 1 32  ? 11.98981  0.93385   7.03672   1.000 15.22812 ?  32  ASN A O   1 
ATOM   222  C CB  . ASN A 1 32  ? 14.84703  0.57856   7.89440   1.000 20.32452 ?  32  ASN A CB  1 
ATOM   223  C CG  . ASN A 1 32  ? 14.99635  0.58873   9.40604   1.000 20.39611 ?  32  ASN A CG  1 
ATOM   224  O OD1 . ASN A 1 32  ? 14.17931  0.01214   10.12370  1.000 19.08399 ?  32  ASN A OD1 1 
ATOM   225  N ND2 . ASN A 1 32  ? 16.04922  1.23651   9.89574   1.000 22.21719 ?  32  ASN A ND2 1 
ATOM   226  N N   . MET A 1 33  ? 11.70892  -0.79246  8.47463   1.000 17.64360 ?  33  MET A N   1 
ATOM   227  C CA  . MET A 1 33  ? 10.28007  -0.56404  8.68671   1.000 19.57815 ?  33  MET A CA  1 
ATOM   228  C C   . MET A 1 33  ? 9.51923   -0.57886  7.36371   1.000 20.84412 ?  33  MET A C   1 
ATOM   229  O O   . MET A 1 33  ? 8.53057   0.13872   7.18419   1.000 19.89919 ?  33  MET A O   1 
ATOM   230  C CB  . MET A 1 33  ? 10.03870  0.74249   9.44619   1.000 16.70477 ?  33  MET A CB  1 
ATOM   231  C CG  . MET A 1 33  ? 10.76239  0.80118   10.77910  1.000 16.18628 ?  33  MET A CG  1 
ATOM   232  S SD  . MET A 1 33  ? 10.94965  2.47267   11.40485  1.000 22.35766 ?  33  MET A SD  1 
ATOM   233  C CE  . MET A 1 33  ? 12.27647  3.07482   10.35507  1.000 16.72961 ?  33  MET A CE  1 
ATOM   234  N N   . GLY A 1 34  ? 9.98932   -1.39645  6.42198   1.000 21.24448 ?  34  GLY A N   1 
ATOM   235  C CA  . GLY A 1 34  ? 9.37334   -1.51737  5.11995   1.000 17.79497 ?  34  GLY A CA  1 
ATOM   236  C C   . GLY A 1 34  ? 9.84840   -0.52071  4.08335   1.000 18.15678 ?  34  GLY A C   1 
ATOM   237  O O   . GLY A 1 34  ? 9.49877   -0.66545  2.90531   1.000 20.74654 ?  34  GLY A O   1 
ATOM   238  N N   . ILE A 1 35  ? 10.63546  0.47658   4.47270   1.000 20.38503 ?  35  ILE A N   1 
ATOM   239  C CA  . ILE A 1 35  ? 11.08175  1.52444   3.55984   1.000 19.62860 ?  35  ILE A CA  1 
ATOM   240  C C   . ILE A 1 35  ? 12.31861  1.04197   2.80903   1.000 18.72122 ?  35  ILE A C   1 
ATOM   241  O O   . ILE A 1 35  ? 13.32688  0.68160   3.42625   1.000 20.06387 ?  35  ILE A O   1 
ATOM   242  C CB  . ILE A 1 35  ? 11.37307  2.82656   4.31962   1.000 18.86119 ?  35  ILE A CB  1 
ATOM   243  C CG1 . ILE A 1 35  ? 10.14184  3.26150   5.11615   1.000 20.01888 ?  35  ILE A CG1 1 
ATOM   244  C CG2 . ILE A 1 35  ? 11.81311  3.92122   3.35633   1.000 18.51436 ?  35  ILE A CG2 1 
ATOM   245  C CD1 . ILE A 1 35  ? 9.01690   3.77434   4.25082   1.000 19.62988 ?  35  ILE A CD1 1 
ATOM   246  N N   . THR A 1 36  ? 12.25109  1.05035   1.47616   1.000 19.08655 ?  36  THR A N   1 
ATOM   247  C CA  . THR A 1 36  ? 13.37073  0.60181   0.66212   1.000 16.25548 ?  36  THR A CA  1 
ATOM   248  C C   . THR A 1 36  ? 14.35284  1.74065   0.41949   1.000 19.58819 ?  36  THR A C   1 
ATOM   249  O O   . THR A 1 36  ? 14.08610  2.91095   0.71500   1.000 18.50529 ?  36  THR A O   1 
ATOM   250  C CB  . THR A 1 36  ? 12.90170  0.05865   -0.68676  1.000 20.88291 ?  36  THR A CB  1 
ATOM   251  O OG1 . THR A 1 36  ? 12.47686  1.14864   -1.51790  1.000 16.82916 ?  36  THR A OG1 1 
ATOM   252  C CG2 . THR A 1 36  ? 11.75846  -0.92863  -0.50597  1.000 19.72867 ?  36  THR A CG2 1 
ATOM   253  N N   . LEU A 1 37  ? 15.50181  1.37909   -0.15633  1.000 15.46296 ?  37  LEU A N   1 
ATOM   254  C CA  . LEU A 1 37  ? 16.54297  2.36623   -0.41362  1.000 21.69138 ?  37  LEU A CA  1 
ATOM   255  C C   . LEU A 1 37  ? 16.09610  3.37921   -1.45998  1.000 18.87344 ?  37  LEU A C   1 
ATOM   256  O O   . LEU A 1 37  ? 16.36802  4.57918   -1.32677  1.000 18.68929 ?  37  LEU A O   1 
ATOM   257  C CB  . LEU A 1 37  ? 17.82666  1.66222   -0.85128  1.000 20.69242 ?  37  LEU A CB  1 
ATOM   258  C CG  . LEU A 1 37  ? 19.07052  2.53282   -0.99817  1.000 18.06453 ?  37  LEU A CG  1 
ATOM   259  C CD1 . LEU A 1 37  ? 20.28490  1.79521   -0.45960  1.000 22.75213 ?  37  LEU A CD1 1 
ATOM   260  C CD2 . LEU A 1 37  ? 19.28031  2.92735   -2.44964  1.000 22.23873 ?  37  LEU A CD2 1 
ATOM   261  N N   . ALA A 1 38  ? 15.41169  2.91482   -2.50920  1.000 20.83195 ?  38  ALA A N   1 
ATOM   262  C CA  . ALA A 1 38  ? 14.96207  3.81980   -3.56246  1.000 14.49782 ?  38  ALA A CA  1 
ATOM   263  C C   . ALA A 1 38  ? 13.93023  4.80144   -3.03175  1.000 15.76667 ?  38  ALA A C   1 
ATOM   264  O O   . ALA A 1 38  ? 13.90251  5.96963   -3.43499  1.000 17.76957 ?  38  ALA A O   1 
ATOM   265  C CB  . ALA A 1 38  ? 14.38537  3.02067   -4.72988  1.000 17.02739 ?  38  ALA A CB  1 
ATOM   266  N N   . THR A 1 39  ? 13.07705  4.34686   -2.11827  1.000 15.19153 ?  39  THR A N   1 
ATOM   267  C CA  . THR A 1 39  ? 12.07162  5.23739   -1.55171  1.000 16.94830 ?  39  THR A CA  1 
ATOM   268  C C   . THR A 1 39  ? 12.71346  6.28680   -0.65244  1.000 15.96210 ?  39  THR A C   1 
ATOM   269  O O   . THR A 1 39  ? 12.32993  7.46059   -0.69271  1.000 17.44681 ?  39  THR A O   1 
ATOM   270  C CB  . THR A 1 39  ? 11.02605  4.41735   -0.79776  1.000 18.61101 ?  39  THR A CB  1 
ATOM   271  O OG1 . THR A 1 39  ? 10.29340  3.62126   -1.73755  1.000 19.08182 ?  39  THR A OG1 1 
ATOM   272  C CG2 . THR A 1 39  ? 10.05110  5.32149   -0.04103  1.000 17.55567 ?  39  THR A CG2 1 
ATOM   273  N N   . LEU A 1 40  ? 13.70794  5.89378   0.14994   1.000 14.90760 ?  40  LEU A N   1 
ATOM   274  C CA  . LEU A 1 40  ? 14.41457  6.88249   0.95893   1.000 15.64843 ?  40  LEU A CA  1 
ATOM   275  C C   . LEU A 1 40  ? 15.20111  7.83785   0.07206   1.000 15.07779 ?  40  LEU A C   1 
ATOM   276  O O   . LEU A 1 40  ? 15.31855  9.02942   0.37623   1.000 15.27042 ?  40  LEU A O   1 
ATOM   277  C CB  . LEU A 1 40  ? 15.34505  6.18919   1.95518   1.000 16.46488 ?  40  LEU A CB  1 
ATOM   278  C CG  . LEU A 1 40  ? 16.06324  7.10669   2.95270   1.000 16.23107 ?  40  LEU A CG  1 
ATOM   279  C CD1 . LEU A 1 40  ? 15.06974  8.01482   3.67272   1.000 17.44039 ?  40  LEU A CD1 1 
ATOM   280  C CD2 . LEU A 1 40  ? 16.85533  6.28586   3.96219   1.000 16.80564 ?  40  LEU A CD2 1 
ATOM   281  N N   . SER A 1 41  ? 15.74904  7.33054   -1.03145  1.000 12.90347 ?  41  SER A N   1 
ATOM   282  C CA  . SER A 1 41  ? 16.44251  8.20017   -1.97747  1.000 16.60081 ?  41  SER A CA  1 
ATOM   283  C C   . SER A 1 41  ? 15.49805  9.25783   -2.54755  1.000 15.58323 ?  41  SER A C   1 
ATOM   284  O O   . SER A 1 41  ? 15.86299  10.43844  -2.65734  1.000 17.26672 ?  41  SER A O   1 
ATOM   285  C CB  . SER A 1 41  ? 17.05838  7.35733   -3.09529  1.000 14.87212 ?  41  SER A CB  1 
ATOM   286  O OG  . SER A 1 41  ? 18.16072  6.62375   -2.60058  1.000 18.34727 ?  41  SER A OG  1 
ATOM   287  N N   . ALA A 1 42  ? 14.27081  8.85382   -2.89107  1.000 15.80943 ?  42  ALA A N   1 
ATOM   288  C CA  . ALA A 1 42  ? 13.27836  9.80034   -3.38912  1.000 15.55855 ?  42  ALA A CA  1 
ATOM   289  C C   . ALA A 1 42  ? 12.94626  10.85895  -2.34620  1.000 17.28235 ?  42  ALA A C   1 
ATOM   290  O O   . ALA A 1 42  ? 12.69234  12.02043  -2.68805  1.000 19.72178 ?  42  ALA A O   1 
ATOM   291  C CB  . ALA A 1 42  ? 12.01748  9.05270   -3.81159  1.000 17.26953 ?  42  ALA A CB  1 
ATOM   292  N N   . TRP A 1 43  ? 12.92342  10.47513  -1.06887  1.000 16.48257 ?  43  TRP A N   1 
ATOM   293  C CA  . TRP A 1 43  ? 12.64436  11.44372  -0.01514  1.000 14.81599 ?  43  TRP A CA  1 
ATOM   294  C C   . TRP A 1 43  ? 13.80395  12.41523  0.16107   1.000 19.76752 ?  43  TRP A C   1 
ATOM   295  O O   . TRP A 1 43  ? 13.59126  13.62787  0.28599   1.000 17.65792 ?  43  TRP A O   1 
ATOM   296  C CB  . TRP A 1 43  ? 12.35333  10.71919  1.29855   1.000 14.18493 ?  43  TRP A CB  1 
ATOM   297  C CG  . TRP A 1 43  ? 11.83446  11.61437  2.37786   1.000 18.23633 ?  43  TRP A CG  1 
ATOM   298  C CD1 . TRP A 1 43  ? 12.55887  12.20623  3.37750   1.000 21.19425 ?  43  TRP A CD1 1 
ATOM   299  C CD2 . TRP A 1 43  ? 10.47909  12.02991  2.56701   1.000 18.67162 ?  43  TRP A CD2 1 
ATOM   300  N NE1 . TRP A 1 43  ? 11.73443  12.95744  4.17773   1.000 20.10470 ?  43  TRP A NE1 1 
ATOM   301  C CE2 . TRP A 1 43  ? 10.45268  12.86498  3.70242   1.000 21.49282 ?  43  TRP A CE2 1 
ATOM   302  C CE3 . TRP A 1 43  ? 9.28184   11.77285  1.88894   1.000 17.44374 ?  43  TRP A CE3 1 
ATOM   303  C CZ2 . TRP A 1 43  ? 9.27766   13.44409  4.17384   1.000 22.18672 ?  43  TRP A CZ2 1 
ATOM   304  C CZ3 . TRP A 1 43  ? 8.12097   12.34466  2.36085   1.000 20.94657 ?  43  TRP A CZ3 1 
ATOM   305  C CH2 . TRP A 1 43  ? 8.12531   13.17042  3.49175   1.000 19.76592 ?  43  TRP A CH2 1 
ATOM   306  N N   . GLU A 1 44  ? 15.03788  11.90191  0.16076   1.000 19.31625 ?  44  GLU A N   1 
ATOM   307  C CA  . GLU A 1 44  ? 16.22241  12.71350  0.41885   1.000 18.72393 ?  44  GLU A CA  1 
ATOM   308  C C   . GLU A 1 44  ? 16.70330  13.50208  -0.79552  1.000 17.68145 ?  44  GLU A C   1 
ATOM   309  O O   . GLU A 1 44  ? 17.54758  14.38970  -0.63609  1.000 20.69667 ?  44  GLU A O   1 
ATOM   310  C CB  . GLU A 1 44  ? 17.36559  11.82733  0.92670   1.000 17.57561 ?  44  GLU A CB  1 
ATOM   311  C CG  . GLU A 1 44  ? 17.12315  11.22681  2.30390   1.000 21.05391 ?  44  GLU A CG  1 
ATOM   312  C CD  . GLU A 1 44  ? 16.99752  12.29303  3.37999   1.000 27.42562 ?  44  GLU A CD  1 
ATOM   313  O OE1 . GLU A 1 44  ? 17.99613  12.99963  3.64754   1.000 24.65041 ?  44  GLU A OE1 1 
ATOM   314  O OE2 . GLU A 1 44  ? 15.89293  12.43376  3.94877   1.000 26.38133 -1 44  GLU A OE2 1 
ATOM   315  N N   . GLY A 1 45  ? 16.21130  13.20439  -1.99402  1.000 16.21130 ?  45  GLY A N   1 
ATOM   316  C CA  . GLY A 1 45  ? 16.67098  13.91932  -3.17279  1.000 18.02846 ?  45  GLY A CA  1 
ATOM   317  C C   . GLY A 1 45  ? 18.06088  13.53584  -3.63470  1.000 19.13277 ?  45  GLY A C   1 
ATOM   318  O O   . GLY A 1 45  ? 18.73300  14.33728  -4.29628  1.000 19.00566 ?  45  GLY A O   1 
ATOM   319  N N   . ARG A 1 46  ? 18.51002  12.32775  -3.30385  1.000 17.23266 ?  46  ARG A N   1 
ATOM   320  C CA  . ARG A 1 46  ? 19.82794  11.82389  -3.67566  1.000 20.77216 ?  46  ARG A CA  1 
ATOM   321  C C   . ARG A 1 46  ? 19.86113  10.33277  -3.37785  1.000 20.32008 ?  46  ARG A C   1 
ATOM   322  O O   . ARG A 1 46  ? 19.12220  9.85208   -2.51569  1.000 17.90844 ?  46  ARG A O   1 
ATOM   323  C CB  . ARG A 1 46  ? 20.94573  12.55040  -2.91004  1.000 18.04714 ?  46  ARG A CB  1 
ATOM   324  C CG  . ARG A 1 46  ? 20.61318  12.83705  -1.44689  1.000 20.79945 ?  46  ARG A CG  1 
ATOM   325  C CD  . ARG A 1 46  ? 21.85375  13.21292  -0.64554  1.000 25.95768 ?  46  ARG A CD  1 
ATOM   326  N NE  . ARG A 1 46  ? 22.78626  12.09425  -0.55162  1.000 27.84576 ?  46  ARG A NE  1 
ATOM   327  C CZ  . ARG A 1 46  ? 22.80403  11.21605  0.44725   1.000 25.44928 ?  46  ARG A CZ  1 
ATOM   328  N NH1 . ARG A 1 46  ? 21.94235  11.32796  1.44640   1.000 22.23948 ?  46  ARG A NH1 1 
ATOM   329  N NH2 . ARG A 1 46  ? 23.68318  10.22212  0.44536   1.000 24.43510 ?  46  ARG A NH2 1 
ATOM   330  N N   . LYS A 1 47  ? 20.72618  9.60983   -4.08750  1.000 17.31859 ?  47  LYS A N   1 
ATOM   331  C CA  . LYS A 1 47  ? 20.87429  8.17141   -3.86997  1.000 23.61277 ?  47  LYS A CA  1 
ATOM   332  C C   . LYS A 1 47  ? 21.51741  7.92761   -2.50851  1.000 21.21643 ?  47  LYS A C   1 
ATOM   333  O O   . LYS A 1 47  ? 22.67782  8.28860   -2.29065  1.000 22.63123 ?  47  LYS A O   1 
ATOM   334  C CB  . LYS A 1 47  ? 21.70605  7.55119   -4.99081  1.000 24.41509 ?  47  LYS A CB  1 
ATOM   335  C CG  . LYS A 1 47  ? 21.93582  6.05013   -4.84194  1.000 27.70770 ?  47  LYS A CG  1 
ATOM   336  C CD  . LYS A 1 47  ? 22.47094  5.42883   -6.13369  1.000 39.37828 ?  47  LYS A CD  1 
ATOM   337  C CE  . LYS A 1 47  ? 22.48680  3.89844   -6.06723  1.000 37.11734 ?  47  LYS A CE  1 
ATOM   338  N NZ  . LYS A 1 47  ? 21.13200  3.31901   -5.81119  1.000 43.18674 ?  47  LYS A NZ  1 
ATOM   339  N N   . VAL A 1 48  ? 20.77505  7.30889   -1.58982  1.000 17.16708 ?  48  VAL A N   1 
ATOM   340  C CA  . VAL A 1 48  ? 21.26504  7.09781   -0.23432  1.000 18.72457 ?  48  VAL A CA  1 
ATOM   341  C C   . VAL A 1 48  ? 21.99591  5.76411   -0.15034  1.000 23.87074 ?  48  VAL A C   1 
ATOM   342  O O   . VAL A 1 48  ? 21.86329  4.89102   -1.01056  1.000 21.52897 ?  48  VAL A O   1 
ATOM   343  C CB  . VAL A 1 48  ? 20.13050  7.15938   0.81017   1.000 19.90232 ?  48  VAL A CB  1 
ATOM   344  C CG1 . VAL A 1 48  ? 19.40205  8.50029   0.74217   1.000 18.93966 ?  48  VAL A CG1 1 
ATOM   345  C CG2 . VAL A 1 48  ? 19.16794  5.99273   0.61946   1.000 18.13031 ?  48  VAL A CG2 1 
ATOM   346  N N   . SER A 1 49  ? 22.76266  5.60787   0.92284   1.000 20.82752 ?  49  SER A N   1 
ATOM   347  C CA  . SER A 1 49  ? 23.51338  4.39770   1.21105   1.000 23.79320 ?  49  SER A CA  1 
ATOM   348  C C   . SER A 1 49  ? 22.68297  3.41709   2.03704   1.000 24.20939 ?  49  SER A C   1 
ATOM   349  O O   . SER A 1 49  ? 21.64147  3.76003   2.60116   1.000 20.31995 ?  49  SER A O   1 
ATOM   350  C CB  . SER A 1 49  ? 24.79629  4.75328   1.95651   1.000 23.49452 ?  49  SER A CB  1 
ATOM   351  O OG  . SER A 1 49  ? 24.50232  5.05256   3.30940   1.000 26.41397 ?  49  SER A OG  1 
ATOM   352  N N   . LYS A 1 50  ? 23.17016  2.17387   2.11076   1.000 23.04228 ?  50  LYS A N   1 
ATOM   353  C CA  . LYS A 1 50  ? 22.53695  1.17640   2.96819   1.000 20.77580 ?  50  LYS A CA  1 
ATOM   354  C C   . LYS A 1 50  ? 22.56572  1.60667   4.42989   1.000 22.02811 ?  50  LYS A C   1 
ATOM   355  O O   . LYS A 1 50  ? 21.61296  1.35491   5.17896   1.000 21.97130 ?  50  LYS A O   1 
ATOM   356  C CB  . LYS A 1 50  ? 23.22260  -0.18074  2.79503   1.000 25.47065 ?  50  LYS A CB  1 
ATOM   357  C CG  . LYS A 1 50  ? 22.54579  -1.08655  1.77521   1.000 29.68950 ?  50  LYS A CG  1 
ATOM   358  C CD  . LYS A 1 50  ? 23.42908  -2.26606  1.38941   1.000 35.64378 ?  50  LYS A CD  1 
ATOM   359  C CE  . LYS A 1 50  ? 22.74994  -3.58661  1.71604   1.000 34.78866 ?  50  LYS A CE  1 
ATOM   360  N NZ  . LYS A 1 50  ? 23.39818  -4.74366  1.03336   1.000 42.09999 ?  50  LYS A NZ  1 
ATOM   361  N N   . ALA A 1 51  ? 23.65411  2.25165   4.85825   1.000 20.72463 ?  51  ALA A N   1 
ATOM   362  C CA  . ALA A 1 51  ? 23.72964  2.72940   6.23674   1.000 19.98539 ?  51  ALA A CA  1 
ATOM   363  C C   . ALA A 1 51  ? 22.64439  3.75489   6.53330   1.000 20.01808 ?  51  ALA A C   1 
ATOM   364  O O   . ALA A 1 51  ? 22.12988  3.80910   7.65652   1.000 18.87362 ?  51  ALA A O   1 
ATOM   365  C CB  . ALA A 1 51  ? 25.11155  3.32755   6.51349   1.000 21.42887 ?  51  ALA A CB  1 
ATOM   366  N N   . GLU A 1 52  ? 22.28812  4.57762   5.54486   1.000 19.92289 ?  52  GLU A N   1 
ATOM   367  C CA  . GLU A 1 52  ? 21.23819  5.56902   5.75399   1.000 22.64731 ?  52  GLU A CA  1 
ATOM   368  C C   . GLU A 1 52  ? 19.88294  4.89718   5.94208   1.000 18.39168 ?  52  GLU A C   1 
ATOM   369  O O   . GLU A 1 52  ? 19.07958  5.32989   6.77532   1.000 19.00862 ?  52  GLU A O   1 
ATOM   370  C CB  . GLU A 1 52  ? 21.20755  6.55402   4.58008   1.000 21.67027 ?  52  GLU A CB  1 
ATOM   371  C CG  . GLU A 1 52  ? 22.24930  7.67052   4.68928   1.000 25.01479 ?  52  GLU A CG  1 
ATOM   372  C CD  . GLU A 1 52  ? 22.43793  8.44424   3.39322   1.000 26.80500 ?  52  GLU A CD  1 
ATOM   373  O OE1 . GLU A 1 52  ? 23.06073  7.90662   2.45155   1.000 25.90119 ?  52  GLU A OE1 1 
ATOM   374  O OE2 . GLU A 1 52  ? 21.95514  9.59518   3.31526   1.000 28.38591 -1 52  GLU A OE2 1 
ATOM   375  N N   . VAL A 1 53  ? 19.61461  3.83428   5.18066   1.000 19.86866 ?  53  VAL A N   1 
ATOM   376  C CA  . VAL A 1 53  ? 18.39530  3.05858   5.39249   1.000 20.42490 ?  53  VAL A CA  1 
ATOM   377  C C   . VAL A 1 53  ? 18.41280  2.41559   6.77297   1.000 18.95469 ?  53  VAL A C   1 
ATOM   378  O O   . VAL A 1 53  ? 17.41049  2.43232   7.49713   1.000 17.63050 ?  53  VAL A O   1 
ATOM   379  C CB  . VAL A 1 53  ? 18.23063  2.01152   4.27600   1.000 17.52620 ?  53  VAL A CB  1 
ATOM   380  C CG1 . VAL A 1 53  ? 17.05682  1.08639   4.57515   1.000 21.70711 ?  53  VAL A CG1 1 
ATOM   381  C CG2 . VAL A 1 53  ? 18.04027  2.70404   2.93853   1.000 19.36552 ?  53  VAL A CG2 1 
ATOM   382  N N   . LYS A 1 54  ? 19.56119  1.86077   7.16703   1.000 19.69768 ?  54  LYS A N   1 
ATOM   383  C CA  . LYS A 1 54  ? 19.68405  1.23733   8.47951   1.000 20.44624 ?  54  LYS A CA  1 
ATOM   384  C C   . LYS A 1 54  ? 19.46483  2.23806   9.61189   1.000 20.09298 ?  54  LYS A C   1 
ATOM   385  O O   . LYS A 1 54  ? 18.92455  1.87236   10.66309  1.000 18.09401 ?  54  LYS A O   1 
ATOM   386  C CB  . LYS A 1 54  ? 21.05791  0.57271   8.60129   1.000 21.14909 ?  54  LYS A CB  1 
ATOM   387  C CG  . LYS A 1 54  ? 21.21034  -0.36279  9.77942   1.000 24.27565 ?  54  LYS A CG  1 
ATOM   388  C CD  . LYS A 1 54  ? 22.43768  -1.25094  9.61331   1.000 27.86040 ?  54  LYS A CD  1 
ATOM   389  C CE  . LYS A 1 54  ? 22.45224  -2.38092  10.63259  1.000 28.43231 ?  54  LYS A CE  1 
ATOM   390  N NZ  . LYS A 1 54  ? 23.02896  -1.94670  11.93865  1.000 40.82841 ?  54  LYS A NZ  1 
ATOM   391  N N   . ALA A 1 55  ? 19.85349  3.49928   9.42037   1.000 16.01271 ?  55  ALA A N   1 
ATOM   392  C CA  . ALA A 1 55  ? 19.67751  4.51521   10.45117  1.000 17.68573 ?  55  ALA A CA  1 
ATOM   393  C C   . ALA A 1 55  ? 18.32902  5.22900   10.38561  1.000 17.57970 ?  55  ALA A C   1 
ATOM   394  O O   . ALA A 1 55  ? 18.07244  6.09626   11.22464  1.000 16.47899 ?  55  ALA A O   1 
ATOM   395  C CB  . ALA A 1 55  ? 20.80478  5.55336   10.37098  1.000 20.78941 ?  55  ALA A CB  1 
ATOM   396  N N   . LEU A 1 56  ? 17.46777  4.89054   9.42453   1.000 17.48814 ?  56  LEU A N   1 
ATOM   397  C CA  . LEU A 1 56  ? 16.17967  5.56458   9.27464   1.000 16.72035 ?  56  LEU A CA  1 
ATOM   398  C C   . LEU A 1 56  ? 15.40440  5.59047   10.58678  1.000 18.89828 ?  56  LEU A C   1 
ATOM   399  O O   . LEU A 1 56  ? 15.29339  4.57343   11.27608  1.000 20.36428 ?  56  LEU A O   1 
ATOM   400  C CB  . LEU A 1 56  ? 15.34876  4.86459   8.19757   1.000 16.60041 ?  56  LEU A CB  1 
ATOM   401  C CG  . LEU A 1 56  ? 14.00747  5.51214   7.83755   1.000 17.09859 ?  56  LEU A CG  1 
ATOM   402  C CD1 . LEU A 1 56  ? 14.21528  6.92801   7.33687   1.000 15.79640 ?  56  LEU A CD1 1 
ATOM   403  C CD2 . LEU A 1 56  ? 13.27212  4.68401   6.79203   1.000 15.53946 ?  56  LEU A CD2 1 
ATOM   404  N N   . THR A 1 57  ? 14.87052  6.76257   10.92696  1.000 18.57004 ?  57  THR A N   1 
ATOM   405  C CA  . THR A 1 57  ? 14.05301  6.93319   12.11850  1.000 18.54499 ?  57  THR A CA  1 
ATOM   406  C C   . THR A 1 57  ? 12.59679  6.59413   11.81527  1.000 20.82486 ?  57  THR A C   1 
ATOM   407  O O   . THR A 1 57  ? 12.14089  6.66716   10.67267  1.000 16.84720 ?  57  THR A O   1 
ATOM   408  C CB  . THR A 1 57  ? 14.13181  8.36857   12.65558  1.000 21.59273 ?  57  THR A CB  1 
ATOM   409  O OG1 . THR A 1 57  ? 13.40074  9.25204   11.78802  1.000 18.61876 ?  57  THR A OG1 1 
ATOM   410  C CG2 . THR A 1 57  ? 15.57980  8.84344   12.76429  1.000 23.05371 ?  57  THR A CG2 1 
ATOM   411  N N   . LYS A 1 58  ? 11.86213  6.22818   12.86824  1.000 21.14942 ?  58  LYS A N   1 
ATOM   412  C CA  . LYS A 1 58  ? 10.43956  5.95083   12.70236  1.000 21.41039 ?  58  LYS A CA  1 
ATOM   413  C C   . LYS A 1 58  ? 9.66494   7.20878   12.32485  1.000 19.76137 ?  58  LYS A C   1 
ATOM   414  O O   . LYS A 1 58  ? 8.68521   7.12616   11.57704  1.000 19.69720 ?  58  LYS A O   1 
ATOM   415  C CB  . LYS A 1 58  ? 9.86951   5.32835   13.97880  1.000 24.90701 ?  58  LYS A CB  1 
ATOM   416  C CG  . LYS A 1 58  ? 8.44366   4.81488   13.84260  1.000 24.68132 ?  58  LYS A CG  1 
ATOM   417  C CD  . LYS A 1 58  ? 7.99748   4.04571   15.08549  1.000 28.05375 ?  58  LYS A CD  1 
ATOM   418  C CE  . LYS A 1 58  ? 6.63410   3.40159   14.87357  1.000 27.25945 ?  58  LYS A CE  1 
ATOM   419  N NZ  . LYS A 1 58  ? 6.06541   2.84271   16.13434  1.000 26.19687 ?  58  LYS A NZ  1 
ATOM   420  N N   . THR A 1 59  ? 10.09014  8.37598   12.81409  1.000 19.33821 ?  59  THR A N   1 
ATOM   421  C CA  . THR A 1 59  ? 9.42586   9.62064   12.43819  1.000 19.62951 ?  59  THR A CA  1 
ATOM   422  C C   . THR A 1 59  ? 9.52533   9.86421   10.93784  1.000 18.66349 ?  59  THR A C   1 
ATOM   423  O O   . THR A 1 59  ? 8.53264   10.20960  10.28761  1.000 18.70281 ?  59  THR A O   1 
ATOM   424  C CB  . THR A 1 59  ? 10.02339  10.79933  13.20689  1.000 27.72924 ?  59  THR A CB  1 
ATOM   425  O OG1 . THR A 1 59  ? 9.68353   10.68579  14.58974  1.000 28.24190 ?  59  THR A OG1 1 
ATOM   426  C CG2 . THR A 1 59  ? 9.47452   12.12481  12.66973  1.000 25.49847 ?  59  THR A CG2 1 
ATOM   427  N N   . LYS A 1 60  ? 10.71979  9.69143   10.36487  1.000 18.79937 ?  60  LYS A N   1 
ATOM   428  C CA  . LYS A 1 60  ? 10.85584  9.90186   8.92816   1.000 18.40223 ?  60  LYS A CA  1 
ATOM   429  C C   . LYS A 1 60  ? 10.11024  8.82947   8.14518   1.000 18.23065 ?  60  LYS A C   1 
ATOM   430  O O   . LYS A 1 60  ? 9.48098   9.12898   7.12554   1.000 16.57043 ?  60  LYS A O   1 
ATOM   431  C CB  . LYS A 1 60  ? 12.32856  9.94098   8.51838   1.000 18.48880 ?  60  LYS A CB  1 
ATOM   432  C CG  . LYS A 1 60  ? 12.52246  10.36553  7.06156   1.000 21.54838 ?  60  LYS A CG  1 
ATOM   433  C CD  . LYS A 1 60  ? 13.98343  10.38923  6.65686   1.000 22.05480 ?  60  LYS A CD  1 
ATOM   434  C CE  . LYS A 1 60  ? 14.64041  11.70662  7.01470   1.000 24.32720 ?  60  LYS A CE  1 
ATOM   435  N NZ  . LYS A 1 60  ? 15.99664  11.79455  6.40445   1.000 26.14810 ?  60  LYS A NZ  1 
ATOM   436  N N   . ALA A 1 61  ? 10.17092  7.57340   8.60233   1.000 17.46714 ?  61  ALA A N   1 
ATOM   437  C CA  . ALA A 1 61  ? 9.38908   6.51962   7.95868   1.000 18.66869 ?  61  ALA A CA  1 
ATOM   438  C C   . ALA A 1 61  ? 7.90406   6.85671   7.96865   1.000 15.25975 ?  61  ALA A C   1 
ATOM   439  O O   . ALA A 1 61  ? 7.20394   6.64761   6.97093   1.000 15.71902 ?  61  ALA A O   1 
ATOM   440  C CB  . ALA A 1 61  ? 9.63644   5.17823   8.64981   1.000 18.65928 ?  61  ALA A CB  1 
ATOM   441  N N   . THR A 1 62  ? 7.41109   7.40476   9.08118   1.000 16.53713 ?  62  THR A N   1 
ATOM   442  C CA  . THR A 1 62  ? 6.00240   7.77788   9.15636   1.000 20.05578 ?  62  THR A CA  1 
ATOM   443  C C   . THR A 1 62  ? 5.67546   8.91046   8.18835   1.000 15.49971 ?  62  THR A C   1 
ATOM   444  O O   . THR A 1 62  ? 4.62699   8.88630   7.53387   1.000 17.65909 ?  62  THR A O   1 
ATOM   445  C CB  . THR A 1 62  ? 5.63223   8.16036   10.59173  1.000 18.42763 ?  62  THR A CB  1 
ATOM   446  O OG1 . THR A 1 62  ? 5.95449   7.07606   11.47215  1.000 18.53169 ?  62  THR A OG1 1 
ATOM   447  C CG2 . THR A 1 62  ? 4.14419   8.45967   10.70459  1.000 17.56439 ?  62  THR A CG2 1 
ATOM   448  N N   . ASP A 1 63  ? 6.55608   9.90939   8.07358   1.000 15.95415 ?  63  ASP A N   1 
ATOM   449  C CA  . ASP A 1 63  ? 6.31348   10.97560  7.10442   1.000 18.13374 ?  63  ASP A CA  1 
ATOM   450  C C   . ASP A 1 63  ? 6.30186   10.42847  5.68380   1.000 16.19200 ?  63  ASP A C   1 
ATOM   451  O O   . ASP A 1 63  ? 5.51005   10.87117  4.84334   1.000 18.60999 ?  63  ASP A O   1 
ATOM   452  C CB  . ASP A 1 63  ? 7.37024   12.07400  7.22938   1.000 16.21029 ?  63  ASP A CB  1 
ATOM   453  C CG  . ASP A 1 63  ? 7.35096   12.76461  8.57743   1.000 21.76937 ?  63  ASP A CG  1 
ATOM   454  O OD1 . ASP A 1 63  ? 6.27532   12.85160  9.20398   1.000 20.56665 ?  63  ASP A OD1 1 
ATOM   455  O OD2 . ASP A 1 63  ? 8.42547   13.23067  9.00831   1.000 22.40256 -1 63  ASP A OD2 1 
ATOM   456  N N   . ILE A 1 64  ? 7.18200   9.46822   5.39691   1.000 15.77119 ?  64  ILE A N   1 
ATOM   457  C CA  . ILE A 1 64  ? 7.23550   8.87640   4.06509   1.000 16.60962 ?  64  ILE A CA  1 
ATOM   458  C C   . ILE A 1 64  ? 5.95479   8.11335   3.76539   1.000 15.43421 ?  64  ILE A C   1 
ATOM   459  O O   . ILE A 1 64  ? 5.38187   8.24316   2.67869   1.000 17.45399 ?  64  ILE A O   1 
ATOM   460  C CB  . ILE A 1 64  ? 8.47234   7.97049   3.93602   1.000 15.86912 ?  64  ILE A CB  1 
ATOM   461  C CG1 . ILE A 1 64  ? 9.74884   8.82240   3.91253   1.000 16.23202 ?  64  ILE A CG1 1 
ATOM   462  C CG2 . ILE A 1 64  ? 8.35290   7.08845   2.69791   1.000 15.62478 ?  64  ILE A CG2 1 
ATOM   463  C CD1 . ILE A 1 64  ? 11.01582  8.02124   4.11323   1.000 19.48075 ?  64  ILE A CD1 1 
ATOM   464  N N   . TYR A 1 65  ? 5.49055   7.30177   4.71768   1.000 16.29957 ?  65  TYR A N   1 
ATOM   465  C CA  . TYR A 1 65  ? 4.24608   6.56838   4.52411   1.000 16.37947 ?  65  TYR A CA  1 
ATOM   466  C C   . TYR A 1 65  ? 3.06001   7.51831   4.38730   1.000 16.41384 ?  65  TYR A C   1 
ATOM   467  O O   . TYR A 1 65  ? 2.14902   7.26687   3.58975   1.000 15.17159 ?  65  TYR A O   1 
ATOM   468  C CB  . TYR A 1 65  ? 4.02642   5.59391   5.68227   1.000 15.38748 ?  65  TYR A CB  1 
ATOM   469  C CG  . TYR A 1 65  ? 4.79745   4.29401   5.54803   1.000 16.72568 ?  65  TYR A CG  1 
ATOM   470  C CD1 . TYR A 1 65  ? 4.73926   3.54282   4.37925   1.000 18.90860 ?  65  TYR A CD1 1 
ATOM   471  C CD2 . TYR A 1 65  ? 5.58891   3.82543   6.58783   1.000 18.05670 ?  65  TYR A CD2 1 
ATOM   472  C CE1 . TYR A 1 65  ? 5.44495   2.35639   4.25578   1.000 19.95161 ?  65  TYR A CE1 1 
ATOM   473  C CE2 . TYR A 1 65  ? 6.29897   2.64239   6.47289   1.000 17.41778 ?  65  TYR A CE2 1 
ATOM   474  C CZ  . TYR A 1 65  ? 6.22330   1.91358   5.30938   1.000 18.77013 ?  65  TYR A CZ  1 
ATOM   475  O OH  . TYR A 1 65  ? 6.93286   0.73799   5.20506   1.000 19.95930 ?  65  TYR A OH  1 
ATOM   476  N N   . ARG A 1 66  ? 3.05105   8.61272   5.15584   1.000 15.41785 ?  66  ARG A N   1 
ATOM   477  C CA  . ARG A 1 66  ? 1.93110   9.55274   5.09793   1.000 16.26514 ?  66  ARG A CA  1 
ATOM   478  C C   . ARG A 1 66  ? 1.90772   10.30794  3.77148   1.000 18.67685 ?  66  ARG A C   1 
ATOM   479  O O   . ARG A 1 66  ? 0.88327   10.33587  3.08016   1.000 17.45125 ?  66  ARG A O   1 
ATOM   480  C CB  . ARG A 1 66  ? 2.00197   10.53261  6.27512   1.000 16.69958 ?  66  ARG A CB  1 
ATOM   481  C CG  . ARG A 1 66  ? 0.71082   11.33325  6.52924   1.000 17.27329 ?  66  ARG A CG  1 
ATOM   482  C CD  . ARG A 1 66  ? 0.93084   12.48169  7.52630   1.000 18.43990 ?  66  ARG A CD  1 
ATOM   483  N NE  . ARG A 1 66  ? 1.98106   13.39067  7.06763   1.000 22.87766 ?  66  ARG A NE  1 
ATOM   484  C CZ  . ARG A 1 66  ? 3.18605   13.48709  7.62266   1.000 22.48963 ?  66  ARG A CZ  1 
ATOM   485  N NH1 . ARG A 1 66  ? 3.50045   12.73866  8.67418   1.000 16.11872 ?  66  ARG A NH1 1 
ATOM   486  N NH2 . ARG A 1 66  ? 4.07954   14.33081  7.12391   1.000 19.46344 ?  66  ARG A NH2 1 
ATOM   487  N N   . GLU A 1 67  ? 3.03522   10.91872  3.39564   1.000 17.60585 ?  67  GLU A N   1 
ATOM   488  C CA  . GLU A 1 67  ? 3.07468   11.78586  2.22035   1.000 20.80388 ?  67  GLU A CA  1 
ATOM   489  C C   . GLU A 1 67  ? 3.16719   11.00483  0.91536   1.000 22.95385 ?  67  GLU A C   1 
ATOM   490  O O   . GLU A 1 67  ? 2.53796   11.37927  -0.08198  1.000 19.88752 ?  67  GLU A O   1 
ATOM   491  C CB  . GLU A 1 67  ? 4.26175   12.74586  2.31272   1.000 22.04327 ?  67  GLU A CB  1 
ATOM   492  C CG  . GLU A 1 67  ? 4.19169   13.72944  3.46382   1.000 23.39362 ?  67  GLU A CG  1 
ATOM   493  C CD  . GLU A 1 67  ? 2.96861   14.61290  3.38796   1.000 29.90356 ?  67  GLU A CD  1 
ATOM   494  O OE1 . GLU A 1 67  ? 2.51433   14.90476  2.25834   1.000 28.87586 ?  67  GLU A OE1 1 
ATOM   495  O OE2 . GLU A 1 67  ? 2.46126   15.01361  4.45974   1.000 29.52317 -1 67  GLU A OE2 1 
ATOM   496  N N   . ASN A 1 68  ? 3.96776   9.94655   0.88030   1.000 17.07040 ?  68  ASN A N   1 
ATOM   497  C CA  . ASN A 1 68  ? 4.27601   9.29584   -0.38267  1.000 21.44744 ?  68  ASN A CA  1 
ATOM   498  C C   . ASN A 1 68  ? 3.46962   8.03252   -0.62393  1.000 20.79497 ?  68  ASN A C   1 
ATOM   499  O O   . ASN A 1 68  ? 3.64382   7.39420   -1.66583  1.000 18.84185 ?  68  ASN A O   1 
ATOM   500  C CB  . ASN A 1 68  ? 5.77397   8.99536   -0.46036  1.000 20.80310 ?  68  ASN A CB  1 
ATOM   501  C CG  . ASN A 1 68  ? 6.57260   10.20937  -0.89562  1.000 28.70290 ?  68  ASN A CG  1 
ATOM   502  O OD1 . ASN A 1 68  ? 6.00907   11.28404  -1.11260  1.000 26.10733 ?  68  ASN A OD1 1 
ATOM   503  N ND2 . ASN A 1 68  ? 7.87893   10.04543  -1.03970  1.000 30.20509 ?  68  ASN A ND2 1 
ATOM   504  N N   . TYR A 1 69  ? 2.58664   7.66018   0.29707   1.000 16.97231 ?  69  TYR A N   1 
ATOM   505  C CA  . TYR A 1 69  ? 1.77142   6.47572   0.07466   1.000 18.86950 ?  69  TYR A CA  1 
ATOM   506  C C   . TYR A 1 69  ? 0.31263   6.78620   0.37700   1.000 17.49655 ?  69  TYR A C   1 
ATOM   507  O O   . TYR A 1 69  ? -0.51525  6.79892   -0.53837  1.000 19.35097 ?  69  TYR A O   1 
ATOM   508  C CB  . TYR A 1 69  ? 2.31309   5.30420   0.90322   1.000 17.94159 ?  69  TYR A CB  1 
ATOM   509  C CG  . TYR A 1 69  ? 3.65564   4.84562   0.37332   1.000 17.76689 ?  69  TYR A CG  1 
ATOM   510  C CD1 . TYR A 1 69  ? 3.73425   3.93806   -0.67596  1.000 17.44408 ?  69  TYR A CD1 1 
ATOM   511  C CD2 . TYR A 1 69  ? 4.84219   5.36357   0.88179   1.000 18.07875 ?  69  TYR A CD2 1 
ATOM   512  C CE1 . TYR A 1 69  ? 4.95610   3.53565   -1.18570  1.000 18.33058 ?  69  TYR A CE1 1 
ATOM   513  C CE2 . TYR A 1 69  ? 6.07130   4.96658   0.37653   1.000 18.98536 ?  69  TYR A CE2 1 
ATOM   514  C CZ  . TYR A 1 69  ? 6.12091   4.05631   -0.65702  1.000 18.38828 ?  69  TYR A CZ  1 
ATOM   515  O OH  . TYR A 1 69  ? 7.33659   3.65859   -1.16241  1.000 18.71999 ?  69  TYR A OH  1 
ATOM   516  N N   . TRP A 1 70  ? 0.00386   7.08144   1.64275   1.000 13.02479 ?  70  TRP A N   1 
ATOM   517  C CA  . TRP A 1 70  ? -1.36035  7.43887   2.03080   1.000 17.20205 ?  70  TRP A CA  1 
ATOM   518  C C   . TRP A 1 70  ? -1.89723  8.60558   1.20227   1.000 18.54542 ?  70  TRP A C   1 
ATOM   519  O O   . TRP A 1 70  ? -2.98693  8.51907   0.62250   1.000 17.07026 ?  70  TRP A O   1 
ATOM   520  C CB  . TRP A 1 70  ? -1.39663  7.76890   3.52497   1.000 18.73593 ?  70  TRP A CB  1 
ATOM   521  C CG  . TRP A 1 70  ? -2.74422  8.18119   4.04668   1.000 16.71169 ?  70  TRP A CG  1 
ATOM   522  C CD1 . TRP A 1 70  ? -3.14969  9.44534   4.35512   1.000 16.77519 ?  70  TRP A CD1 1 
ATOM   523  C CD2 . TRP A 1 70  ? -3.85470  7.32241   4.33300   1.000 19.05819 ?  70  TRP A CD2 1 
ATOM   524  N NE1 . TRP A 1 70  ? -4.44515  9.42868   4.81268   1.000 19.99017 ?  70  TRP A NE1 1 
ATOM   525  C CE2 . TRP A 1 70  ? -4.90049  8.13681   4.80916   1.000 18.15404 ?  70  TRP A CE2 1 
ATOM   526  C CE3 . TRP A 1 70  ? -4.06834  5.94347   4.22692   1.000 18.36757 ?  70  TRP A CE3 1 
ATOM   527  C CZ2 . TRP A 1 70  ? -6.14084  7.61966   5.18090   1.000 18.20853 ?  70  TRP A CZ2 1 
ATOM   528  C CZ3 . TRP A 1 70  ? -5.30282  5.43317   4.59800   1.000 17.90788 ?  70  TRP A CZ3 1 
ATOM   529  C CH2 . TRP A 1 70  ? -6.31967  6.26721   5.06735   1.000 16.00071 ?  70  TRP A CH2 1 
ATOM   530  N N   . ASN A 1 71  ? -1.14721  9.71136   1.13220   1.000 19.28477 ?  71  ASN A N   1 
ATOM   531  C CA  . ASN A 1 71  ? -1.62843  10.86905  0.38014   1.000 16.74242 ?  71  ASN A CA  1 
ATOM   532  C C   . ASN A 1 71  ? -1.65129  10.60919  -1.12269  1.000 17.92997 ?  71  ASN A C   1 
ATOM   533  O O   . ASN A 1 71  ? -2.50030  11.16356  -1.82894  1.000 18.67831 ?  71  ASN A O   1 
ATOM   534  C CB  . ASN A 1 71  ? -0.77406  12.10256  0.68862   1.000 21.09901 ?  71  ASN A CB  1 
ATOM   535  C CG  . ASN A 1 71  ? -1.08342  12.70012  2.05075   1.000 23.93621 ?  71  ASN A CG  1 
ATOM   536  O OD1 . ASN A 1 71  ? -2.11591  12.40179  2.65268   1.000 21.85030 ?  71  ASN A OD1 1 
ATOM   537  N ND2 . ASN A 1 71  ? -0.19045  13.54851  2.54169   1.000 23.23592 ?  71  ASN A ND2 1 
ATOM   538  N N   . LYS A 1 72  ? -0.74298  9.77721   -1.63466  1.000 19.39675 ?  72  LYS A N   1 
ATOM   539  C CA  . LYS A 1 72  ? -0.70325  9.51337   -3.07027  1.000 21.58161 ?  72  LYS A CA  1 
ATOM   540  C C   . LYS A 1 72  ? -1.79500  8.55608   -3.53668  1.000 21.07837 ?  72  LYS A C   1 
ATOM   541  O O   . LYS A 1 72  ? -1.97765  8.39193   -4.74787  1.000 20.67303 ?  72  LYS A O   1 
ATOM   542  C CB  . LYS A 1 72  ? 0.67395   8.97088   -3.46684  1.000 21.07119 ?  72  LYS A CB  1 
ATOM   543  C CG  . LYS A 1 72  ? 1.78632   9.98484   -3.25890  1.000 24.13206 ?  72  LYS A CG  1 
ATOM   544  C CD  . LYS A 1 72  ? 2.75672   10.02481  -4.42968  1.000 33.99402 ?  72  LYS A CD  1 
ATOM   545  C CE  . LYS A 1 72  ? 3.54418   11.33973  -4.43732  1.000 35.51644 ?  72  LYS A CE  1 
ATOM   546  N NZ  . LYS A 1 72  ? 4.92558   11.18694  -3.88880  1.000 35.74627 ?  72  LYS A NZ  1 
ATOM   547  N N   . VAL A 1 73  ? -2.51485  7.91607   -2.62033  1.000 17.32485 ?  73  VAL A N   1 
ATOM   548  C CA  . VAL A 1 73  ? -3.71621  7.16643   -2.95839  1.000 18.84379 ?  73  VAL A CA  1 
ATOM   549  C C   . VAL A 1 73  ? -4.96964  7.86312   -2.43770  1.000 18.12636 ?  73  VAL A C   1 
ATOM   550  O O   . VAL A 1 73  ? -6.05226  7.26155   -2.42385  1.000 16.36105 ?  73  VAL A O   1 
ATOM   551  C CB  . VAL A 1 73  ? -3.63105  5.71548   -2.45182  1.000 16.35261 ?  73  VAL A CB  1 
ATOM   552  C CG1 . VAL A 1 73  ? -2.38980  5.03089   -3.01794  1.000 14.63534 ?  73  VAL A CG1 1 
ATOM   553  C CG2 . VAL A 1 73  ? -3.62692  5.67271   -0.92734  1.000 18.09031 ?  73  VAL A CG2 1 
ATOM   554  N N   . ALA A 1 74  ? -4.84275  9.12280   -2.00729  1.000 15.81420 ?  74  ALA A N   1 
ATOM   555  C CA  . ALA A 1 74  ? -5.95351  9.92885   -1.49350  1.000 19.61141 ?  74  ALA A CA  1 
ATOM   556  C C   . ALA A 1 74  ? -6.69945  9.19548   -0.38265  1.000 19.54480 ?  74  ALA A C   1 
ATOM   557  O O   . ALA A 1 74  ? -7.93110  9.12038   -0.37073  1.000 16.05090 ?  74  ALA A O   1 
ATOM   558  C CB  . ALA A 1 74  ? -6.90739  10.33627  -2.61989  1.000 18.92680 ?  74  ALA A CB  1 
ATOM   559  N N   . GLY A 1 75  ? -5.92479  8.66061   0.56794   1.000 17.77210 ?  75  GLY A N   1 
ATOM   560  C CA  . GLY A 1 75  ? -6.50092  7.83346   1.61799   1.000 17.10611 ?  75  GLY A CA  1 
ATOM   561  C C   . GLY A 1 75  ? -7.57616  8.54173   2.41785   1.000 18.02732 ?  75  GLY A C   1 
ATOM   562  O O   . GLY A 1 75  ? -8.57921  7.93203   2.79990   1.000 18.96071 ?  75  GLY A O   1 
ATOM   563  N N   . ASP A 1 76  ? -7.38427  9.83817   2.68179   1.000 19.16812 ?  76  ASP A N   1 
ATOM   564  C CA  . ASP A 1 76  ? -8.39247  10.61008  3.40310   1.000 20.10090 ?  76  ASP A CA  1 
ATOM   565  C C   . ASP A 1 76  ? -9.73556  10.58435  2.69465   1.000 18.98355 ?  76  ASP A C   1 
ATOM   566  O O   . ASP A 1 76  ? -10.78444 10.62037  3.34809   1.000 19.29762 ?  76  ASP A O   1 
ATOM   567  C CB  . ASP A 1 76  ? -7.93759  12.06117  3.56202   1.000 18.87529 ?  76  ASP A CB  1 
ATOM   568  C CG  . ASP A 1 76  ? -6.95635  12.24199  4.69348   1.000 22.37133 ?  76  ASP A CG  1 
ATOM   569  O OD1 . ASP A 1 76  ? -6.57269  11.22814  5.31367   1.000 21.37272 ?  76  ASP A OD1 1 
ATOM   570  O OD2 . ASP A 1 76  ? -6.56340  13.39668  4.95582   1.000 26.65102 -1 76  ASP A OD2 1 
ATOM   571  N N   . ASP A 1 77  ? -9.72636  10.52922  1.36597   1.000 19.04572 ?  77  ASP A N   1 
ATOM   572  C CA  . ASP A 1 77  ? -10.95078 10.66596  0.59392   1.000 19.66825 ?  77  ASP A CA  1 
ATOM   573  C C   . ASP A 1 77  ? -11.56545 9.33420   0.18563   1.000 21.23489 ?  77  ASP A C   1 
ATOM   574  O O   . ASP A 1 77  ? -12.75416 9.30077   -0.15152  1.000 20.86930 ?  77  ASP A O   1 
ATOM   575  C CB  . ASP A 1 77  ? -10.68113 11.51705  -0.64947  1.000 20.18121 ?  77  ASP A CB  1 
ATOM   576  C CG  . ASP A 1 77  ? -10.06830 12.85855  -0.30182  1.000 24.91152 ?  77  ASP A CG  1 
ATOM   577  O OD1 . ASP A 1 77  ? -10.75817 13.67112  0.35209   1.000 19.94056 ?  77  ASP A OD1 1 
ATOM   578  O OD2 . ASP A 1 77  ? -8.89012  13.08826  -0.65746  1.000 26.59570 -1 77  ASP A OD2 1 
ATOM   579  N N   . LEU A 1 78  ? -10.80604 8.24259   0.22068   1.000 17.24361 ?  78  LEU A N   1 
ATOM   580  C CA  . LEU A 1 78  ? -11.37814 6.94805   -0.11088  1.000 16.20585 ?  78  LEU A CA  1 
ATOM   581  C C   . LEU A 1 78  ? -12.30210 6.47931   1.01498   1.000 19.32067 ?  78  LEU A C   1 
ATOM   582  O O   . LEU A 1 78  ? -12.13885 6.88154   2.17100   1.000 17.17114 ?  78  LEU A O   1 
ATOM   583  C CB  . LEU A 1 78  ? -10.27632 5.91563   -0.34740  1.000 16.35672 ?  78  LEU A CB  1 
ATOM   584  C CG  . LEU A 1 78  ? -9.37523  6.10415   -1.57260  1.000 16.05772 ?  78  LEU A CG  1 
ATOM   585  C CD1 . LEU A 1 78  ? -8.33974  4.98825   -1.65693  1.000 15.44629 ?  78  LEU A CD1 1 
ATOM   586  C CD2 . LEU A 1 78  ? -10.20289 6.15356   -2.84768  1.000 18.23087 ?  78  LEU A CD2 1 
ATOM   587  N N   . PRO A 1 79  ? -13.29771 5.64810   0.70084   1.000 17.64745 ?  79  PRO A N   1 
ATOM   588  C CA  . PRO A 1 79  ? -14.14069 5.08233   1.76058   1.000 19.36955 ?  79  PRO A CA  1 
ATOM   589  C C   . PRO A 1 79  ? -13.30345 4.28112   2.74594   1.000 19.33083 ?  79  PRO A C   1 
ATOM   590  O O   . PRO A 1 79  ? -12.24862 3.73826   2.40205   1.000 16.20181 ?  79  PRO A O   1 
ATOM   591  C CB  . PRO A 1 79  ? -15.12008 4.17647   1.00106   1.000 18.83707 ?  79  PRO A CB  1 
ATOM   592  C CG  . PRO A 1 79  ? -15.07893 4.64085   -0.40771  1.000 21.35064 ?  79  PRO A CG  1 
ATOM   593  C CD  . PRO A 1 79  ? -13.69100 5.17173   -0.63351  1.000 18.73769 ?  79  PRO A CD  1 
ATOM   594  N N   . ALA A 1 80  ? -13.78079 4.22614   3.98745   1.000 16.12945 ?  80  ALA A N   1 
ATOM   595  C CA  . ALA A 1 80  ? -13.13822 3.39535   4.99447   1.000 21.71512 ?  80  ALA A CA  1 
ATOM   596  C C   . ALA A 1 80  ? -13.04903 1.95490   4.50558   1.000 18.49568 ?  80  ALA A C   1 
ATOM   597  O O   . ALA A 1 80  ? -13.98157 1.43156   3.88779   1.000 20.36970 ?  80  ALA A O   1 
ATOM   598  C CB  . ALA A 1 80  ? -13.91174 3.46292   6.31259   1.000 21.66611 ?  80  ALA A CB  1 
ATOM   599  N N   . GLY A 1 81  ? -11.92122 1.32361   4.77193   1.000 17.92231 ?  81  GLY A N   1 
ATOM   600  C CA  . GLY A 1 81  ? -11.64901 -0.01703  4.26209   1.000 16.65945 ?  81  GLY A CA  1 
ATOM   601  C C   . GLY A 1 81  ? -11.02828 -0.03265  2.88570   1.000 18.34859 ?  81  GLY A C   1 
ATOM   602  O O   . GLY A 1 81  ? -9.99837  -0.67210  2.67324   1.000 19.53459 ?  81  GLY A O   1 
ATOM   603  N N   . VAL A 1 82  ? -11.66220 0.65087   1.92939   1.000 18.70395 ?  82  VAL A N   1 
ATOM   604  C CA  . VAL A 1 82  ? -11.03792 0.84872   0.62565   1.000 20.71684 ?  82  VAL A CA  1 
ATOM   605  C C   . VAL A 1 82  ? -9.69500  1.54542   0.78952   1.000 15.97482 ?  82  VAL A C   1 
ATOM   606  O O   . VAL A 1 82  ? -8.71433  1.20193   0.11749   1.000 15.49500 ?  82  VAL A O   1 
ATOM   607  C CB  . VAL A 1 82  ? -11.97030 1.64666   -0.30566  1.000 17.12118 ?  82  VAL A CB  1 
ATOM   608  C CG1 . VAL A 1 82  ? -11.25229 1.99447   -1.60216  1.000 14.72431 ?  82  VAL A CG1 1 
ATOM   609  C CG2 . VAL A 1 82  ? -13.24847 0.86179   -0.59116  1.000 17.76405 ?  82  VAL A CG2 1 
ATOM   610  N N   . ASP A 1 83  ? -9.63405  2.53767   1.68435   1.000 16.43829 ?  83  ASP A N   1 
ATOM   611  C CA  . ASP A 1 83  ? -8.38347  3.24765   1.93173   1.000 16.49398 ?  83  ASP A CA  1 
ATOM   612  C C   . ASP A 1 83  ? -7.27840  2.28584   2.35592   1.000 15.62127 ?  83  ASP A C   1 
ATOM   613  O O   . ASP A 1 83  ? -6.16912  2.32418   1.81241   1.000 17.65081 ?  83  ASP A O   1 
ATOM   614  C CB  . ASP A 1 83  ? -8.59294  4.34667   2.98198   1.000 16.11141 ?  83  ASP A CB  1 
ATOM   615  C CG  . ASP A 1 83  ? -9.37039  3.87352   4.20828   1.000 18.60076 ?  83  ASP A CG  1 
ATOM   616  O OD1 . ASP A 1 83  ? -9.58884  2.65575   4.37341   1.000 18.27578 ?  83  ASP A OD1 1 
ATOM   617  O OD2 . ASP A 1 83  ? -9.75742  4.73852   5.02693   1.000 19.93374 -1 83  ASP A OD2 1 
ATOM   618  N N   . HIS A 1 84  ? -7.57681  1.38564   3.29886   1.000 14.73113 ?  84  HIS A N   1 
ATOM   619  C CA  . HIS A 1 84  ? -6.54786  0.48163   3.81034   1.000 18.05163 ?  84  HIS A CA  1 
ATOM   620  C C   . HIS A 1 84  ? -6.09317  -0.50649  2.74554   1.000 18.52701 ?  84  HIS A C   1 
ATOM   621  O O   . HIS A 1 84  ? -4.89006  -0.76354  2.60316   1.000 18.07851 ?  84  HIS A O   1 
ATOM   622  C CB  . HIS A 1 84  ? -7.05684  -0.26515  5.04417   1.000 18.02247 ?  84  HIS A CB  1 
ATOM   623  C CG  . HIS A 1 84  ? -6.07151  -1.24739  5.60009   1.000 21.49173 ?  84  HIS A CG  1 
ATOM   624  N ND1 . HIS A 1 84  ? -4.91154  -0.85959  6.23263   1.000 21.66594 ?  84  HIS A ND1 1 
ATOM   625  C CD2 . HIS A 1 84  ? -6.06879  -2.60225  5.60560   1.000 19.12731 ?  84  HIS A CD2 1 
ATOM   626  C CE1 . HIS A 1 84  ? -4.23808  -1.93289  6.61136   1.000 20.99069 ?  84  HIS A CE1 1 
ATOM   627  N NE2 . HIS A 1 84  ? -4.91722  -3.00204  6.24035   1.000 20.10492 ?  84  HIS A NE2 1 
ATOM   628  N N   . ALA A 1 85  ? -7.03820  -1.08000  1.99752   1.000 15.12322 ?  85  ALA A N   1 
ATOM   629  C CA  . ALA A 1 85  ? -6.67720  -2.01152  0.93461   1.000 16.16227 ?  85  ALA A CA  1 
ATOM   630  C C   . ALA A 1 85  ? -5.78628  -1.34299  -0.10365  1.000 15.95361 ?  85  ALA A C   1 
ATOM   631  O O   . ALA A 1 85  ? -4.83564  -1.95215  -0.60366  1.000 17.63293 ?  85  ALA A O   1 
ATOM   632  C CB  . ALA A 1 85  ? -7.93740  -2.56349  0.26956   1.000 16.39214 ?  85  ALA A CB  1 
ATOM   633  N N   . THR A 1 86  ? -6.08849  -0.09106  -0.44646  1.000 15.92034 ?  86  THR A N   1 
ATOM   634  C CA  . THR A 1 86  ? -5.29788  0.62030   -1.44136  1.000 15.03056 ?  86  THR A CA  1 
ATOM   635  C C   . THR A 1 86  ? -3.93738  1.01800   -0.88118  1.000 15.85234 ?  86  THR A C   1 
ATOM   636  O O   . THR A 1 86  ? -2.92429  0.95080   -1.58903  1.000 16.17111 ?  86  THR A O   1 
ATOM   637  C CB  . THR A 1 86  ? -6.07397  1.84297   -1.92457  1.000 18.56878 ?  86  THR A CB  1 
ATOM   638  O OG1 . THR A 1 86  ? -7.35577  1.41752   -2.40598  1.000 19.95704 ?  86  THR A OG1 1 
ATOM   639  C CG2 . THR A 1 86  ? -5.32528  2.55666   -3.03936  1.000 13.83998 ?  86  THR A CG2 1 
ATOM   640  N N   . LEU A 1 87  ? -3.89323  1.40881   0.39560   1.000 15.46764 ?  87  LEU A N   1 
ATOM   641  C CA  . LEU A 1 87  ? -2.63028  1.78997   1.02410   1.000 17.44357 ?  87  LEU A CA  1 
ATOM   642  C C   . LEU A 1 87  ? -1.64267  0.62917   1.04847   1.000 15.86513 ?  87  LEU A C   1 
ATOM   643  O O   . LEU A 1 87  ? -0.46387  0.79604   0.70995   1.000 16.12123 ?  87  LEU A O   1 
ATOM   644  C CB  . LEU A 1 87  ? -2.88086  2.30207   2.44230   1.000 18.12680 ?  87  LEU A CB  1 
ATOM   645  C CG  . LEU A 1 87  ? -1.64630  2.51380   3.32374   1.000 16.51654 ?  87  LEU A CG  1 
ATOM   646  C CD1 . LEU A 1 87  ? -0.76206  3.62253   2.77595   1.000 13.76051 ?  87  LEU A CD1 1 
ATOM   647  C CD2 . LEU A 1 87  ? -2.06278  2.80955   4.76133   1.000 20.00034 ?  87  LEU A CD2 1 
ATOM   648  N N   . ASP A 1 88  ? -2.09185  -0.55650  1.46269   1.000 16.43087 ?  88  ASP A N   1 
ATOM   649  C CA  . ASP A 1 88  ? -1.14705  -1.66621  1.54775   1.000 16.01606 ?  88  ASP A CA  1 
ATOM   650  C C   . ASP A 1 88  ? -0.62741  -2.06083  0.17098   1.000 16.29038 ?  88  ASP A C   1 
ATOM   651  O O   . ASP A 1 88  ? 0.57003   -2.32231  0.00940   1.000 15.60489 ?  88  ASP A O   1 
ATOM   652  C CB  . ASP A 1 88  ? -1.76736  -2.87718  2.23530   1.000 16.16189 ?  88  ASP A CB  1 
ATOM   653  C CG  . ASP A 1 88  ? -0.73959  -3.95939  2.49295   1.000 18.01145 ?  88  ASP A CG  1 
ATOM   654  O OD1 . ASP A 1 88  ? 0.03339   -3.81368  3.45928   1.000 21.12323 ?  88  ASP A OD1 1 
ATOM   655  O OD2 . ASP A 1 88  ? -0.67126  -4.92981  1.70710   1.000 21.94604 -1 88  ASP A OD2 1 
ATOM   656  N N   . PHE A 1 89  ? -1.51516  -2.12327  -0.82650  1.000 14.23244 ?  89  PHE A N   1 
ATOM   657  C CA  . PHE A 1 89  ? -1.08910  -2.33768  -2.20665  1.000 16.15625 ?  89  PHE A CA  1 
ATOM   658  C C   . PHE A 1 89  ? -0.07326  -1.27670  -2.62251  1.000 16.42842 ?  89  PHE A C   1 
ATOM   659  O O   . PHE A 1 89  ? 0.96325   -1.59131  -3.22130  1.000 12.63209 ?  89  PHE A O   1 
ATOM   660  C CB  . PHE A 1 89  ? -2.32816  -2.32676  -3.11583  1.000 15.03340 ?  89  PHE A CB  1 
ATOM   661  C CG  . PHE A 1 89  ? -2.13799  -2.97937  -4.46758  1.000 16.77253 ?  89  PHE A CG  1 
ATOM   662  C CD1 . PHE A 1 89  ? -0.88284  -3.33394  -4.93994  1.000 13.83021 ?  89  PHE A CD1 1 
ATOM   663  C CD2 . PHE A 1 89  ? -3.24067  -3.21793  -5.27885  1.000 13.57599 ?  89  PHE A CD2 1 
ATOM   664  C CE1 . PHE A 1 89  ? -0.73192  -3.92170  -6.18819  1.000 13.94131 ?  89  PHE A CE1 1 
ATOM   665  C CE2 . PHE A 1 89  ? -3.09722  -3.80600  -6.52521  1.000 15.58200 ?  89  PHE A CE2 1 
ATOM   666  C CZ  . PHE A 1 89  ? -1.83675  -4.15929  -6.98090  1.000 18.18424 ?  89  PHE A CZ  1 
ATOM   667  N N   . ALA A 1 90  ? -0.33533  -0.01498  -2.26696  1.000 17.81231 ?  90  ALA A N   1 
ATOM   668  C CA  . ALA A 1 90  ? 0.59733   1.06108   -2.58713  1.000 15.40882 ?  90  ALA A CA  1 
ATOM   669  C C   . ALA A 1 90  ? 1.94113   0.85626   -1.90367  1.000 14.81290 ?  90  ALA A C   1 
ATOM   670  O O   . ALA A 1 90  ? 2.99183   1.12119   -2.49711  1.000 15.37198 ?  90  ALA A O   1 
ATOM   671  C CB  . ALA A 1 90  ? -0.00063  2.41222   -2.18835  1.000 16.44700 ?  90  ALA A CB  1 
ATOM   672  N N   . ILE A 1 91  ? 1.93413   0.40089   -0.65025  1.000 17.36973 ?  91  ILE A N   1 
ATOM   673  C CA  . ILE A 1 91  ? 3.19873   0.18686   0.05207   1.000 17.96172 ?  91  ILE A CA  1 
ATOM   674  C C   . ILE A 1 91  ? 4.00106   -0.91010  -0.63218  1.000 18.08893 ?  91  ILE A C   1 
ATOM   675  O O   . ILE A 1 91  ? 5.22088   -0.79753  -0.80833  1.000 16.69071 ?  91  ILE A O   1 
ATOM   676  C CB  . ILE A 1 91  ? 2.94249   -0.14261  1.53319   1.000 16.15305 ?  91  ILE A CB  1 
ATOM   677  C CG1 . ILE A 1 91  ? 2.44890   1.09975   2.27811   1.000 19.46302 ?  91  ILE A CG1 1 
ATOM   678  C CG2 . ILE A 1 91  ? 4.21031   -0.70540  2.18517   1.000 19.00700 ?  91  ILE A CG2 1 
ATOM   679  C CD1 . ILE A 1 91  ? 1.96020   0.81140   3.68952   1.000 15.01640 ?  91  ILE A CD1 1 
ATOM   680  N N   . HIS A 1 92  ? 3.31701   -1.96524  -1.06921  1.000 16.96170 ?  92  HIS A N   1 
ATOM   681  C CA  . HIS A 1 92  ? 3.97018   -3.14662  -1.61945  1.000 19.24457 ?  92  HIS A CA  1 
ATOM   682  C C   . HIS A 1 92  ? 4.43237   -2.94578  -3.05699  1.000 18.07996 ?  92  HIS A C   1 
ATOM   683  O O   . HIS A 1 92  ? 5.48106   -3.47464  -3.44494  1.000 19.97092 ?  92  HIS A O   1 
ATOM   684  C CB  . HIS A 1 92  ? 3.00474   -4.32957  -1.54251  1.000 16.43862 ?  92  HIS A CB  1 
ATOM   685  C CG  . HIS A 1 92  ? 3.66295   -5.66829  -1.64296  1.000 22.13808 ?  92  HIS A CG  1 
ATOM   686  N ND1 . HIS A 1 92  ? 3.06159   -6.74258  -2.26470  1.000 23.54674 ?  92  HIS A ND1 1 
ATOM   687  C CD2 . HIS A 1 92  ? 4.85656   -6.11673  -1.18801  1.000 25.33210 ?  92  HIS A CD2 1 
ATOM   688  C CE1 . HIS A 1 92  ? 3.85776   -7.79305  -2.19151  1.000 25.55384 ?  92  HIS A CE1 1 
ATOM   689  N NE2 . HIS A 1 92  ? 4.95506   -7.44002  -1.54452  1.000 25.77723 ?  92  HIS A NE2 1 
ATOM   690  N N   . SER A 1 93  ? 3.67819   -2.18871  -3.85476  1.000 16.32831 ?  93  SER A N   1 
ATOM   691  C CA  . SER A 1 93  ? 3.90585   -2.11663  -5.29325  1.000 16.47126 ?  93  SER A CA  1 
ATOM   692  C C   . SER A 1 93  ? 3.92169   -0.69059  -5.82589  1.000 16.90132 ?  93  SER A C   1 
ATOM   693  O O   . SER A 1 93  ? 3.99464   -0.50278  -7.04548  1.000 17.79366 ?  93  SER A O   1 
ATOM   694  C CB  . SER A 1 93  ? 2.83875   -2.92366  -6.04447  1.000 16.87191 ?  93  SER A CB  1 
ATOM   695  O OG  . SER A 1 93  ? 2.77156   -4.25818  -5.56793  1.000 18.08338 ?  93  SER A OG  1 
ATOM   696  N N   . GLY A 1 94  ? 3.84665   0.31452   -4.96032  1.000 15.08174 ?  94  GLY A N   1 
ATOM   697  C CA  . GLY A 1 94  ? 3.85520   1.68680   -5.40741  1.000 17.06193 ?  94  GLY A CA  1 
ATOM   698  C C   . GLY A 1 94  ? 2.45661   2.24874   -5.56672  1.000 18.01908 ?  94  GLY A C   1 
ATOM   699  O O   . GLY A 1 94  ? 1.51602   1.54324   -5.94853  1.000 18.02782 ?  94  GLY A O   1 
ATOM   700  N N   . PRO A 1 95  ? 2.29802   3.54276   -5.27470  1.000 18.74479 ?  95  PRO A N   1 
ATOM   701  C CA  . PRO A 1 95  ? 0.96024   4.15309   -5.34144  1.000 19.55277 ?  95  PRO A CA  1 
ATOM   702  C C   . PRO A 1 95  ? 0.35588   4.14671   -6.73029  1.000 17.58066 ?  95  PRO A C   1 
ATOM   703  O O   . PRO A 1 95  ? -0.86943  4.04807   -6.85466  1.000 19.36335 ?  95  PRO A O   1 
ATOM   704  C CB  . PRO A 1 95  ? 1.20160   5.59077   -4.85364  1.000 18.51867 ?  95  PRO A CB  1 
ATOM   705  C CG  . PRO A 1 95  ? 2.51691   5.56538   -4.17593  1.000 20.86686 ?  95  PRO A CG  1 
ATOM   706  C CD  . PRO A 1 95  ? 3.32404   4.50197   -4.84177  1.000 16.94349 ?  95  PRO A CD  1 
ATOM   707  N N   . ALA A 1 96  ? 1.16913   4.27207   -7.77983  1.000 16.74709 ?  96  ALA A N   1 
ATOM   708  C CA  . ALA A 1 96  ? 0.61824   4.31527   -9.13116  1.000 19.61244 ?  96  ALA A CA  1 
ATOM   709  C C   . ALA A 1 96  ? -0.02749  2.98618   -9.50157  1.000 19.96736 ?  96  ALA A C   1 
ATOM   710  O O   . ALA A 1 96  ? -1.15275  2.95166   -10.01169 1.000 18.49249 ?  96  ALA A O   1 
ATOM   711  C CB  . ALA A 1 96  ? 1.70835   4.68987   -10.13790 1.000 19.67774 ?  96  ALA A CB  1 
ATOM   712  N N   . ARG A 1 97  ? 0.66817   1.87657   -9.23937  1.000 17.67979 ?  97  ARG A N   1 
ATOM   713  C CA  . ARG A 1 97  ? 0.12563   0.56347   -9.57751  1.000 20.96807 ?  97  ARG A CA  1 
ATOM   714  C C   . ARG A 1 97  ? -1.11898  0.24706   -8.75560  1.000 18.19967 ?  97  ARG A C   1 
ATOM   715  O O   . ARG A 1 97  ? -2.07198  -0.35827  -9.26522  1.000 17.00039 ?  97  ARG A O   1 
ATOM   716  C CB  . ARG A 1 97  ? 1.19718   -0.50985  -9.37383  1.000 19.67162 ?  97  ARG A CB  1 
ATOM   717  C CG  . ARG A 1 97  ? 0.67633   -1.94790  -9.37123  1.000 23.32285 ?  97  ARG A CG  1 
ATOM   718  C CD  . ARG A 1 97  ? 0.14044   -2.36358  -10.73425 1.000 23.67366 ?  97  ARG A CD  1 
ATOM   719  N NE  . ARG A 1 97  ? 0.99695   -1.89688  -11.81888 1.000 27.78512 ?  97  ARG A NE  1 
ATOM   720  C CZ  . ARG A 1 97  ? 0.56013   -1.59362  -13.03668 1.000 32.57209 ?  97  ARG A CZ  1 
ATOM   721  N NH1 . ARG A 1 97  ? -0.72697  -1.71338  -13.33245 1.000 33.59522 ?  97  ARG A NH1 1 
ATOM   722  N NH2 . ARG A 1 97  ? 1.41119   -1.16641  -13.95897 1.000 36.04863 ?  97  ARG A NH2 1 
ATOM   723  N N   . ALA A 1 98  ? -1.13194  0.64533   -7.48352  1.000 16.17761 ?  98  ALA A N   1 
ATOM   724  C CA  . ALA A 1 98  ? -2.30280  0.39314   -6.65129  1.000 17.58691 ?  98  ALA A CA  1 
ATOM   725  C C   . ALA A 1 98  ? -3.50663  1.18153   -7.15530  1.000 19.19221 ?  98  ALA A C   1 
ATOM   726  O O   . ALA A 1 98  ? -4.60994  0.63470   -7.28164  1.000 17.89154 ?  98  ALA A O   1 
ATOM   727  C CB  . ALA A 1 98  ? -1.99598  0.73654   -5.19194  1.000 16.89965 ?  98  ALA A CB  1 
ATOM   728  N N   . VAL A 1 99  ? -3.30768  2.46779   -7.46578  1.000 16.83887 ?  99  VAL A N   1 
ATOM   729  C CA  . VAL A 1 99  ? -4.41089  3.29824   -7.94275  1.000 16.76907 ?  99  VAL A CA  1 
ATOM   730  C C   . VAL A 1 99  ? -4.87432  2.83783   -9.32382  1.000 19.22687 ?  99  VAL A C   1 
ATOM   731  O O   . VAL A 1 99  ? -6.07451  2.85787   -9.62577  1.000 17.93273 ?  99  VAL A O   1 
ATOM   732  C CB  . VAL A 1 99  ? -4.00364  4.78537   -7.93426  1.000 17.24879 ?  99  VAL A CB  1 
ATOM   733  C CG1 . VAL A 1 99  ? -5.07263  5.64270   -8.60648  1.000 16.45818 ?  99  VAL A CG1 1 
ATOM   734  C CG2 . VAL A 1 99  ? -3.79401  5.26348   -6.50632  1.000 16.19128 ?  99  VAL A CG2 1 
ATOM   735  N N   . LYS A 1 100 ? -3.93874  2.40648   -10.17920 1.000 16.79439 ?  100 LYS A N   1 
ATOM   736  C CA  . LYS A 1 100 ? -4.31950  1.87590   -11.48787 1.000 20.11929 ?  100 LYS A CA  1 
ATOM   737  C C   . LYS A 1 100 ? -5.23483  0.66427   -11.34884 1.000 23.08153 ?  100 LYS A C   1 
ATOM   738  O O   . LYS A 1 100 ? -6.20513  0.51480   -12.10469 1.000 17.84745 ?  100 LYS A O   1 
ATOM   739  C CB  . LYS A 1 100 ? -3.07208  1.50983   -12.29217 1.000 20.45973 ?  100 LYS A CB  1 
ATOM   740  C CG  . LYS A 1 100 ? -2.36383  2.68968   -12.93728 1.000 19.35769 ?  100 LYS A CG  1 
ATOM   741  C CD  . LYS A 1 100 ? -1.08685  2.23871   -13.63849 1.000 25.56390 ?  100 LYS A CD  1 
ATOM   742  C CE  . LYS A 1 100 ? -0.34536  3.41331   -14.24982 1.000 27.56839 ?  100 LYS A CE  1 
ATOM   743  N NZ  . LYS A 1 100 ? 0.69952   2.97469   -15.21731 1.000 34.60556 ?  100 LYS A NZ  1 
ATOM   744  N N   . MET A 1 101 ? -4.94620  -0.20989  -10.38157 1.000 18.26262 ?  101 MET A N   1 
ATOM   745  C CA  . MET A 1 101 ? -5.78331  -1.38615  -10.18139 1.000 19.00517 ?  101 MET A CA  1 
ATOM   746  C C   . MET A 1 101 ? -7.12808  -1.01063  -9.57221  1.000 18.79991 ?  101 MET A C   1 
ATOM   747  O O   . MET A 1 101 ? -8.15498  -1.61189  -9.90814  1.000 15.22503 ?  101 MET A O   1 
ATOM   748  C CB  . MET A 1 101 ? -5.05950  -2.40481  -9.30215  1.000 22.98966 ?  101 MET A CB  1 
ATOM   749  C CG  . MET A 1 101 ? -5.40083  -3.85451  -9.63353  1.000 27.29300 ?  101 MET A CG  1 
ATOM   750  S SD  . MET A 1 101 ? -4.84360  -4.36658  -11.27880 1.000 33.98223 ?  101 MET A SD  1 
ATOM   751  C CE  . MET A 1 101 ? -3.16916  -3.73268  -11.28393 1.000 33.31135 ?  101 MET A CE  1 
ATOM   752  N N   . LEU A 1 102 ? -7.14203  -0.02844  -8.66617  1.000 15.25756 ?  102 LEU A N   1 
ATOM   753  C CA  . LEU A 1 102 ? -8.41139  0.46726   -8.14810  1.000 18.04401 ?  102 LEU A CA  1 
ATOM   754  C C   . LEU A 1 102 ? -9.24760  1.06865   -9.26750  1.000 18.35990 ?  102 LEU A C   1 
ATOM   755  O O   . LEU A 1 102 ? -10.47227 0.89232   -9.30521  1.000 18.09993 ?  102 LEU A O   1 
ATOM   756  C CB  . LEU A 1 102 ? -8.17006  1.49708   -7.04237  1.000 18.98936 ?  102 LEU A CB  1 
ATOM   757  C CG  . LEU A 1 102 ? -9.42240  2.21644   -6.53561  1.000 22.29769 ?  102 LEU A CG  1 
ATOM   758  C CD1 . LEU A 1 102 ? -10.31779 1.26018   -5.76147  1.000 21.12622 ?  102 LEU A CD1 1 
ATOM   759  C CD2 . LEU A 1 102 ? -9.06128  3.42588   -5.68137  1.000 20.14912 ?  102 LEU A CD2 1 
ATOM   760  N N   . GLN A 1 103 ? -8.59485  1.77042   -10.19811 1.000 18.33720 ?  103 GLN A N   1 
ATOM   761  C CA  . GLN A 1 103 ? -9.29974  2.34335   -11.33944 1.000 19.51342 ?  103 GLN A CA  1 
ATOM   762  C C   . GLN A 1 103 ? -9.84775  1.24770   -12.24956 1.000 21.92310 ?  103 GLN A C   1 
ATOM   763  O O   . GLN A 1 103 ? -10.97414 1.35358   -12.75136 1.000 23.22314 ?  103 GLN A O   1 
ATOM   764  C CB  . GLN A 1 103 ? -8.36323  3.29591   -12.09364 1.000 16.26707 ?  103 GLN A CB  1 
ATOM   765  C CG  . GLN A 1 103 ? -8.11861  4.60887   -11.32593 1.000 16.27652 ?  103 GLN A CG  1 
ATOM   766  C CD  . GLN A 1 103 ? -6.91640  5.40780   -11.81425 1.000 16.99063 ?  103 GLN A CD  1 
ATOM   767  O OE1 . GLN A 1 103 ? -5.90437  4.84871   -12.23983 1.000 18.13089 ?  103 GLN A OE1 1 
ATOM   768  N NE2 . GLN A 1 103 ? -7.02177  6.73205   -11.73100 1.000 19.46182 ?  103 GLN A NE2 1 
ATOM   769  N N   . LYS A 1 104 ? -9.07564  0.17784   -12.45273 1.000 20.35233 ?  104 LYS A N   1 
ATOM   770  C CA  . LYS A 1 104 ? -9.56777  -0.96387  -13.22012 1.000 22.73963 ?  104 LYS A CA  1 
ATOM   771  C C   . LYS A 1 104 ? -10.80233 -1.57641  -12.56671 1.000 23.42112 ?  104 LYS A C   1 
ATOM   772  O O   . LYS A 1 104 ? -11.76747 -1.93332  -13.25249 1.000 25.29330 ?  104 LYS A O   1 
ATOM   773  C CB  . LYS A 1 104 ? -8.45552  -2.00452  -13.36390 1.000 23.72615 ?  104 LYS A CB  1 
ATOM   774  C CG  . LYS A 1 104 ? -8.76331  -3.14814  -14.32500 1.000 26.55106 ?  104 LYS A CG  1 
ATOM   775  C CD  . LYS A 1 104 ? -7.68441  -4.21983  -14.25770 1.000 28.14448 ?  104 LYS A CD  1 
ATOM   776  C CE  . LYS A 1 104 ? -7.75532  -5.16622  -15.44689 1.000 30.65951 ?  104 LYS A CE  1 
ATOM   777  N NZ  . LYS A 1 104 ? -6.93177  -6.39072  -15.23055 1.000 39.09576 ?  104 LYS A NZ  1 
ATOM   778  N N   . VAL A 1 105 ? -10.80006 -1.67775  -11.23543 1.000 24.74129 ?  105 VAL A N   1 
ATOM   779  C CA  . VAL A 1 105 ? -11.91972 -2.28449  -10.52093 1.000 23.44833 ?  105 VAL A CA  1 
ATOM   780  C C   . VAL A 1 105 ? -13.17952 -1.43458  -10.65218 1.000 23.33122 ?  105 VAL A C   1 
ATOM   781  O O   . VAL A 1 105 ? -14.27452 -1.96144  -10.87905 1.000 23.27433 ?  105 VAL A O   1 
ATOM   782  C CB  . VAL A 1 105 ? -11.54121 -2.51484  -9.04715  1.000 19.84368 ?  105 VAL A CB  1 
ATOM   783  C CG1 . VAL A 1 105 ? -12.78693 -2.67835  -8.19298  1.000 25.20479 ?  105 VAL A CG1 1 
ATOM   784  C CG2 . VAL A 1 105 ? -10.62563 -3.73235  -8.91652  1.000 18.58354 ?  105 VAL A CG2 1 
ATOM   785  N N   . VAL A 1 106 ? -13.05549 -0.10989  -10.50721 1.000 22.79942 ?  106 VAL A N   1 
ATOM   786  C CA  . VAL A 1 106 ? -14.22530 0.76150   -10.57141 1.000 22.18432 ?  106 VAL A CA  1 
ATOM   787  C C   . VAL A 1 106 ? -14.53073 1.22658   -11.98854 1.000 23.05138 ?  106 VAL A C   1 
ATOM   788  O O   . VAL A 1 106 ? -15.53367 1.92232   -12.19812 1.000 21.16656 ?  106 VAL A O   1 
ATOM   789  C CB  . VAL A 1 106 ? -14.06636 1.97605   -9.63217  1.000 21.91912 ?  106 VAL A CB  1 
ATOM   790  C CG1 . VAL A 1 106 ? -13.68256 1.51696   -8.23788  1.000 21.25517 ?  106 VAL A CG1 1 
ATOM   791  C CG2 . VAL A 1 106 ? -13.03613 2.95954   -10.18288 1.000 21.29475 ?  106 VAL A CG2 1 
ATOM   792  N N   . GLY A 1 107 ? -13.69839 0.87198   -12.96491 1.000 23.59356 ?  107 GLY A N   1 
ATOM   793  C CA  . GLY A 1 107 ? -14.01070 1.09806   -14.36305 1.000 24.13136 ?  107 GLY A CA  1 
ATOM   794  C C   . GLY A 1 107 ? -13.74532 2.49152   -14.89532 1.000 27.06141 ?  107 GLY A C   1 
ATOM   795  O O   . GLY A 1 107 ? -14.58852 3.05748   -15.59836 1.000 24.86083 ?  107 GLY A O   1 
ATOM   796  N N   . VAL A 1 108 ? -12.57878 3.05782   -14.58670 1.000 23.65030 ?  108 VAL A N   1 
ATOM   797  C CA  . VAL A 1 108 ? -12.17394 4.35168   -15.12168 1.000 25.99143 ?  108 VAL A CA  1 
ATOM   798  C C   . VAL A 1 108 ? -10.77501 4.21323   -15.71313 1.000 23.63655 ?  108 VAL A C   1 
ATOM   799  O O   . VAL A 1 108 ? -10.09738 3.20147   -15.53290 1.000 21.98284 ?  108 VAL A O   1 
ATOM   800  C CB  . VAL A 1 108 ? -12.21452 5.47375   -14.05965 1.000 23.93579 ?  108 VAL A CB  1 
ATOM   801  C CG1 . VAL A 1 108 ? -13.63010 5.65833   -13.52374 1.000 25.79642 ?  108 VAL A CG1 1 
ATOM   802  C CG2 . VAL A 1 108 ? -11.26190 5.17264   -12.93088 1.000 20.49462 ?  108 VAL A CG2 1 
ATOM   803  N N   . ASP A 1 109 ? -10.35463 5.24910   -16.43824 1.000 22.75405 ?  109 ASP A N   1 
ATOM   804  C CA  . ASP A 1 109 ? -9.02398  5.26004   -17.03591 1.000 26.61819 ?  109 ASP A CA  1 
ATOM   805  C C   . ASP A 1 109 ? -7.95773  5.00975   -15.97609 1.000 23.91043 ?  109 ASP A C   1 
ATOM   806  O O   . ASP A 1 109 ? -7.98275  5.60901   -14.89795 1.000 21.90506 ?  109 ASP A O   1 
ATOM   807  C CB  . ASP A 1 109 ? -8.76603  6.59810   -17.72799 1.000 26.60269 ?  109 ASP A CB  1 
ATOM   808  C CG  . ASP A 1 109 ? -9.58756  6.77351   -18.99128 1.000 35.80097 ?  109 ASP A CG  1 
ATOM   809  O OD1 . ASP A 1 109 ? -10.26152 5.80801   -19.41192 1.000 30.20308 ?  109 ASP A OD1 1 
ATOM   810  O OD2 . ASP A 1 109 ? -9.55599  7.88337   -19.56391 1.000 35.28065 -1 109 ASP A OD2 1 
ATOM   811  N N   . GLN A 1 110 ? -7.01758  4.11855   -16.28436 1.000 22.86550 ?  110 GLN A N   1 
ATOM   812  C CA  . GLN A 1 110 ? -5.96740  3.74644   -15.33729 1.000 22.64745 ?  110 GLN A CA  1 
ATOM   813  C C   . GLN A 1 110 ? -4.76921  4.66264   -15.54581 1.000 22.42166 ?  110 GLN A C   1 
ATOM   814  O O   . GLN A 1 110 ? -3.85664  4.36254   -16.31613 1.000 25.73340 ?  110 GLN A O   1 
ATOM   815  C CB  . GLN A 1 110 ? -5.58967  2.28228   -15.51240 1.000 24.15750 ?  110 GLN A CB  1 
ATOM   816  C CG  . GLN A 1 110 ? -6.75766  1.34682   -15.30865 1.000 25.61275 ?  110 GLN A CG  1 
ATOM   817  C CD  . GLN A 1 110 ? -6.50329  -0.02810  -15.87457 1.000 26.02198 ?  110 GLN A CD  1 
ATOM   818  O OE1 . GLN A 1 110 ? -5.37423  -0.51380  -15.86914 1.000 30.21271 ?  110 GLN A OE1 1 
ATOM   819  N NE2 . GLN A 1 110 ? -7.55321  -0.66015  -16.38135 1.000 26.31465 ?  110 GLN A NE2 1 
ATOM   820  N N   . ASP A 1 111 ? -4.75811  5.79152   -14.83992 1.000 20.81768 ?  111 ASP A N   1 
ATOM   821  C CA  . ASP A 1 111 ? -3.63606  6.71713   -14.90975 1.000 20.30792 ?  111 ASP A CA  1 
ATOM   822  C C   . ASP A 1 111 ? -2.82947  6.78184   -13.61685 1.000 21.63560 ?  111 ASP A C   1 
ATOM   823  O O   . ASP A 1 111 ? -1.81246  7.48163   -13.57355 1.000 19.79191 ?  111 ASP A O   1 
ATOM   824  C CB  . ASP A 1 111 ? -4.11998  8.11989   -15.30845 1.000 17.86686 ?  111 ASP A CB  1 
ATOM   825  C CG  . ASP A 1 111 ? -5.11343  8.71225   -14.32441 1.000 19.88825 ?  111 ASP A CG  1 
ATOM   826  O OD1 . ASP A 1 111 ? -5.19101  8.24634   -13.16926 1.000 23.81758 ?  111 ASP A OD1 1 
ATOM   827  O OD2 . ASP A 1 111 ? -5.82144  9.66754   -14.71109 1.000 24.02146 -1 111 ASP A OD2 1 
ATOM   828  N N   . GLY A 1 112 ? -3.25338  6.07944   -12.56675 1.000 20.27102 ?  112 GLY A N   1 
ATOM   829  C CA  . GLY A 1 112 ? -2.47254  5.98849   -11.34926 1.000 19.22279 ?  112 GLY A CA  1 
ATOM   830  C C   . GLY A 1 112 ? -2.63375  7.13268   -10.37530 1.000 18.79308 ?  112 GLY A C   1 
ATOM   831  O O   . GLY A 1 112 ? -1.90395  7.17507   -9.37709  1.000 17.16495 ?  112 GLY A O   1 
ATOM   832  N N   . VAL A 1 113 ? -3.56944  8.05304   -10.62092 1.000 17.45479 ?  113 VAL A N   1 
ATOM   833  C CA  . VAL A 1 113 ? -3.78058  9.23126   -9.78339  1.000 20.63510 ?  113 VAL A CA  1 
ATOM   834  C C   . VAL A 1 113 ? -5.27629  9.38878   -9.53686  1.000 19.26154 ?  113 VAL A C   1 
ATOM   835  O O   . VAL A 1 113 ? -6.07212  9.31703   -10.47867 1.000 19.07334 ?  113 VAL A O   1 
ATOM   836  C CB  . VAL A 1 113 ? -3.20440  10.50463  -10.43590 1.000 23.15765 ?  113 VAL A CB  1 
ATOM   837  C CG1 . VAL A 1 113 ? -3.53031  11.72731  -9.60455  1.000 21.20804 ?  113 VAL A CG1 1 
ATOM   838  C CG2 . VAL A 1 113 ? -1.69232  10.37368  -10.62911 1.000 22.45060 ?  113 VAL A CG2 1 
ATOM   839  N N   . ILE A 1 114 ? -5.65587  9.61015   -8.28190  1.000 18.71967 ?  114 ILE A N   1 
ATOM   840  C CA  . ILE A 1 114 ? -7.06493  9.74132   -7.91408  1.000 20.67696 ?  114 ILE A CA  1 
ATOM   841  C C   . ILE A 1 114 ? -7.54721  11.13524  -8.30273  1.000 20.39349 ?  114 ILE A C   1 
ATOM   842  O O   . ILE A 1 114 ? -7.16660  12.13361  -7.68339  1.000 21.94135 ?  114 ILE A O   1 
ATOM   843  C CB  . ILE A 1 114 ? -7.28377  9.48139   -6.41890  1.000 22.30944 ?  114 ILE A CB  1 
ATOM   844  C CG1 . ILE A 1 114 ? -6.71663  8.11385   -6.00867  1.000 18.39220 ?  114 ILE A CG1 1 
ATOM   845  C CG2 . ILE A 1 114 ? -8.76398  9.61194   -6.06828  1.000 21.93188 ?  114 ILE A CG2 1 
ATOM   846  C CD1 . ILE A 1 114 ? -7.63370  6.94389   -6.26524  1.000 18.41815 ?  114 ILE A CD1 1 
ATOM   847  N N   . GLY A 1 115 ? -8.40451  11.21021  -9.32070  1.000 18.12308 ?  115 GLY A N   1 
ATOM   848  C CA  . GLY A 1 115 ? -9.07258  12.42995  -9.69100  1.000 20.20229 ?  115 GLY A CA  1 
ATOM   849  C C   . GLY A 1 115 ? -10.57623 12.33797  -9.49979  1.000 21.93873 ?  115 GLY A C   1 
ATOM   850  O O   . GLY A 1 115 ? -11.09514 11.41138  -8.87248  1.000 18.39712 ?  115 GLY A O   1 
ATOM   851  N N   . ALA A 1 116 ? -11.28147 13.31335  -10.08202 1.000 18.31326 ?  116 ALA A N   1 
ATOM   852  C CA  . ALA A 1 116 ? -12.72566 13.40792  -9.87396  1.000 20.51679 ?  116 ALA A CA  1 
ATOM   853  C C   . ALA A 1 116 ? -13.45823 12.18779  -10.42615 1.000 20.00822 ?  116 ALA A C   1 
ATOM   854  O O   . ALA A 1 116 ? -14.37479 11.66644  -9.78163  1.000 20.72091 ?  116 ALA A O   1 
ATOM   855  C CB  . ALA A 1 116 ? -13.27051 14.69157  -10.50428 1.000 17.03545 ?  116 ALA A CB  1 
ATOM   856  N N   . LYS A 1 117 ? -13.07347 11.71525  -11.61720 1.000 18.88514 ?  117 LYS A N   1 
ATOM   857  C CA  . LYS A 1 117 ? -13.75188 10.55771  -12.19996 1.000 19.46666 ?  117 LYS A CA  1 
ATOM   858  C C   . LYS A 1 117 ? -13.53929 9.30185   -11.36763 1.000 22.21900 ?  117 LYS A C   1 
ATOM   859  O O   . LYS A 1 117 ? -14.44214 8.45618   -11.27729 1.000 17.22385 ?  117 LYS A O   1 
ATOM   860  C CB  . LYS A 1 117 ? -13.27206 10.31463  -13.63082 1.000 20.61575 ?  117 LYS A CB  1 
ATOM   861  C CG  . LYS A 1 117 ? -13.60373 11.43689  -14.59287 1.000 31.64659 ?  117 LYS A CG  1 
ATOM   862  C CD  . LYS A 1 117 ? -14.03515 10.90559  -15.94119 1.000 34.77377 ?  117 LYS A CD  1 
ATOM   863  C CE  . LYS A 1 117 ? -14.74752 11.98077  -16.74755 1.000 36.31787 ?  117 LYS A CE  1 
ATOM   864  N NZ  . LYS A 1 117 ? -14.24909 12.02697  -18.14725 1.000 39.50408 ?  117 LYS A NZ  1 
ATOM   865  N N   . THR A 1 118 ? -12.36127 9.15803   -10.75794 1.000 16.63896 ?  118 THR A N   1 
ATOM   866  C CA  . THR A 1 118 ? -12.11557 7.98824   -9.92215  1.000 19.70987 ?  118 THR A CA  1 
ATOM   867  C C   . THR A 1 118 ? -12.94611 8.04640   -8.64501  1.000 18.29243 ?  118 THR A C   1 
ATOM   868  O O   . THR A 1 118 ? -13.56624 7.05173   -8.25316  1.000 20.49615 ?  118 THR A O   1 
ATOM   869  C CB  . THR A 1 118 ? -10.62568 7.86818   -9.59452  1.000 16.53761 ?  118 THR A CB  1 
ATOM   870  O OG1 . THR A 1 118 ? -9.87217  7.76689   -10.80957 1.000 17.77586 ?  118 THR A OG1 1 
ATOM   871  C CG2 . THR A 1 118 ? -10.37317 6.62902   -8.75363  1.000 20.00895 ?  118 THR A CG2 1 
ATOM   872  N N   . LEU A 1 119 ? -12.97445 9.20989   -7.98581  1.000 17.78056 ?  119 LEU A N   1 
ATOM   873  C CA  . LEU A 1 119 ? -13.75087 9.35074   -6.75858  1.000 16.92025 ?  119 LEU A CA  1 
ATOM   874  C C   . LEU A 1 119 ? -15.22975 9.09738   -7.01146  1.000 21.56217 ?  119 LEU A C   1 
ATOM   875  O O   . LEU A 1 119 ? -15.90503 8.46098   -6.19373  1.000 19.09812 ?  119 LEU A O   1 
ATOM   876  C CB  . LEU A 1 119 ? -13.55328 10.74310  -6.16041  1.000 19.29462 ?  119 LEU A CB  1 
ATOM   877  C CG  . LEU A 1 119 ? -12.22597 11.09757  -5.48991  1.000 24.61003 ?  119 LEU A CG  1 
ATOM   878  C CD1 . LEU A 1 119 ? -12.21565 12.57969  -5.14429  1.000 26.00328 ?  119 LEU A CD1 1 
ATOM   879  C CD2 . LEU A 1 119 ? -12.01154 10.25833  -4.24471  1.000 25.91523 ?  119 LEU A CD2 1 
ATOM   880  N N   . ALA A 1 120 ? -15.75120 9.58804   -8.14138  1.000 18.39881 ?  120 ALA A N   1 
ATOM   881  C CA  . ALA A 1 120 ? -17.16301 9.38087   -8.45107  1.000 18.47742 ?  120 ALA A CA  1 
ATOM   882  C C   . ALA A 1 120 ? -17.47810 7.90086   -8.62256  1.000 20.82401 ?  120 ALA A C   1 
ATOM   883  O O   . ALA A 1 120 ? -18.46841 7.40248   -8.07529  1.000 24.71009 ?  120 ALA A O   1 
ATOM   884  C CB  . ALA A 1 120 ? -17.54713 10.16260  -9.70560  1.000 18.36641 ?  120 ALA A CB  1 
ATOM   885  N N   . ALA A 1 121 ? -16.63302 7.17816   -9.36329  1.000 23.70822 ?  121 ALA A N   1 
ATOM   886  C CA  . ALA A 1 121 ? -16.86696 5.75848   -9.60354  1.000 21.15257 ?  121 ALA A CA  1 
ATOM   887  C C   . ALA A 1 121 ? -16.68526 4.93075   -8.33920  1.000 23.71945 ?  121 ALA A C   1 
ATOM   888  O O   . ALA A 1 121 ? -17.39510 3.93728   -8.14410  1.000 22.10830 ?  121 ALA A O   1 
ATOM   889  C CB  . ALA A 1 121 ? -15.93339 5.25785   -10.70481 1.000 21.33979 ?  121 ALA A CB  1 
ATOM   890  N N   . VAL A 1 122 ? -15.73686 5.30824   -7.48031  1.000 19.74179 ?  122 VAL A N   1 
ATOM   891  C CA  . VAL A 1 122 ? -15.56410 4.60079   -6.21583  1.000 21.15892 ?  122 VAL A CA  1 
ATOM   892  C C   . VAL A 1 122 ? -16.80798 4.75086   -5.35012  1.000 21.75380 ?  122 VAL A C   1 
ATOM   893  O O   . VAL A 1 122 ? -17.29304 3.78020   -4.75784  1.000 21.37348 ?  122 VAL A O   1 
ATOM   894  C CB  . VAL A 1 122 ? -14.30468 5.10477   -5.48788  1.000 21.37028 ?  122 VAL A CB  1 
ATOM   895  C CG1 . VAL A 1 122 ? -14.31038 4.62886   -4.04844  1.000 23.57994 ?  122 VAL A CG1 1 
ATOM   896  C CG2 . VAL A 1 122 ? -13.04765 4.62194   -6.20189  1.000 15.65865 ?  122 VAL A CG2 1 
ATOM   897  N N   . ARG A 1 123 ? -17.35329 5.95984   -5.27380  1.000 22.05370 ?  123 ARG A N   1 
ATOM   898  C CA  . ARG A 1 123 ? -18.50266 6.20746   -4.41331  1.000 25.45109 ?  123 ARG A CA  1 
ATOM   899  C C   . ARG A 1 123 ? -19.81245 5.68477   -4.99139  1.000 22.37786 ?  123 ARG A C   1 
ATOM   900  O O   . ARG A 1 123 ? -20.83421 5.73060   -4.29831  1.000 26.39414 ?  123 ARG A O   1 
ATOM   901  C CB  . ARG A 1 123 ? -18.61041 7.70364   -4.11116  1.000 23.70273 ?  123 ARG A CB  1 
ATOM   902  C CG  . ARG A 1 123 ? -17.59324 8.14081   -3.06871  1.000 28.27876 ?  123 ARG A CG  1 
ATOM   903  C CD  . ARG A 1 123 ? -17.23437 9.61294   -3.15282  1.000 27.78373 ?  123 ARG A CD  1 
ATOM   904  N NE  . ARG A 1 123 ? -16.09126 9.90014   -2.28894  1.000 24.32860 ?  123 ARG A NE  1 
ATOM   905  C CZ  . ARG A 1 123 ? -15.55417 11.10221  -2.11814  1.000 25.05164 ?  123 ARG A CZ  1 
ATOM   906  N NH1 . ARG A 1 123 ? -16.06001 12.15569  -2.74366  1.000 23.96774 ?  123 ARG A NH1 1 
ATOM   907  N NH2 . ARG A 1 123 ? -14.51600 11.25273  -1.30742  1.000 22.79841 ?  123 ARG A NH2 1 
ATOM   908  N N   . LYS A 1 124 ? -19.80989 5.17960   -6.22349  1.000 24.24441 ?  124 LYS A N   1 
ATOM   909  C CA  . LYS A 1 124 ? -20.98769 4.54588   -6.80260  1.000 24.89985 ?  124 LYS A CA  1 
ATOM   910  C C   . LYS A 1 124 ? -21.04537 3.04494   -6.55036  1.000 25.39041 ?  124 LYS A C   1 
ATOM   911  O O   . LYS A 1 124 ? -22.05445 2.41644   -6.88715  1.000 24.78368 ?  124 LYS A O   1 
ATOM   912  C CB  . LYS A 1 124 ? -21.04136 4.79726   -8.31454  1.000 27.82778 ?  124 LYS A CB  1 
ATOM   913  C CG  . LYS A 1 124 ? -21.40109 6.21903   -8.69939  1.000 27.20897 ?  124 LYS A CG  1 
ATOM   914  C CD  . LYS A 1 124 ? -21.19719 6.44493   -10.19264 1.000 29.62245 ?  124 LYS A CD  1 
ATOM   915  C CE  . LYS A 1 124 ? -21.60122 7.85615   -10.60150 1.000 27.97261 ?  124 LYS A CE  1 
ATOM   916  N NZ  . LYS A 1 124 ? -21.43371 8.08025   -12.06652 1.000 37.04878 ?  124 LYS A NZ  1 
ATOM   917  N N   . MET A 1 125 ? -19.99804 2.45926   -5.97686  1.000 23.77694 ?  125 MET A N   1 
ATOM   918  C CA  . MET A 1 125 ? -19.92794 1.02981   -5.72158  1.000 24.69116 ?  125 MET A CA  1 
ATOM   919  C C   . MET A 1 125 ? -19.88374 0.76713   -4.22341  1.000 23.78193 ?  125 MET A C   1 
ATOM   920  O O   . MET A 1 125 ? -19.50934 1.63387   -3.42830  1.000 23.16592 ?  125 MET A O   1 
ATOM   921  C CB  . MET A 1 125 ? -18.69141 0.40238   -6.37746  1.000 25.14312 ?  125 MET A CB  1 
ATOM   922  C CG  . MET A 1 125 ? -18.70206 0.40594   -7.89039  1.000 25.41818 ?  125 MET A CG  1 
ATOM   923  S SD  . MET A 1 125 ? -17.21467 -0.38026  -8.53302  1.000 33.55390 ?  125 MET A SD  1 
ATOM   924  C CE  . MET A 1 125 ? -17.28708 -1.97705  -7.72388  1.000 28.46010 ?  125 MET A CE  1 
ATOM   925  N N   . ALA A 1 126 ? -20.26277 -0.45128  -3.84755  1.000 24.06450 ?  126 ALA A N   1 
ATOM   926  C CA  . ALA A 1 126 ? -20.18942 -0.85950  -2.45266  1.000 22.36722 ?  126 ALA A CA  1 
ATOM   927  C C   . ALA A 1 126 ? -18.73415 -0.97994  -2.02014  1.000 21.34002 ?  126 ALA A C   1 
ATOM   928  O O   . ALA A 1 126 ? -17.88539 -1.46338  -2.77390  1.000 19.82932 ?  126 ALA A O   1 
ATOM   929  C CB  . ALA A 1 126 ? -20.91582 -2.18889  -2.24783  1.000 22.41107 ?  126 ALA A CB  1 
ATOM   930  N N   . ALA A 1 127 ? -18.44856 -0.54143  -0.79057  1.000 21.46929 ?  127 ALA A N   1 
ATOM   931  C CA  . ALA A 1 127 ? -17.06252 -0.48432  -0.33521  1.000 20.77122 ?  127 ALA A CA  1 
ATOM   932  C C   . ALA A 1 127 ? -16.46698 -1.87770  -0.17597  1.000 23.46169 ?  127 ALA A C   1 
ATOM   933  O O   . ALA A 1 127 ? -15.31924 -2.11364  -0.57102  1.000 19.89008 ?  127 ALA A O   1 
ATOM   934  C CB  . ALA A 1 127 ? -16.96620 0.29405   0.97608   1.000 19.23286 ?  127 ALA A CB  1 
ATOM   935  N N   . ASP A 1 128 ? -17.22176 -2.81721  0.39834   1.000 20.57775 ?  128 ASP A N   1 
ATOM   936  C CA  . ASP A 1 128 ? -16.66767 -4.15678  0.56729   1.000 25.41187 ?  128 ASP A CA  1 
ATOM   937  C C   . ASP A 1 128 ? -16.52315 -4.87202  -0.77090  1.000 23.82129 ?  128 ASP A C   1 
ATOM   938  O O   . ASP A 1 128 ? -15.63264 -5.71402  -0.92782  1.000 22.27442 ?  128 ASP A O   1 
ATOM   939  C CB  . ASP A 1 128 ? -17.51105 -4.96568  1.55943   1.000 26.79436 ?  128 ASP A CB  1 
ATOM   940  C CG  . ASP A 1 128 ? -18.96563 -5.11373  1.13682   1.000 40.31412 ?  128 ASP A CG  1 
ATOM   941  O OD1 . ASP A 1 128 ? -19.29137 -4.90480  -0.05060  1.000 37.78090 ?  128 ASP A OD1 1 
ATOM   942  O OD2 . ASP A 1 128 ? -19.79342 -5.44386  2.01650   1.000 45.41469 -1 128 ASP A OD2 1 
ATOM   943  N N   . ARG A 1 129 ? -17.36133 -4.53094  -1.75316  1.000 20.79027 ?  129 ARG A N   1 
ATOM   944  C CA  . ARG A 1 129 ? -17.16708 -5.06094  -3.09797  1.000 23.70011 ?  129 ARG A CA  1 
ATOM   945  C C   . ARG A 1 129 ? -15.87517 -4.53335  -3.71355  1.000 22.84020 ?  129 ARG A C   1 
ATOM   946  O O   . ARG A 1 129 ? -15.11242 -5.29608  -4.32040  1.000 20.58007 ?  129 ARG A O   1 
ATOM   947  C CB  . ARG A 1 129 ? -18.36674 -4.71390  -3.98092  1.000 25.03797 ?  129 ARG A CB  1 
ATOM   948  C CG  . ARG A 1 129 ? -18.14331 -5.00476  -5.45828  1.000 33.75052 ?  129 ARG A CG  1 
ATOM   949  C CD  . ARG A 1 129 ? -19.42092 -4.82150  -6.26248  1.000 41.96479 ?  129 ARG A CD  1 
ATOM   950  N NE  . ARG A 1 129 ? -20.14058 -6.08124  -6.43567  1.000 47.82469 ?  129 ARG A NE  1 
ATOM   951  C CZ  . ARG A 1 129 ? -21.07916 -6.52728  -5.60518  1.000 46.41894 ?  129 ARG A CZ  1 
ATOM   952  N NH1 . ARG A 1 129 ? -21.42168 -5.81514  -4.53713  1.000 44.37990 ?  129 ARG A NH1 1 
ATOM   953  N NH2 . ARG A 1 129 ? -21.67917 -7.68549  -5.84408  1.000 45.82554 ?  129 ARG A NH2 1 
ATOM   954  N N   . ILE A 1 130 ? -15.61458 -3.23090  -3.57029  1.000 19.97779 ?  130 ILE A N   1 
ATOM   955  C CA  . ILE A 1 130 ? -14.35158 -2.66782  -4.04311  1.000 20.01059 ?  130 ILE A CA  1 
ATOM   956  C C   . ILE A 1 130 ? -13.17595 -3.36428  -3.37208  1.000 18.45916 ?  130 ILE A C   1 
ATOM   957  O O   . ILE A 1 130 ? -12.19388 -3.73330  -4.03128  1.000 19.67721 ?  130 ILE A O   1 
ATOM   958  C CB  . ILE A 1 130 ? -14.31630 -1.14815  -3.79628  1.000 20.95257 ?  130 ILE A CB  1 
ATOM   959  C CG1 . ILE A 1 130 ? -15.39354 -0.44527  -4.62425  1.000 19.65277 ?  130 ILE A CG1 1 
ATOM   960  C CG2 . ILE A 1 130 ? -12.93000 -0.58712  -4.11337  1.000 18.27180 ?  130 ILE A CG2 1 
ATOM   961  C CD1 . ILE A 1 130 ? -15.32994 1.06475   -4.54169  1.000 21.07122 ?  130 ILE A CD1 1 
ATOM   962  N N   . ILE A 1 131 ? -13.26376 -3.56629  -2.05425  1.000 16.97188 ?  131 ILE A N   1 
ATOM   963  C CA  . ILE A 1 131 ? -12.16919 -4.18861  -1.31168  1.000 20.54621 ?  131 ILE A CA  1 
ATOM   964  C C   . ILE A 1 131 ? -11.88871 -5.58804  -1.84318  1.000 20.14428 ?  131 ILE A C   1 
ATOM   965  O O   . ILE A 1 131 ? -10.73293 -5.95731  -2.08645  1.000 17.97250 ?  131 ILE A O   1 
ATOM   966  C CB  . ILE A 1 131 ? -12.48702 -4.21782  0.19348   1.000 15.25422 ?  131 ILE A CB  1 
ATOM   967  C CG1 . ILE A 1 131 ? -12.48216 -2.80046  0.77232   1.000 15.14182 ?  131 ILE A CG1 1 
ATOM   968  C CG2 . ILE A 1 131 ? -11.48727 -5.11381  0.92552   1.000 17.89243 ?  131 ILE A CG2 1 
ATOM   969  C CD1 . ILE A 1 131 ? -13.13984 -2.70009  2.13631   1.000 17.31152 ?  131 ILE A CD1 1 
ATOM   970  N N   . ASN A 1 132 ? -12.94424 -6.39055  -2.02763  1.000 16.77701 ?  132 ASN A N   1 
ATOM   971  C CA  . ASN A 1 132 ? -12.74886 -7.76370  -2.48448  1.000 20.33372 ?  132 ASN A CA  1 
ATOM   972  C C   . ASN A 1 132 ? -12.20985 -7.79966  -3.90560  1.000 20.32374 ?  132 ASN A C   1 
ATOM   973  O O   . ASN A 1 132 ? -11.30342 -8.58607  -4.21070  1.000 18.85053 ?  132 ASN A O   1 
ATOM   974  C CB  . ASN A 1 132 ? -14.05589 -8.55234  -2.38698  1.000 21.15467 ?  132 ASN A CB  1 
ATOM   975  C CG  . ASN A 1 132 ? -14.34738 -9.01742  -0.97495  1.000 20.15113 ?  132 ASN A CG  1 
ATOM   976  O OD1 . ASN A 1 132 ? -13.49476 -9.61340  -0.32142  1.000 20.74500 ?  132 ASN A OD1 1 
ATOM   977  N ND2 . ASN A 1 132 ? -15.55037 -8.73409  -0.49134  1.000 19.87152 ?  132 ASN A ND2 1 
ATOM   978  N N   . GLU A 1 133 ? -12.74563 -6.95249  -4.78806  1.000 14.66037 ?  133 GLU A N   1 
ATOM   979  C CA  . GLU A 1 133 ? -12.30926 -6.98212  -6.17994  1.000 17.88110 ?  133 GLU A CA  1 
ATOM   980  C C   . GLU A 1 133 ? -10.89370 -6.44245  -6.34166  1.000 20.07469 ?  133 GLU A C   1 
ATOM   981  O O   . GLU A 1 133 ? -10.14736 -6.92448  -7.20044  1.000 15.57200 ?  133 GLU A O   1 
ATOM   982  C CB  . GLU A 1 133 ? -13.28560 -6.19973  -7.05472  1.000 18.80279 ?  133 GLU A CB  1 
ATOM   983  C CG  . GLU A 1 133 ? -14.55055 -6.98388  -7.35498  1.000 24.52394 ?  133 GLU A CG  1 
ATOM   984  C CD  . GLU A 1 133 ? -15.55760 -6.19300  -8.14819  1.000 29.63881 ?  133 GLU A CD  1 
ATOM   985  O OE1 . GLU A 1 133 ? -15.14095 -5.31751  -8.93376  1.000 33.34879 ?  133 GLU A OE1 1 
ATOM   986  O OE2 . GLU A 1 133 ? -16.76842 -6.45549  -7.98978  1.000 37.58753 -1 133 GLU A OE2 1 
ATOM   987  N N   . LEU A 1 134 ? -10.50479 -5.45436  -5.52793  1.000 18.70776 ?  134 LEU A N   1 
ATOM   988  C CA  . LEU A 1 134 ? -9.13975  -4.94050  -5.59714  1.000 17.64170 ?  134 LEU A CA  1 
ATOM   989  C C   . LEU A 1 134 ? -8.13666  -5.96937  -5.08766  1.000 15.10858 ?  134 LEU A C   1 
ATOM   990  O O   . LEU A 1 134 ? -7.06851  -6.14967  -5.68382  1.000 18.66354 ?  134 LEU A O   1 
ATOM   991  C CB  . LEU A 1 134 ? -9.02161  -3.63846  -4.80395  1.000 15.84949 ?  134 LEU A CB  1 
ATOM   992  C CG  . LEU A 1 134 ? -7.62568  -3.00548  -4.73583  1.000 14.35203 ?  134 LEU A CG  1 
ATOM   993  C CD1 . LEU A 1 134 ? -7.14477  -2.55870  -6.11710  1.000 16.29094 ?  134 LEU A CD1 1 
ATOM   994  C CD2 . LEU A 1 134 ? -7.60846  -1.83968  -3.75595  1.000 13.93261 ?  134 LEU A CD2 1 
ATOM   995  N N   . CYS A 1 135 ? -8.46029  -6.65830  -3.99136  1.000 15.76169 ?  135 CYS A N   1 
ATOM   996  C CA  . CYS A 1 135 ? -7.54678  -7.67516  -3.48235  1.000 17.89374 ?  135 CYS A CA  1 
ATOM   997  C C   . CYS A 1 135 ? -7.43464  -8.85511  -4.44745  1.000 18.24320 ?  135 CYS A C   1 
ATOM   998  O O   . CYS A 1 135 ? -6.35132  -9.43224  -4.60276  1.000 15.69619 ?  135 CYS A O   1 
ATOM   999  C CB  . CYS A 1 135 ? -7.99242  -8.12475  -2.09103  1.000 19.33974 ?  135 CYS A CB  1 
ATOM   1000 S SG  . CYS A 1 135 ? -7.77997  -6.83114  -0.81522  1.000 25.12209 ?  135 CYS A SG  1 
ATOM   1001 N N   . ASP A 1 136 ? -8.53543  -9.21990  -5.11610  1.000 15.18148 ?  136 ASP A N   1 
ATOM   1002 C CA  . ASP A 1 136 ? -8.47088  -10.25614 -6.14626  1.000 19.39948 ?  136 ASP A CA  1 
ATOM   1003 C C   . ASP A 1 136 ? -7.60781  -9.80122  -7.31489  1.000 17.74032 ?  136 ASP A C   1 
ATOM   1004 O O   . ASP A 1 136 ? -6.75466  -10.55012 -7.80544  1.000 16.67844 ?  136 ASP A O   1 
ATOM   1005 C CB  . ASP A 1 136 ? -9.87490  -10.60787 -6.65285  1.000 16.80147 ?  136 ASP A CB  1 
ATOM   1006 C CG  . ASP A 1 136 ? -10.69805 -11.39746 -5.65126  1.000 20.99287 ?  136 ASP A CG  1 
ATOM   1007 O OD1 . ASP A 1 136 ? -10.15558 -11.88196 -4.63185  1.000 20.35572 ?  136 ASP A OD1 1 
ATOM   1008 O OD2 . ASP A 1 136 ? -11.91377 -11.52489 -5.89701  1.000 20.50267 -1 136 ASP A OD2 1 
ATOM   1009 N N   . ALA A 1 137 ? -7.84782  -8.57978  -7.79978  1.000 16.35764 ?  137 ALA A N   1 
ATOM   1010 C CA  . ALA A 1 137 ? -7.05785  -8.04337  -8.90457  1.000 17.74007 ?  137 ALA A CA  1 
ATOM   1011 C C   . ALA A 1 137 ? -5.58425  -7.92753  -8.53695  1.000 17.43900 ?  137 ALA A C   1 
ATOM   1012 O O   . ALA A 1 137 ? -4.71273  -8.06587  -9.40306  1.000 16.36043 ?  137 ALA A O   1 
ATOM   1013 C CB  . ALA A 1 137 ? -7.61184  -6.68037  -9.32365  1.000 17.19536 ?  137 ALA A CB  1 
ATOM   1014 N N   . ARG A 1 138 ? -5.28732  -7.67642  -7.26086  1.000 16.64566 ?  138 ARG A N   1 
ATOM   1015 C CA  . ARG A 1 138 ? -3.89987  -7.62804  -6.81520  1.000 17.14733 ?  138 ARG A CA  1 
ATOM   1016 C C   . ARG A 1 138 ? -3.25341  -9.00463  -6.90296  1.000 18.97091 ?  138 ARG A C   1 
ATOM   1017 O O   . ARG A 1 138 ? -2.12155  -9.14438  -7.38514  1.000 17.28835 ?  138 ARG A O   1 
ATOM   1018 C CB  . ARG A 1 138 ? -3.84059  -7.08506  -5.38737  1.000 15.65018 ?  138 ARG A CB  1 
ATOM   1019 C CG  . ARG A 1 138 ? -2.45096  -7.02141  -4.77671  1.000 15.27095 ?  138 ARG A CG  1 
ATOM   1020 C CD  . ARG A 1 138 ? -2.54005  -6.45133  -3.36748  1.000 14.16889 ?  138 ARG A CD  1 
ATOM   1021 N NE  . ARG A 1 138 ? -1.23663  -6.34000  -2.72496  1.000 15.05136 ?  138 ARG A NE  1 
ATOM   1022 C CZ  . ARG A 1 138 ? -1.06249  -5.94327  -1.47172  1.000 13.53683 ?  138 ARG A CZ  1 
ATOM   1023 N NH1 . ARG A 1 138 ? -2.11503  -5.62296  -0.72908  1.000 16.32581 ?  138 ARG A NH1 1 
ATOM   1024 N NH2 . ARG A 1 138 ? 0.15747   -5.87999  -0.95657  1.000 14.15814 ?  138 ARG A NH2 1 
ATOM   1025 N N   . LEU A 1 139 ? -3.96367  -10.03472 -6.43622  1.000 20.75393 ?  139 LEU A N   1 
ATOM   1026 C CA  . LEU A 1 139 ? -3.44778  -11.39816 -6.51054  1.000 21.00384 ?  139 LEU A CA  1 
ATOM   1027 C C   . LEU A 1 139 ? -3.21796  -11.82503 -7.95358  1.000 18.78599 ?  139 LEU A C   1 
ATOM   1028 O O   . LEU A 1 139 ? -2.19106  -12.43655 -8.27433  1.000 17.66810 ?  139 LEU A O   1 
ATOM   1029 C CB  . LEU A 1 139 ? -4.41643  -12.36326 -5.82471  1.000 17.76284 ?  139 LEU A CB  1 
ATOM   1030 C CG  . LEU A 1 139 ? -4.28834  -12.49689 -4.30822  1.000 26.46284 ?  139 LEU A CG  1 
ATOM   1031 C CD1 . LEU A 1 139 ? -5.53114  -13.16049 -3.72256  1.000 26.14660 ?  139 LEU A CD1 1 
ATOM   1032 C CD2 . LEU A 1 139 ? -3.03595  -13.28659 -3.95961  1.000 26.91337 ?  139 LEU A CD2 1 
ATOM   1033 N N   . ALA A 1 140 ? -4.16989  -11.51784 -8.83670  1.000 19.11828 ?  140 ALA A N   1 
ATOM   1034 C CA  . ALA A 1 140 ? -4.01951  -11.87053 -10.24389 1.000 21.40253 ?  140 ALA A CA  1 
ATOM   1035 C C   . ALA A 1 140 ? -2.82298  -11.16003 -10.86611 1.000 20.81078 ?  140 ALA A C   1 
ATOM   1036 O O   . ALA A 1 140 ? -2.11708  -11.73247 -11.70739 1.000 16.05756 ?  140 ALA A O   1 
ATOM   1037 C CB  . ALA A 1 140 ? -5.30237  -11.53297 -11.00776 1.000 23.34319 ?  140 ALA A CB  1 
ATOM   1038 N N   . TRP A 1 141 ? -2.57366  -9.91243  -10.46167 1.000 15.90048 ?  141 TRP A N   1 
ATOM   1039 C CA  . TRP A 1 141 ? -1.44003  -9.18150  -11.01822 1.000 19.21863 ?  141 TRP A CA  1 
ATOM   1040 C C   . TRP A 1 141 ? -0.11575  -9.71686  -10.48127 1.000 17.55277 ?  141 TRP A C   1 
ATOM   1041 O O   . TRP A 1 141 ? 0.86171   -9.82776  -11.23085 1.000 18.15162 ?  141 TRP A O   1 
ATOM   1042 C CB  . TRP A 1 141 ? -1.58119  -7.68730  -10.72771 1.000 18.96602 ?  141 TRP A CB  1 
ATOM   1043 C CG  . TRP A 1 141 ? -0.40341  -6.87784  -11.18242 1.000 23.53266 ?  141 TRP A CG  1 
ATOM   1044 C CD1 . TRP A 1 141 ? -0.12244  -6.47485  -12.46033 1.000 22.78745 ?  141 TRP A CD1 1 
ATOM   1045 C CD2 . TRP A 1 141 ? 0.65756   -6.37676  -10.36174 1.000 21.83521 ?  141 TRP A CD2 1 
ATOM   1046 N NE1 . TRP A 1 141 ? 1.04741   -5.75458  -12.48070 1.000 24.97613 ?  141 TRP A NE1 1 
ATOM   1047 C CE2 . TRP A 1 141 ? 1.54526   -5.67846  -11.20603 1.000 23.71394 ?  141 TRP A CE2 1 
ATOM   1048 C CE3 . TRP A 1 141 ? 0.94213   -6.44954  -8.99464  1.000 25.48392 ?  141 TRP A CE3 1 
ATOM   1049 C CZ2 . TRP A 1 141 ? 2.69819   -5.05851  -10.72778 1.000 24.42295 ?  141 TRP A CZ2 1 
ATOM   1050 C CZ3 . TRP A 1 141 ? 2.08899   -5.83023  -8.52033  1.000 21.79270 ?  141 TRP A CZ3 1 
ATOM   1051 C CH2 . TRP A 1 141 ? 2.95094   -5.14485  -9.38599  1.000 24.85953 ?  141 TRP A CH2 1 
ATOM   1052 N N   . LEU A 1 142 ? -0.06279  -10.06269 -9.18993  1.000 15.68984 ?  142 LEU A N   1 
ATOM   1053 C CA  . LEU A 1 142 ? 1.17455   -10.58517 -8.61895  1.000 14.69359 ?  142 LEU A CA  1 
ATOM   1054 C C   . LEU A 1 142 ? 1.57501   -11.91072 -9.25536  1.000 16.70185 ?  142 LEU A C   1 
ATOM   1055 O O   . LEU A 1 142 ? 2.77144   -12.19335 -9.39490  1.000 14.47505 ?  142 LEU A O   1 
ATOM   1056 C CB  . LEU A 1 142 ? 1.02864   -10.74645 -7.10543  1.000 14.61794 ?  142 LEU A CB  1 
ATOM   1057 C CG  . LEU A 1 142 ? 0.91638   -9.45835  -6.28661  1.000 17.65355 ?  142 LEU A CG  1 
ATOM   1058 C CD1 . LEU A 1 142 ? 0.46080   -9.75811  -4.86417  1.000 17.11476 ?  142 LEU A CD1 1 
ATOM   1059 C CD2 . LEU A 1 142 ? 2.23433   -8.69679  -6.28493  1.000 13.75278 ?  142 LEU A CD2 1 
ATOM   1060 N N   . LYS A 1 143 ? 0.59419   -12.73030 -9.65194  1.000 12.58231 ?  143 LYS A N   1 
ATOM   1061 C CA  . LYS A 1 143 ? 0.88559   -14.03010 -10.24447 1.000 15.54348 ?  143 LYS A CA  1 
ATOM   1062 C C   . LYS A 1 143 ? 1.56300   -13.91407 -11.60434 1.000 16.86351 ?  143 LYS A C   1 
ATOM   1063 O O   . LYS A 1 143 ? 2.15615   -14.89156 -12.07079 1.000 18.83379 ?  143 LYS A O   1 
ATOM   1064 C CB  . LYS A 1 143 ? -0.39943  -14.84925 -10.36750 1.000 15.00592 ?  143 LYS A CB  1 
ATOM   1065 C CG  . LYS A 1 143 ? -0.93669  -15.35110 -9.03784  1.000 19.03958 ?  143 LYS A CG  1 
ATOM   1066 C CD  . LYS A 1 143 ? -2.31217  -15.98324 -9.19884  1.000 19.15077 ?  143 LYS A CD  1 
ATOM   1067 C CE  . LYS A 1 143 ? -2.91306  -16.33985 -7.85021  1.000 20.01215 ?  143 LYS A CE  1 
ATOM   1068 N NZ  . LYS A 1 143 ? -4.32903  -16.77900 -7.98016  1.000 24.31733 ?  143 LYS A NZ  1 
ATOM   1069 N N   . GLY A 1 144 ? 1.50042   -12.74816 -12.24291 1.000 18.36230 ?  144 GLY A N   1 
ATOM   1070 C CA  . GLY A 1 144 ? 2.21818   -12.52065 -13.47832 1.000 13.45094 ?  144 GLY A CA  1 
ATOM   1071 C C   . GLY A 1 144 ? 3.66856   -12.11991 -13.33046 1.000 20.33507 ?  144 GLY A C   1 
ATOM   1072 O O   . GLY A 1 144 ? 4.38130   -12.03612 -14.33436 1.000 21.13182 ?  144 GLY A O   1 
ATOM   1073 N N   . LEU A 1 145 ? 4.13311   -11.87096 -12.10879 1.000 18.32498 ?  145 LEU A N   1 
ATOM   1074 C CA  . LEU A 1 145 ? 5.52006   -11.48394 -11.89552 1.000 18.89239 ?  145 LEU A CA  1 
ATOM   1075 C C   . LEU A 1 145 ? 6.41657   -12.71080 -11.78251 1.000 21.44290 ?  145 LEU A C   1 
ATOM   1076 O O   . LEU A 1 145 ? 6.02147   -13.75176 -11.24454 1.000 17.64572 ?  145 LEU A O   1 
ATOM   1077 C CB  . LEU A 1 145 ? 5.65507   -10.63988 -10.62947 1.000 18.49228 ?  145 LEU A CB  1 
ATOM   1078 C CG  . LEU A 1 145 ? 4.80413   -9.37065  -10.54802 1.000 18.09018 ?  145 LEU A CG  1 
ATOM   1079 C CD1 . LEU A 1 145 ? 4.94757   -8.73103  -9.17057  1.000 19.32978 ?  145 LEU A CD1 1 
ATOM   1080 C CD2 . LEU A 1 145 ? 5.17781   -8.39062  -11.64475 1.000 20.41321 ?  145 LEU A CD2 1 
ATOM   1081 N N   . GLY A 1 146 ? 7.64469   -12.57431 -12.28965 1.000 19.45458 ?  146 GLY A N   1 
ATOM   1082 C CA  . GLY A 1 146 ? 8.61235   -13.64816 -12.14662 1.000 21.19755 ?  146 GLY A CA  1 
ATOM   1083 C C   . GLY A 1 146 ? 8.90436   -13.98146 -10.69788 1.000 20.74160 ?  146 GLY A C   1 
ATOM   1084 O O   . GLY A 1 146 ? 9.15954   -15.14124 -10.36021 1.000 21.36915 ?  146 GLY A O   1 
ATOM   1085 N N   . THR A 1 147 ? 8.84357   -12.98092 -9.81938  1.000 16.83576 ?  147 THR A N   1 
ATOM   1086 C CA  . THR A 1 147 ? 9.14440   -13.18040 -8.40838  1.000 16.42855 ?  147 THR A CA  1 
ATOM   1087 C C   . THR A 1 147 ? 8.06050   -13.94773 -7.66786  1.000 15.11329 ?  147 THR A C   1 
ATOM   1088 O O   . THR A 1 147 ? 8.27227   -14.30666 -6.50482  1.000 16.52062 ?  147 THR A O   1 
ATOM   1089 C CB  . THR A 1 147 ? 9.35453   -11.83228 -7.72137  1.000 16.94313 ?  147 THR A CB  1 
ATOM   1090 O OG1 . THR A 1 147 ? 8.35534   -10.91236 -8.17722  1.000 19.03947 ?  147 THR A OG1 1 
ATOM   1091 C CG2 . THR A 1 147 ? 10.73555  -11.27846 -8.03169  1.000 19.40137 ?  147 THR A CG2 1 
ATOM   1092 N N   . PHE A 1 148 ? 6.90852   -14.19971 -8.29521  1.000 17.69114 ?  148 PHE A N   1 
ATOM   1093 C CA  . PHE A 1 148 ? 5.85036   -14.92049 -7.59697  1.000 19.64248 ?  148 PHE A CA  1 
ATOM   1094 C C   . PHE A 1 148 ? 6.28130   -16.33777 -7.23132  1.000 19.23749 ?  148 PHE A C   1 
ATOM   1095 O O   . PHE A 1 148 ? 5.80800   -16.88602 -6.23092  1.000 16.56663 ?  148 PHE A O   1 
ATOM   1096 C CB  . PHE A 1 148 ? 4.56962   -14.94651 -8.43660  1.000 18.89402 ?  148 PHE A CB  1 
ATOM   1097 C CG  . PHE A 1 148 ? 3.34933   -15.36952 -7.66063  1.000 17.46724 ?  148 PHE A CG  1 
ATOM   1098 C CD1 . PHE A 1 148 ? 2.58172   -14.43122 -6.98376  1.000 16.92313 ?  148 PHE A CD1 1 
ATOM   1099 C CD2 . PHE A 1 148 ? 2.97655   -16.70484 -7.59937  1.000 16.04007 ?  148 PHE A CD2 1 
ATOM   1100 C CE1 . PHE A 1 148 ? 1.46298   -14.81859 -6.26072  1.000 16.70909 ?  148 PHE A CE1 1 
ATOM   1101 C CE2 . PHE A 1 148 ? 1.86383   -17.10068 -6.88071  1.000 17.49177 ?  148 PHE A CE2 1 
ATOM   1102 C CZ  . PHE A 1 148 ? 1.10395   -16.15598 -6.20677  1.000 18.12222 ?  148 PHE A CZ  1 
ATOM   1103 N N   . SER A 1 149 ? 7.18484   -16.94423 -8.00675  1.000 18.45482 ?  149 SER A N   1 
ATOM   1104 C CA  . SER A 1 149 ? 7.61654   -18.29583 -7.66199  1.000 20.54958 ?  149 SER A CA  1 
ATOM   1105 C C   . SER A 1 149 ? 8.36524   -18.31766 -6.33389  1.000 23.71768 ?  149 SER A C   1 
ATOM   1106 O O   . SER A 1 149 ? 8.35681   -19.33736 -5.63570  1.000 26.45623 ?  149 SER A O   1 
ATOM   1107 C CB  . SER A 1 149 ? 8.48042   -18.89335 -8.77821  1.000 19.49608 ?  149 SER A CB  1 
ATOM   1108 O OG  . SER A 1 149 ? 9.71423   -18.20663 -8.90751  1.000 23.71973 ?  149 SER A OG  1 
ATOM   1109 N N   . THR A 1 150 ? 8.98584   -17.20324 -5.95175  1.000 20.56231 ?  150 THR A N   1 
ATOM   1110 C CA  . THR A 1 150 ? 9.69935   -17.13285 -4.68334  1.000 20.14334 ?  150 THR A CA  1 
ATOM   1111 C C   . THR A 1 150 ? 8.83177   -16.57835 -3.55392  1.000 20.84357 ?  150 THR A C   1 
ATOM   1112 O O   . THR A 1 150 ? 8.83038   -17.12455 -2.44716  1.000 19.77677 ?  150 THR A O   1 
ATOM   1113 C CB  . THR A 1 150 ? 10.96659  -16.28475 -4.84662  1.000 20.79334 ?  150 THR A CB  1 
ATOM   1114 O OG1 . THR A 1 150 ? 11.84540  -16.92473 -5.78024  1.000 21.11091 ?  150 THR A OG1 1 
ATOM   1115 C CG2 . THR A 1 150 ? 11.68714  -16.11567 -3.51421  1.000 22.00611 ?  150 THR A CG2 1 
ATOM   1116 N N   . PHE A 1 151 ? 8.08467   -15.50565 -3.80966  1.000 17.84407 ?  151 PHE A N   1 
ATOM   1117 C CA  . PHE A 1 151 ? 7.38567   -14.78987 -2.75025  1.000 21.83220 ?  151 PHE A CA  1 
ATOM   1118 C C   . PHE A 1 151 ? 5.87481   -14.97993 -2.77066  1.000 19.78172 ?  151 PHE A C   1 
ATOM   1119 O O   . PHE A 1 151 ? 5.18784   -14.40875 -1.91850  1.000 19.90396 ?  151 PHE A O   1 
ATOM   1120 C CB  . PHE A 1 151 ? 7.71956   -13.29424 -2.82848  1.000 20.36368 ?  151 PHE A CB  1 
ATOM   1121 C CG  . PHE A 1 151 ? 9.19558   -13.00823 -2.79593  1.000 23.84461 ?  151 PHE A CG  1 
ATOM   1122 C CD1 . PHE A 1 151 ? 9.90901   -13.11137 -1.60875  1.000 21.72883 ?  151 PHE A CD1 1 
ATOM   1123 C CD2 . PHE A 1 151 ? 9.87332   -12.65594 -3.95080  1.000 22.97654 ?  151 PHE A CD2 1 
ATOM   1124 C CE1 . PHE A 1 151 ? 11.27214  -12.85723 -1.57411  1.000 24.20606 ?  151 PHE A CE1 1 
ATOM   1125 C CE2 . PHE A 1 151 ? 11.23651  -12.40290 -3.92387  1.000 28.13241 ?  151 PHE A CE2 1 
ATOM   1126 C CZ  . PHE A 1 151 ? 11.93491  -12.50199 -2.73153  1.000 25.46954 ?  151 PHE A CZ  1 
ATOM   1127 N N   . GLY A 1 152 ? 5.34629   -15.78861 -3.69144  1.000 17.90460 ?  152 GLY A N   1 
ATOM   1128 C CA  . GLY A 1 152 ? 3.90532   -15.82817 -3.89815  1.000 17.78645 ?  152 GLY A CA  1 
ATOM   1129 C C   . GLY A 1 152 ? 3.12079   -16.31176 -2.69128  1.000 19.50791 ?  152 GLY A C   1 
ATOM   1130 O O   . GLY A 1 152 ? 2.07518   -15.74901 -2.35684  1.000 18.44121 ?  152 GLY A O   1 
ATOM   1131 N N   . LYS A 1 153 ? 3.59088   -17.37544 -2.03410  1.000 18.95130 ?  153 LYS A N   1 
ATOM   1132 C CA  . LYS A 1 153 ? 2.84661   -17.88049 -0.88413  1.000 18.43623 ?  153 LYS A CA  1 
ATOM   1133 C C   . LYS A 1 153 ? 2.77523   -16.83627 0.22376   1.000 19.07690 ?  153 LYS A C   1 
ATOM   1134 O O   . LYS A 1 153 ? 1.70329   -16.60373 0.79529   1.000 16.90391 ?  153 LYS A O   1 
ATOM   1135 C CB  . LYS A 1 153 ? 3.46024   -19.18000 -0.36271  1.000 21.70493 ?  153 LYS A CB  1 
ATOM   1136 C CG  . LYS A 1 153 ? 2.68719   -19.76396 0.81812   1.000 28.73619 ?  153 LYS A CG  1 
ATOM   1137 C CD  . LYS A 1 153 ? 2.63198   -21.28712 0.78207   1.000 27.92113 ?  153 LYS A CD  1 
ATOM   1138 C CE  . LYS A 1 153 ? 1.89241   -21.84349 1.99608   1.000 30.09517 ?  153 LYS A CE  1 
ATOM   1139 N NZ  . LYS A 1 153 ? 2.12813   -23.30814 2.17651   1.000 24.23876 ?  153 LYS A NZ  1 
ATOM   1140 N N   . GLY A 1 154 ? 3.89904   -16.17893 0.52411   1.000 17.34372 ?  154 GLY A N   1 
ATOM   1141 C CA  . GLY A 1 154 ? 3.87703   -15.11209 1.51547   1.000 17.92188 ?  154 GLY A CA  1 
ATOM   1142 C C   . GLY A 1 154 ? 3.04243   -13.92154 1.07883   1.000 18.43082 ?  154 GLY A C   1 
ATOM   1143 O O   . GLY A 1 154 ? 2.31699   -13.33121 1.88440   1.000 18.04196 ?  154 GLY A O   1 
ATOM   1144 N N   . TRP A 1 155 ? 3.13176   -13.55451 -0.20508  1.000 18.44834 ?  155 TRP A N   1 
ATOM   1145 C CA  . TRP A 1 155 ? 2.27999   -12.49717 -0.74525  1.000 16.86144 ?  155 TRP A CA  1 
ATOM   1146 C C   . TRP A 1 155 ? 0.80530   -12.84534 -0.59318  1.000 17.84976 ?  155 TRP A C   1 
ATOM   1147 O O   . TRP A 1 155 ? -0.01012  -11.98977 -0.22992  1.000 19.80760 ?  155 TRP A O   1 
ATOM   1148 C CB  . TRP A 1 155 ? 2.60668   -12.25964 -2.21919  1.000 18.02960 ?  155 TRP A CB  1 
ATOM   1149 C CG  . TRP A 1 155 ? 3.88751   -11.51732 -2.48288  1.000 18.69398 ?  155 TRP A CG  1 
ATOM   1150 C CD1 . TRP A 1 155 ? 4.65898   -10.85846 -1.57510  1.000 21.79644 ?  155 TRP A CD1 1 
ATOM   1151 C CD2 . TRP A 1 155 ? 4.53667   -11.36005 -3.75140  1.000 16.41895 ?  155 TRP A CD2 1 
ATOM   1152 N NE1 . TRP A 1 155 ? 5.74914   -10.29866 -2.19934  1.000 18.63413 ?  155 TRP A NE1 1 
ATOM   1153 C CE2 . TRP A 1 155 ? 5.69440   -10.59147 -3.53610  1.000 18.76575 ?  155 TRP A CE2 1 
ATOM   1154 C CE3 . TRP A 1 155 ? 4.24770   -11.79435 -5.04830  1.000 17.38194 ?  155 TRP A CE3 1 
ATOM   1155 C CZ2 . TRP A 1 155 ? 6.56404   -10.24601 -4.56846  1.000 18.25498 ?  155 TRP A CZ2 1 
ATOM   1156 C CZ3 . TRP A 1 155 ? 5.11413   -11.45311 -6.07281  1.000 17.61781 ?  155 TRP A CZ3 1 
ATOM   1157 C CH2 . TRP A 1 155 ? 6.25770   -10.68714 -5.82639  1.000 17.65292 ?  155 TRP A CH2 1 
ATOM   1158 N N   . THR A 1 156 ? 0.44399   -14.09800 -0.88417  1.000 21.22007 ?  156 THR A N   1 
ATOM   1159 C CA  . THR A 1 156 ? -0.94515  -14.52763 -0.75994  1.000 19.42201 ?  156 THR A CA  1 
ATOM   1160 C C   . THR A 1 156 ? -1.43937  -14.36780 0.66930   1.000 17.64787 ?  156 THR A C   1 
ATOM   1161 O O   . THR A 1 156 ? -2.56562  -13.91325 0.90018   1.000 17.24998 ?  156 THR A O   1 
ATOM   1162 C CB  . THR A 1 156 ? -1.07897  -15.97968 -1.22072  1.000 16.71910 ?  156 THR A CB  1 
ATOM   1163 O OG1 . THR A 1 156 ? -0.65019  -16.08462 -2.58195  1.000 18.62790 ?  156 THR A OG1 1 
ATOM   1164 C CG2 . THR A 1 156 ? -2.51920  -16.45211 -1.11304  1.000 18.14216 ?  156 THR A CG2 1 
ATOM   1165 N N   . SER A 1 157 ? -0.59656  -14.71349 1.64255   1.000 18.32970 ?  157 SER A N   1 
ATOM   1166 C CA  . SER A 1 157 ? -0.97236  -14.56521 3.04307   1.000 17.80158 ?  157 SER A CA  1 
ATOM   1167 C C   . SER A 1 157 ? -1.10193  -13.09336 3.42207   1.000 20.07707 ?  157 SER A C   1 
ATOM   1168 O O   . SER A 1 157 ? -2.00240  -12.71758 4.18353   1.000 17.76772 ?  157 SER A O   1 
ATOM   1169 C CB  . SER A 1 157 ? 0.05408   -15.28322 3.92260   1.000 20.43249 ?  157 SER A CB  1 
ATOM   1170 O OG  . SER A 1 157 ? -0.18884  -15.06175 5.29646   1.000 26.47859 ?  157 SER A OG  1 
ATOM   1171 N N   . ARG A 1 158 ? -0.22485  -12.24392 2.88284   1.000 18.66521 ?  158 ARG A N   1 
ATOM   1172 C CA  . ARG A 1 158 ? -0.30408  -10.81217 3.15521   1.000 21.15928 ?  158 ARG A CA  1 
ATOM   1173 C C   . ARG A 1 158 ? -1.61602  -10.22458 2.64481   1.000 19.50023 ?  158 ARG A C   1 
ATOM   1174 O O   . ARG A 1 158 ? -2.28343  -9.46506  3.35493   1.000 19.62690 ?  158 ARG A O   1 
ATOM   1175 C CB  . ARG A 1 158 ? 0.88971   -10.09271 2.52345   1.000 20.34212 ?  158 ARG A CB  1 
ATOM   1176 C CG  . ARG A 1 158 ? 0.75859   -8.57778  2.50878   1.000 24.46826 ?  158 ARG A CG  1 
ATOM   1177 C CD  . ARG A 1 158 ? 2.01416   -7.91542  1.95906   1.000 23.37654 ?  158 ARG A CD  1 
ATOM   1178 N NE  . ARG A 1 158 ? 1.97090   -6.46533  2.12418   1.000 24.86303 ?  158 ARG A NE  1 
ATOM   1179 C CZ  . ARG A 1 158 ? 3.04865   -5.68658  2.17426   1.000 29.70944 ?  158 ARG A CZ  1 
ATOM   1180 N NH1 . ARG A 1 158 ? 4.26133   -6.22011  2.07911   1.000 23.53258 ?  158 ARG A NH1 1 
ATOM   1181 N NH2 . ARG A 1 158 ? 2.91592   -4.37435  2.33031   1.000 25.31024 ?  158 ARG A NH2 1 
ATOM   1182 N N   . VAL A 1 159 ? -2.00453  -10.56759 1.41162   1.000 16.99179 ?  159 VAL A N   1 
ATOM   1183 C CA  . VAL A 1 159 ? -3.23768  -10.02168 0.84802   1.000 15.80852 ?  159 VAL A CA  1 
ATOM   1184 C C   . VAL A 1 159 ? -4.44089  -10.47777 1.65993   1.000 20.56123 ?  159 VAL A C   1 
ATOM   1185 O O   . VAL A 1 159 ? -5.37092  -9.69935  1.91044   1.000 19.62361 ?  159 VAL A O   1 
ATOM   1186 C CB  . VAL A 1 159 ? -3.37702  -10.40980 -0.63608  1.000 18.40335 ?  159 VAL A CB  1 
ATOM   1187 C CG1 . VAL A 1 159 ? -4.69423  -9.88324  -1.19899  1.000 21.40268 ?  159 VAL A CG1 1 
ATOM   1188 C CG2 . VAL A 1 159 ? -2.20607  -9.86809  -1.44221  1.000 19.87803 ?  159 VAL A CG2 1 
ATOM   1189 N N   . SER A 1 160 ? -4.43432  -11.73957 2.10003   1.000 17.92409 ?  160 SER A N   1 
ATOM   1190 C CA  . SER A 1 160 ? -5.54016  -12.25056 2.90170   1.000 21.13716 ?  160 SER A CA  1 
ATOM   1191 C C   . SER A 1 160 ? -5.70653  -11.45258 4.19032   1.000 18.72807 ?  160 SER A C   1 
ATOM   1192 O O   . SER A 1 160 ? -6.83101  -11.11590 4.57935   1.000 21.10811 ?  160 SER A O   1 
ATOM   1193 C CB  . SER A 1 160 ? -5.32083  -13.73260 3.20870   1.000 20.02903 ?  160 SER A CB  1 
ATOM   1194 O OG  . SER A 1 160 ? -6.40353  -14.25953 3.95473   1.000 24.73647 ?  160 SER A OG  1 
ATOM   1195 N N   . ARG A 1 161 ? -4.59836  -11.13111 4.86035   1.000 17.64235 ?  161 ARG A N   1 
ATOM   1196 C CA  . ARG A 1 161 ? -4.68257  -10.36756 6.10183   1.000 25.54089 ?  161 ARG A CA  1 
ATOM   1197 C C   . ARG A 1 161 ? -5.13140  -8.93568  5.84158   1.000 22.47081 ?  161 ARG A C   1 
ATOM   1198 O O   . ARG A 1 161 ? -5.87984  -8.35781  6.64003   1.000 19.10723 ?  161 ARG A O   1 
ATOM   1199 C CB  . ARG A 1 161 ? -3.33507  -10.37869 6.82136   1.000 22.88704 ?  161 ARG A CB  1 
ATOM   1200 C CG  . ARG A 1 161 ? -3.41304  -9.89097  8.25335   1.000 29.42123 ?  161 ARG A CG  1 
ATOM   1201 C CD  . ARG A 1 161 ? -2.16761  -9.10220  8.64497   1.000 39.28071 ?  161 ARG A CD  1 
ATOM   1202 N NE  . ARG A 1 161 ? -0.93960  -9.70636  8.13519   1.000 41.88659 ?  161 ARG A NE  1 
ATOM   1203 C CZ  . ARG A 1 161 ? -0.12755  -9.11954  7.25941   1.000 41.55319 ?  161 ARG A CZ  1 
ATOM   1204 N NH1 . ARG A 1 161 ? -0.41700  -7.91096  6.78964   1.000 38.22457 ?  161 ARG A NH1 1 
ATOM   1205 N NH2 . ARG A 1 161 ? 0.97213   -9.74131  6.84841   1.000 43.28795 ?  161 ARG A NH2 1 
ATOM   1206 N N   . VAL A 1 162 ? -4.67331  -8.34811  4.73468   1.000 20.20622 ?  162 VAL A N   1 
ATOM   1207 C CA  . VAL A 1 162 ? -5.09806  -7.00281  4.35787   1.000 19.93279 ?  162 VAL A CA  1 
ATOM   1208 C C   . VAL A 1 162 ? -6.58854  -6.97870  4.03636   1.000 20.16478 ?  162 VAL A C   1 
ATOM   1209 O O   . VAL A 1 162 ? -7.31356  -6.06708  4.45552   1.000 19.39642 ?  162 VAL A O   1 
ATOM   1210 C CB  . VAL A 1 162 ? -4.25069  -6.50523  3.17117   1.000 21.83498 ?  162 VAL A CB  1 
ATOM   1211 C CG1 . VAL A 1 162 ? -4.84714  -5.23090  2.56196   1.000 18.33507 ?  162 VAL A CG1 1 
ATOM   1212 C CG2 . VAL A 1 162 ? -2.81314  -6.28529  3.60940   1.000 21.54520 ?  162 VAL A CG2 1 
ATOM   1213 N N   . ARG A 1 163 ? -7.06613  -7.97219  3.28138   1.000 20.19862 ?  163 ARG A N   1 
ATOM   1214 C CA  . ARG A 1 163 ? -8.48017  -8.02661  2.92953   1.000 19.41213 ?  163 ARG A CA  1 
ATOM   1215 C C   . ARG A 1 163 ? -9.34864  -8.10628  4.17755   1.000 20.32749 ?  163 ARG A C   1 
ATOM   1216 O O   . ARG A 1 163 ? -10.37939 -7.43247  4.26968   1.000 20.62688 ?  163 ARG A O   1 
ATOM   1217 C CB  . ARG A 1 163 ? -8.74568  -9.22319  2.01446   1.000 19.22385 ?  163 ARG A CB  1 
ATOM   1218 C CG  . ARG A 1 163 ? -10.19517 -9.34818  1.55716   1.000 20.89243 ?  163 ARG A CG  1 
ATOM   1219 C CD  . ARG A 1 163 ? -10.49434 -10.73673 1.00322   1.000 20.63576 ?  163 ARG A CD  1 
ATOM   1220 N NE  . ARG A 1 163 ? -9.55068  -11.12090 -0.04239  1.000 21.65531 ?  163 ARG A NE  1 
ATOM   1221 C CZ  . ARG A 1 163 ? -9.82251  -11.10424 -1.34452  1.000 19.20559 ?  163 ARG A CZ  1 
ATOM   1222 N NH1 . ARG A 1 163 ? -11.01474 -10.72391 -1.76606  1.000 17.73758 ?  163 ARG A NH1 1 
ATOM   1223 N NH2 . ARG A 1 163 ? -8.89946  -11.46766 -2.22775  1.000 19.80279 ?  163 ARG A NH2 1 
ATOM   1224 N N   . SER A 1 164 ? -8.93789  -8.91547  5.15718   1.000 21.07090 ?  164 SER A N   1 
ATOM   1225 C CA  . SER A 1 164 ? -9.70953  -9.05425  6.39051   1.000 20.56007 ?  164 SER A CA  1 
ATOM   1226 C C   . SER A 1 164 ? -9.76610  -7.74132  7.16083   1.000 21.59608 ?  164 SER A C   1 
ATOM   1227 O O   . SER A 1 164 ? -10.84871 -7.29149  7.56628   1.000 20.13051 ?  164 SER A O   1 
ATOM   1228 C CB  . SER A 1 164 ? -9.10802  -10.15812 7.26069   1.000 21.27655 ?  164 SER A CB  1 
ATOM   1229 O OG  . SER A 1 164 ? -9.85207  -10.33702 8.45429   1.000 28.54997 ?  164 SER A OG  1 
ATOM   1230 N N   . ARG A 1 165 ? -8.60784  -7.10309  7.36500   1.000 17.08772 ?  165 ARG A N   1 
ATOM   1231 C CA  . ARG A 1 165 ? -8.59823  -5.84701  8.10574   1.000 20.31051 ?  165 ARG A CA  1 
ATOM   1232 C C   . ARG A 1 165 ? -9.33033  -4.74621  7.34634   1.000 17.46997 ?  165 ARG A C   1 
ATOM   1233 O O   . ARG A 1 165 ? -10.00230 -3.90945  7.95929   1.000 18.08277 ?  165 ARG A O   1 
ATOM   1234 C CB  . ARG A 1 165 ? -7.16609  -5.41790  8.41985   1.000 22.33543 ?  165 ARG A CB  1 
ATOM   1235 C CG  . ARG A 1 165 ? -7.08266  -4.32339  9.48805   1.000 21.67342 ?  165 ARG A CG  1 
ATOM   1236 C CD  . ARG A 1 165 ? -5.65630  -4.05754  9.94718   1.000 26.82622 ?  165 ARG A CD  1 
ATOM   1237 N NE  . ARG A 1 165 ? -5.04016  -5.22892  10.56621  1.000 35.35470 ?  165 ARG A NE  1 
ATOM   1238 C CZ  . ARG A 1 165 ? -4.06709  -5.94440  10.00853  1.000 37.07150 ?  165 ARG A CZ  1 
ATOM   1239 N NH1 . ARG A 1 165 ? -3.59228  -5.61662  8.80792   1.000 41.63006 ?  165 ARG A NH1 1 
ATOM   1240 N NH2 . ARG A 1 165 ? -3.56593  -6.98973  10.65208  1.000 39.35009 ?  165 ARG A NH2 1 
ATOM   1241 N N   . ALA A 1 166 ? -9.22177  -4.72803  6.01418   1.000 17.73337 ?  166 ALA A N   1 
ATOM   1242 C CA  . ALA A 1 166 ? -9.90400  -3.69128  5.24296   1.000 14.93455 ?  166 ALA A CA  1 
ATOM   1243 C C   . ALA A 1 166 ? -11.41788 -3.82070  5.36694   1.000 18.91919 ?  166 ALA A C   1 
ATOM   1244 O O   . ALA A 1 166 ? -12.11603 -2.83442  5.63069   1.000 17.37684 ?  166 ALA A O   1 
ATOM   1245 C CB  . ALA A 1 166 ? -9.47835  -3.74893  3.77785   1.000 17.16732 ?  166 ALA A CB  1 
ATOM   1246 N N   . LEU A 1 167 ? -11.94496 -5.03241  5.17617   1.000 16.48887 ?  167 LEU A N   1 
ATOM   1247 C CA  . LEU A 1 167 ? -13.37892 -5.24551  5.34360   1.000 19.03987 ?  167 LEU A CA  1 
ATOM   1248 C C   . LEU A 1 167 ? -13.83373 -4.88756  6.75211   1.000 20.24530 ?  167 LEU A C   1 
ATOM   1249 O O   . LEU A 1 167 ? -14.93765 -4.35762  6.93306   1.000 21.87854 ?  167 LEU A O   1 
ATOM   1250 C CB  . LEU A 1 167 ? -13.72869 -6.69622  5.01692   1.000 18.29771 ?  167 LEU A CB  1 
ATOM   1251 C CG  . LEU A 1 167 ? -13.45128 -7.10557  3.56856   1.000 19.41362 ?  167 LEU A CG  1 
ATOM   1252 C CD1 . LEU A 1 167 ? -13.42972 -8.61401  3.41985   1.000 21.45149 ?  167 LEU A CD1 1 
ATOM   1253 C CD2 . LEU A 1 167 ? -14.47421 -6.49524  2.63932   1.000 19.48618 ?  167 LEU A CD2 1 
ATOM   1254 N N   . ALA A 1 168 ? -12.99937 -5.16574  7.75719   1.000 16.97266 ?  168 ALA A N   1 
ATOM   1255 C CA  . ALA A 1 168 ? -13.31062 -4.75521  9.12103   1.000 21.25593 ?  168 ALA A CA  1 
ATOM   1256 C C   . ALA A 1 168 ? -13.39130 -3.23706  9.22953   1.000 24.27092 ?  168 ALA A C   1 
ATOM   1257 O O   . ALA A 1 168 ? -14.38485 -2.69537  9.72784   1.000 22.45226 ?  168 ALA A O   1 
ATOM   1258 C CB  . ALA A 1 168 ? -12.26710 -5.31625  10.08770  1.000 18.45911 ?  168 ALA A CB  1 
ATOM   1259 N N   . PHE A 1 169 ? -12.35279 -2.53073  8.75576   1.000 21.70870 ?  169 PHE A N   1 
ATOM   1260 C CA  . PHE A 1 169 ? -12.37430 -1.06900  8.76381   1.000 22.05117 ?  169 PHE A CA  1 
ATOM   1261 C C   . PHE A 1 169 ? -13.61011 -0.52258  8.06114   1.000 22.87659 ?  169 PHE A C   1 
ATOM   1262 O O   . PHE A 1 169 ? -14.17052 0.49499   8.48441   1.000 20.67642 ?  169 PHE A O   1 
ATOM   1263 C CB  . PHE A 1 169 ? -11.11250 -0.51363  8.09118   1.000 21.66936 ?  169 PHE A CB  1 
ATOM   1264 C CG  . PHE A 1 169 ? -9.88219  -0.56502  8.95032   1.000 21.05162 ?  169 PHE A CG  1 
ATOM   1265 C CD1 . PHE A 1 169 ? -9.97075  -0.49852  10.33077  1.000 26.87789 ?  169 PHE A CD1 1 
ATOM   1266 C CD2 . PHE A 1 169 ? -8.62468  -0.68159  8.36883   1.000 21.34320 ?  169 PHE A CD2 1 
ATOM   1267 C CE1 . PHE A 1 169 ? -8.82315  -0.54427  11.11929  1.000 27.89037 ?  169 PHE A CE1 1 
ATOM   1268 C CE2 . PHE A 1 169 ? -7.48030  -0.72923  9.14412   1.000 18.02316 ?  169 PHE A CE2 1 
ATOM   1269 C CZ  . PHE A 1 169 ? -7.57762  -0.66073  10.52159  1.000 25.71102 ?  169 PHE A CZ  1 
ATOM   1270 N N   . SER A 1 170 ? -14.05412 -1.19401  6.99652   1.000 19.45734 ?  170 SER A N   1 
ATOM   1271 C CA  . SER A 1 170 ? -15.21520 -0.75304  6.23038   1.000 23.39577 ?  170 SER A CA  1 
ATOM   1272 C C   . SER A 1 170 ? -16.49595 -0.72458  7.05822   1.000 26.15375 ?  170 SER A C   1 
ATOM   1273 O O   . SER A 1 170 ? -17.44466 -0.02208  6.69008   1.000 24.38162 ?  170 SER A O   1 
ATOM   1274 C CB  . SER A 1 170 ? -15.39437 -1.66320  5.00939   1.000 23.71097 ?  170 SER A CB  1 
ATOM   1275 O OG  . SER A 1 170 ? -16.75919 -1.81409  4.67699   1.000 32.74435 ?  170 SER A OG  1 
ATOM   1276 N N   . ARG A 1 171 ? -16.55350 -1.47042  8.16087   1.000 25.76038 ?  171 ARG A N   1 
ATOM   1277 C CA  . ARG A 1 171 ? -17.71827 -1.45395  9.03848   1.000 27.46020 ?  171 ARG A CA  1 
ATOM   1278 C C   . ARG A 1 171 ? -17.38777 -0.89056  10.41802  1.000 27.94966 ?  171 ARG A C   1 
ATOM   1279 O O   . ARG A 1 171 ? -18.16214 -1.07315  11.36148  1.000 30.20286 ?  171 ARG A O   1 
ATOM   1280 C CB  . ARG A 1 171 ? -18.31877 -2.85604  9.14756   1.000 27.60993 ?  171 ARG A CB  1 
ATOM   1281 C CG  . ARG A 1 171 ? -18.36905 -3.56759  7.80356   1.000 27.90095 ?  171 ARG A CG  1 
ATOM   1282 C CD  . ARG A 1 171 ? -19.44150 -4.63206  7.73981   1.000 29.65677 ?  171 ARG A CD  1 
ATOM   1283 N NE  . ARG A 1 171 ? -19.84906 -4.88159  6.35899   1.000 34.84074 ?  171 ARG A NE  1 
ATOM   1284 C CZ  . ARG A 1 171 ? -20.96027 -4.40178  5.80568   1.000 35.08405 ?  171 ARG A CZ  1 
ATOM   1285 N NH1 . ARG A 1 171 ? -21.24452 -4.67845  4.54077   1.000 38.22749 ?  171 ARG A NH1 1 
ATOM   1286 N NH2 . ARG A 1 171 ? -21.79733 -3.65747  6.51918   1.000 41.09847 ?  171 ARG A NH2 1 
ATOM   1287 N N   . ASP A 1 172 ? -16.25228 -0.20400  10.54928  1.000 30.02574 ?  172 ASP A N   1 
ATOM   1288 C CA  . ASP A 1 172 ? -15.89185 0.48223   11.78515  1.000 34.95767 ?  172 ASP A CA  1 
ATOM   1289 C C   . ASP A 1 172 ? -16.67905 1.78493   11.87531  1.000 41.16480 ?  172 ASP A C   1 
ATOM   1290 O O   . ASP A 1 172 ? -16.54891 2.65726   11.00821  1.000 38.48063 ?  172 ASP A O   1 
ATOM   1291 C CB  . ASP A 1 172 ? -14.38671 0.74693   11.82124  1.000 36.36464 ?  172 ASP A CB  1 
ATOM   1292 C CG  . ASP A 1 172 ? -13.90104 1.24509   13.17659  1.000 44.01700 ?  172 ASP A CG  1 
ATOM   1293 O OD1 . ASP A 1 172 ? -14.44681 2.24612   13.68834  1.000 50.45062 ?  172 ASP A OD1 1 
ATOM   1294 O OD2 . ASP A 1 172 ? -12.96073 0.63417   13.73084  1.000 44.67977 -1 172 ASP A OD2 1 
ATOM   1295 N N   . SER A 1 173 ? -17.48939 1.91898   12.92897  1.000 44.67620 ?  173 SER A N   1 
ATOM   1296 C CA  . SER A 1 173 ? -18.39964 3.05463   13.04240  1.000 47.39747 ?  173 SER A CA  1 
ATOM   1297 C C   . SER A 1 173 ? -17.67354 4.38009   13.24287  1.000 44.25768 ?  173 SER A C   1 
ATOM   1298 O O   . SER A 1 173 ? -18.28217 5.43826   13.04989  1.000 48.83057 ?  173 SER A O   1 
ATOM   1299 C CB  . SER A 1 173 ? -19.38470 2.82188   14.19078  1.000 48.55727 ?  173 SER A CB  1 
ATOM   1300 O OG  . SER A 1 173 ? -18.75729 2.15576   15.27414  1.000 48.11820 ?  173 SER A OG  1 
ATOM   1301 N N   . ALA A 1 174 ? -16.39521 4.35126   13.62268  1.000 47.22956 ?  174 ALA A N   1 
ATOM   1302 C CA  . ALA A 1 174 ? -15.59216 5.55716   13.78734  1.000 45.80505 ?  174 ALA A CA  1 
ATOM   1303 C C   . ALA A 1 174 ? -14.76381 5.87689   12.54538  1.000 47.39082 ?  174 ALA A C   1 
ATOM   1304 O O   . ALA A 1 174 ? -13.69489 6.48660   12.65209  1.000 47.03896 ?  174 ALA A O   1 
ATOM   1305 C CB  . ALA A 1 174 ? -14.68414 5.42469   15.01000  1.000 44.84733 ?  174 ALA A CB  1 
ATOM   1306 N N   . LEU A 1 175 ? -15.23364 5.47538   11.36816  1.000 44.38760 ?  175 LEU A N   1 
ATOM   1307 C CA  . LEU A 1 175 ? -14.49168 5.70072   10.13250  1.000 43.48772 ?  175 LEU A CA  1 
ATOM   1308 C C   . LEU A 1 175 ? -15.42282 6.12535   8.99838   1.000 41.17861 ?  175 LEU A C   1 
ATOM   1309 O O   . LEU A 1 175 ? -16.60681 5.78219   8.99198   1.000 49.79603 ?  175 LEU A O   1 
ATOM   1310 C CB  . LEU A 1 175 ? -13.71559 4.43876   9.73877   1.000 38.75423 ?  175 LEU A CB  1 
ATOM   1311 C CG  . LEU A 1 175 ? -12.50652 4.06321   10.60531  1.000 37.10598 ?  175 LEU A CG  1 
ATOM   1312 C CD1 . LEU A 1 175 ? -11.84649 2.78352   10.10661  1.000 30.97116 ?  175 LEU A CD1 1 
ATOM   1313 C CD2 . LEU A 1 175 ? -11.49206 5.20223   10.66444  1.000 29.95444 ?  175 LEU A CD2 1 
HETATM 1314 C C22 . H9U B 2 .   ? 8.44517   -3.46071  -1.00346  1.000 24.07658 ?  201 H9U A C22 1 
HETATM 1315 C C24 . H9U B 2 .   ? 8.78804   -5.88464  -0.91305  1.000 27.60825 ?  201 H9U A C24 1 
HETATM 1316 C C26 . H9U B 2 .   ? 8.52122   -3.42599  0.53662   1.000 25.46689 ?  201 H9U A C26 1 
HETATM 1317 C C28 . H9U B 2 .   ? 8.98560   -5.81249  0.60891   1.000 27.32963 ?  201 H9U A C28 1 
HETATM 1318 C C23 . H9U B 2 .   ? 9.16910   -4.61894  -1.57609  1.000 28.19002 ?  201 H9U A C23 1 
HETATM 1319 C C25 . H9U B 2 .   ? 8.17562   -1.57151  -2.40090  1.000 25.00108 ?  201 H9U A C25 1 
HETATM 1320 C C27 . H9U B 2 .   ? 8.26685   -0.04003  -2.19537  1.000 21.55405 ?  201 H9U A C27 1 
HETATM 1321 C C29 . H9U B 2 .   ? 7.49644   0.68089   -3.23447  1.000 23.07111 ?  201 H9U A C29 1 
HETATM 1322 C C30 . H9U B 2 .   ? 7.86316   0.26034   -4.60052  1.000 24.45662 ?  201 H9U A C30 1 
HETATM 1323 C C31 . H9U B 2 .   ? 7.66608   -1.25456  -4.74539  1.000 26.31844 ?  201 H9U A C31 1 
HETATM 1324 C C32 . H9U B 2 .   ? 9.67632   -5.29111  -3.91609  1.000 29.84423 ?  201 H9U A C32 1 
HETATM 1325 C C33 . H9U B 2 .   ? 7.53316   -2.44097  1.08067   1.000 25.61452 ?  201 H9U A C33 1 
HETATM 1326 C C34 . H9U B 2 .   ? 7.97302   -1.70593  -6.14117  1.000 26.74207 ?  201 H9U A C34 1 
HETATM 1327 C C35 . H9U B 2 .   ? 8.88774   -8.23485  -1.85875  1.000 33.65635 ?  201 H9U A C35 1 
HETATM 1328 C C36 . H9U B 2 .   ? 8.77975   -5.99580  -4.92724  1.000 30.57168 ?  201 H9U A C36 1 
HETATM 1329 C C37 . H9U B 2 .   ? 8.35322   1.07390   0.17605   1.000 23.20799 ?  201 H9U A C37 1 
HETATM 1330 C C38 . H9U B 2 .   ? 10.57409  -4.27851  -4.60869  1.000 29.52411 ?  201 H9U A C38 1 
HETATM 1331 C C39 . H9U B 2 .   ? 6.44264   -6.50771  -5.74321  1.000 29.49349 ?  201 H9U A C39 1 
HETATM 1332 C C40 . H9U B 2 .   ? 9.67905   -9.43995  -2.35783  1.000 28.95389 ?  201 H9U A C40 1 
HETATM 1333 C C41 . H9U B 2 .   ? 7.59200   1.34100   1.47352   1.000 19.26513 ?  201 H9U A C41 1 
HETATM 1334 C C42 . H9U B 2 .   ? 6.30680   -5.56476  -6.93303  1.000 31.69943 ?  201 H9U A C42 1 
HETATM 1335 C C43 . H9U B 2 .   ? 7.21796   -4.76660  -9.17285  1.000 34.89961 ?  201 H9U A C43 1 
HETATM 1336 C C44 . H9U B 2 .   ? 5.07849   -6.71817  -5.11483  1.000 24.94784 ?  201 H9U A C44 1 
HETATM 1337 C C45 . H9U B 2 .   ? 8.18024   -3.60622  -8.96743  1.000 40.71154 ?  201 H9U A C45 1 
HETATM 1338 C C46 . H9U B 2 .   ? 7.64660   -5.51792  -10.42462 1.000 36.17539 ?  201 H9U A C46 1 
HETATM 1339 C C47 . H9U B 2 .   ? 6.98826   -4.93474  -11.67401 1.000 40.96504 ?  201 H9U A C47 1 
HETATM 1340 C C48 . H9U B 2 .   ? 7.37487   -5.71542  -12.92640 1.000 46.13018 ?  201 H9U A C48 1 
HETATM 1341 N N18 . H9U B 2 .   ? 9.57998   -7.05448  -1.40185  1.000 28.42648 ?  201 H9U A N18 1 
HETATM 1342 N N19 . H9U B 2 .   ? 7.67541   0.31065   -0.86398  1.000 20.82560 ?  201 H9U A N19 1 
HETATM 1343 N N20 . H9U B 2 .   ? 7.32572   -5.85094  -4.79376  1.000 29.43114 ?  201 H9U A N20 1 
HETATM 1344 N N21 . H9U B 2 .   ? 7.29099   -5.65197  -8.01807  1.000 33.11484 ?  201 H9U A N21 1 
HETATM 1345 O O01 . H9U B 2 .   ? 9.01944   -2.24128  -1.53012  1.000 27.42040 ?  201 H9U A O01 1 
HETATM 1346 O O02 . H9U B 2 .   ? 8.21387   -4.70990  1.17709   1.000 27.01620 ?  201 H9U A O02 1 
HETATM 1347 O O03 . H9U B 2 .   ? 8.51924   -1.95226  -3.78062  1.000 25.99602 ?  201 H9U A O03 1 
HETATM 1348 O O04 . H9U B 2 .   ? 8.79614   -4.65615  -3.01227  1.000 29.57830 ?  201 H9U A O04 1 
HETATM 1349 O O05 . H9U B 2 .   ? 10.31067  -5.60468  0.88595   1.000 35.43502 ?  201 H9U A O05 1 
HETATM 1350 O O06 . H9U B 2 .   ? 7.68452   2.14158   -3.09776  1.000 21.28146 ?  201 H9U A O06 1 
HETATM 1351 O O07 . H9U B 2 .   ? 7.03104   0.93737   -5.56068  1.000 20.71893 ?  201 H9U A O07 1 
HETATM 1352 O O08 . H9U B 2 .   ? 7.57393   -2.55753  2.47809   1.000 25.30060 ?  201 H9U A O08 1 
HETATM 1353 O O09 . H9U B 2 .   ? 9.30869   -1.41222  -6.44076  1.000 31.14826 ?  201 H9U A O09 1 
HETATM 1354 O O10 . H9U B 2 .   ? 7.70153   -8.27248  -1.84804  1.000 31.54435 ?  201 H9U A O10 1 
HETATM 1355 O O11 . H9U B 2 .   ? 9.24300   -6.65345  -5.79635  1.000 31.51797 ?  201 H9U A O11 1 
HETATM 1356 O O12 . H9U B 2 .   ? 9.46006   1.49068   0.03963   1.000 19.17404 ?  201 H9U A O12 1 
HETATM 1357 O O13 . H9U B 2 .   ? 5.42174   -4.77113  -6.95295  1.000 31.67253 ?  201 H9U A O13 1 
HETATM 1358 O O14 . H9U B 2 .   ? 7.88171   -2.46154  -9.40459  1.000 45.80952 ?  201 H9U A O14 1 
HETATM 1359 O O15 . H9U B 2 .   ? 9.27022   -3.79467  -8.36220  1.000 33.19168 -1 201 H9U A O15 1 
HETATM 1360 O O16 . H9U B 2 .   ? 8.13384   -6.71824  -12.82631 1.000 44.38577 ?  201 H9U A O16 1 
HETATM 1361 O O17 . H9U B 2 .   ? 6.93604   -5.35373  -14.05159 1.000 50.65906 -1 201 H9U A O17 1 
HETATM 1362 O O   . HOH C 3 .   ? 9.53927   8.48927   -1.01227  1.000 22.53299 ?  301 HOH A O   1 
HETATM 1363 O O   . HOH C 3 .   ? 0.27757   14.87104  5.09123   1.000 25.58624 ?  302 HOH A O   1 
HETATM 1364 O O   . HOH C 3 .   ? 8.34805   -1.71774  11.71091  1.000 31.44772 ?  303 HOH A O   1 
HETATM 1365 O O   . HOH C 3 .   ? 11.19840  -16.18134 -8.07529  1.000 17.63533 ?  304 HOH A O   1 
HETATM 1366 O O   . HOH C 3 .   ? -8.38057  6.65603   14.01505  1.000 22.58184 ?  305 HOH A O   1 
HETATM 1367 O O   . HOH C 3 .   ? -16.56528 8.26207   -12.61194 1.000 22.50911 ?  306 HOH A O   1 
HETATM 1368 O O   . HOH C 3 .   ? -5.84355  10.29854  -17.15954 1.000 16.73197 ?  307 HOH A O   1 
HETATM 1369 O O   . HOH C 3 .   ? 12.25812  -7.65741  -1.45445  1.000 30.89989 ?  308 HOH A O   1 
HETATM 1370 O O   . HOH C 3 .   ? -6.77898  10.72893  -12.61907 1.000 24.77932 ?  309 HOH A O   1 
HETATM 1371 O O   . HOH C 3 .   ? 12.07667  -3.60389  6.80515   1.000 19.69988 ?  310 HOH A O   1 
HETATM 1372 O O   . HOH C 3 .   ? 16.83185  2.78034   12.28386  1.000 26.63743 ?  311 HOH A O   1 
HETATM 1373 O O   . HOH C 3 .   ? 18.99583  16.48667  -1.06382  1.000 18.16177 ?  312 HOH A O   1 
HETATM 1374 O O   . HOH C 3 .   ? 1.16800   -6.13575  -3.92255  1.000 18.90644 ?  313 HOH A O   1 
HETATM 1375 O O   . HOH C 3 .   ? 0.59707   7.77825   -12.66228 1.000 19.68021 ?  314 HOH A O   1 
HETATM 1376 O O   . HOH C 3 .   ? -5.27094  -7.76548  -11.92999 1.000 21.67845 ?  315 HOH A O   1 
HETATM 1377 O O   . HOH C 3 .   ? -11.24250 -8.26748  -9.15807  1.000 19.80834 ?  316 HOH A O   1 
HETATM 1378 O O   . HOH C 3 .   ? 6.80093   3.95424   -4.80256  1.000 21.27460 ?  317 HOH A O   1 
HETATM 1379 O O   . HOH C 3 .   ? 22.00132  -8.09901  -3.90008  1.000 22.86376 ?  318 HOH A O   1 
HETATM 1380 O O   . HOH C 3 .   ? 18.74759  7.82296   7.68465   1.000 18.51074 ?  319 HOH A O   1 
HETATM 1381 O O   . HOH C 3 .   ? -5.66100  8.90981   11.19216  1.000 16.61601 ?  320 HOH A O   1 
HETATM 1382 O O   . HOH C 3 .   ? 23.82068  3.03258   9.63764   1.000 21.00744 ?  321 HOH A O   1 
HETATM 1383 O O   . HOH C 3 .   ? -1.17129  -17.51986 5.92327   1.000 23.14478 ?  322 HOH A O   1 
HETATM 1384 O O   . HOH C 3 .   ? -16.61416 2.12530   3.95811   1.000 20.56741 ?  323 HOH A O   1 
HETATM 1385 O O   . HOH C 3 .   ? -5.30585  10.98960  7.71521   1.000 21.78164 ?  324 HOH A O   1 
HETATM 1386 O O   . HOH C 3 .   ? -13.12719 -8.59580  8.32335   1.000 25.83351 ?  325 HOH A O   1 
HETATM 1387 O O   . HOH C 3 .   ? -4.87439  -14.19281 -0.53936  1.000 24.88310 ?  326 HOH A O   1 
HETATM 1388 O O   . HOH C 3 .   ? 3.73435   -1.86260  -11.88139 1.000 32.49203 ?  327 HOH A O   1 
HETATM 1389 O O   . HOH C 3 .   ? 14.36343  6.97829   -5.94004  1.000 16.61323 ?  328 HOH A O   1 
HETATM 1390 O O   . HOH C 3 .   ? 6.37788   -17.03600 -0.28167  1.000 21.96714 ?  329 HOH A O   1 
HETATM 1391 O O   . HOH C 3 .   ? -3.57853  10.02065  -6.27716  1.000 22.93966 ?  330 HOH A O   1 
HETATM 1392 O O   . HOH C 3 .   ? 5.75645   11.70843  11.68235  1.000 27.28879 ?  331 HOH A O   1 
HETATM 1393 O O   . HOH C 3 .   ? -21.34422 -2.34885  -5.57686  1.000 28.67188 ?  332 HOH A O   1 
HETATM 1394 O O   . HOH C 3 .   ? 3.72931   1.79199   -8.66526  1.000 21.59347 ?  333 HOH A O   1 
HETATM 1395 O O   . HOH C 3 .   ? 3.30471   2.38345   15.72561  1.000 23.19657 ?  334 HOH A O   1 
HETATM 1396 O O   . HOH C 3 .   ? -9.65676  10.30509  -12.04227 1.000 17.40439 ?  335 HOH A O   1 
HETATM 1397 O O   . HOH C 3 .   ? 5.71018   6.59648   -3.42809  1.000 22.46214 ?  336 HOH A O   1 
HETATM 1398 O O   . HOH C 3 .   ? 9.46117   -17.45972 -11.96619 1.000 18.80478 ?  337 HOH A O   1 
HETATM 1399 O O   . HOH C 3 .   ? -9.23982  -12.54657 4.13406   1.000 22.91286 ?  338 HOH A O   1 
HETATM 1400 O O   . HOH C 3 .   ? 5.88270   5.16380   17.77273  1.000 28.92263 ?  339 HOH A O   1 
HETATM 1401 O O   . HOH C 3 .   ? 20.31838  16.54767  -3.41839  1.000 21.08947 ?  340 HOH A O   1 
HETATM 1402 O O   . HOH C 3 .   ? 10.38979  12.48957  -4.31861  1.000 20.72431 ?  341 HOH A O   1 
HETATM 1403 O O   . HOH C 3 .   ? 26.16879  1.88278   3.52340   1.000 27.05751 ?  342 HOH A O   1 
HETATM 1404 O O   . HOH C 3 .   ? -17.25860 2.69331   -1.98771  1.000 23.15370 ?  343 HOH A O   1 
HETATM 1405 O O   . HOH C 3 .   ? 25.75476  -0.98490  11.70032  1.000 32.67144 ?  344 HOH A O   1 
HETATM 1406 O O   . HOH C 3 .   ? -10.83329 12.90315  -13.02673 1.000 21.88958 ?  345 HOH A O   1 
HETATM 1407 O O   . HOH C 3 .   ? -3.17100  -14.29572 6.33100   1.000 24.11931 ?  346 HOH A O   1 
HETATM 1408 O O   . HOH C 3 .   ? 2.94878   -12.69247 4.65474   1.000 29.80235 ?  347 HOH A O   1 
HETATM 1409 O O   . HOH C 3 .   ? -4.97037  -4.77050  -1.40659  1.000 18.12472 ?  348 HOH A O   1 
HETATM 1410 O O   . HOH C 3 .   ? 6.59156   -13.34099 0.43299   1.000 19.60621 ?  349 HOH A O   1 
HETATM 1411 O O   . HOH C 3 .   ? -5.26737  -17.39796 -5.25437  1.000 17.99574 ?  350 HOH A O   1 
HETATM 1412 O O   . HOH C 3 .   ? -5.09724  11.54471  1.90736   1.000 21.85347 ?  351 HOH A O   1 
HETATM 1413 O O   . HOH C 3 .   ? -7.11542  -12.79111 -0.22767  1.000 21.15844 ?  352 HOH A O   1 
HETATM 1414 O O   . HOH C 3 .   ? 13.09521  6.39447   15.57785  1.000 31.93968 ?  353 HOH A O   1 
HETATM 1415 O O   . HOH C 3 .   ? 7.98707   -9.51748  -13.88384 1.000 31.32787 ?  354 HOH A O   1 
HETATM 1416 O O   . HOH C 3 .   ? 15.73295  0.08727   -3.48925  1.000 24.36744 ?  355 HOH A O   1 
HETATM 1417 O O   . HOH C 3 .   ? -0.67917  -18.31869 1.61603   1.000 21.82045 ?  356 HOH A O   1 
HETATM 1418 O O   . HOH C 3 .   ? 16.38360  9.12654   9.17366   1.000 22.57816 ?  357 HOH A O   1 
HETATM 1419 O O   . HOH C 3 .   ? 19.67116  -13.07206 1.72020   1.000 24.78210 ?  358 HOH A O   1 
HETATM 1420 O O   . HOH C 3 .   ? 3.75241   -0.31503  15.95118  1.000 28.81633 ?  359 HOH A O   1 
HETATM 1421 O O   . HOH C 3 .   ? -11.17937 -11.36905 4.61670   1.000 25.58899 ?  360 HOH A O   1 
HETATM 1422 O O   . HOH C 3 .   ? 23.27131  -16.85857 3.18694   1.000 31.41803 ?  361 HOH A O   1 
HETATM 1423 O O   . HOH C 3 .   ? -9.45121  15.67978  -8.25477  1.000 20.19802 ?  362 HOH A O   1 
HETATM 1424 O O   . HOH C 3 .   ? 22.83403  13.67886  3.92997   1.000 25.80363 ?  363 HOH A O   1 
HETATM 1425 O O   . HOH C 3 .   ? -3.05526  -17.16391 2.39143   1.000 25.39132 ?  364 HOH A O   1 
HETATM 1426 O O   . HOH C 3 .   ? 4.70681   4.50795   -8.05737  1.000 25.73554 ?  365 HOH A O   1 
HETATM 1427 O O   . HOH C 3 .   ? 23.51238  7.13872   7.89881   1.000 24.44514 ?  366 HOH A O   1 
HETATM 1428 O O   . HOH C 3 .   ? 20.42009  15.90465  1.13608   1.000 24.90889 ?  367 HOH A O   1 
HETATM 1429 O O   . HOH C 3 .   ? -5.70017  -17.07595 1.07689   1.000 25.02048 ?  368 HOH A O   1 
HETATM 1430 O O   . HOH C 3 .   ? 24.39020  13.86681  -3.92647  1.000 33.18795 ?  369 HOH A O   1 
HETATM 1431 O O   . HOH C 3 .   ? 21.39412  8.76665   8.56868   1.000 20.54666 ?  370 HOH A O   1 
# 
